data_3W8M
# 
_entry.id   3W8M 
# 
_audit_conform.dict_name       mmcif_pdbx.dic 
_audit_conform.dict_version    5.381 
_audit_conform.dict_location   http://mmcif.pdb.org/dictionaries/ascii/mmcif_pdbx.dic 
# 
loop_
_database_2.database_id 
_database_2.database_code 
_database_2.pdbx_database_accession 
_database_2.pdbx_DOI 
PDB   3W8M         pdb_00003w8m 10.2210/pdb3w8m/pdb 
RCSB  RCSB096023   ?            ?                   
WWPDB D_1000096023 ?            ?                   
# 
loop_
_pdbx_database_related.db_name 
_pdbx_database_related.db_id 
_pdbx_database_related.details 
_pdbx_database_related.content_type 
PDB 3W8O . unspecified 
PDB 3WAH . unspecified 
# 
_pdbx_database_status.entry_id                        3W8M 
_pdbx_database_status.status_code                     REL 
_pdbx_database_status.methods_development_category    ? 
_pdbx_database_status.deposit_site                    PDBJ 
_pdbx_database_status.process_site                    PDBJ 
_pdbx_database_status.recvd_initial_deposition_date   2013-03-19 
_pdbx_database_status.status_code_sf                  REL 
_pdbx_database_status.status_code_mr                  ? 
_pdbx_database_status.SG_entry                        ? 
_pdbx_database_status.status_code_cs                  ? 
_pdbx_database_status.pdb_format_compatible           Y 
_pdbx_database_status.status_code_nmr_data            ? 
# 
loop_
_audit_author.name 
_audit_author.pdbx_ordinal 
'Shirataki, C.' 1 
'Shoji, O.'     2 
'Sugimoto, H.'  3 
'Shiro, Y.'     4 
'Watanabe, Y.'  5 
# 
_citation.id                        primary 
_citation.title                     
'Inhibition of Heme Uptake in Pseudomonas aeruginosa by its Hemophore (HasAp ) Bound to Synthetic Metal Complexes' 
_citation.journal_abbrev            Angew.Chem.Int.Ed.Engl. 
_citation.journal_volume            53 
_citation.page_first                2862 
_citation.page_last                 2866 
_citation.year                      2014 
_citation.journal_id_ASTM           ? 
_citation.country                   GE 
_citation.journal_id_ISSN           1433-7851 
_citation.journal_id_CSD            9999 
_citation.book_publisher            ? 
_citation.pdbx_database_id_PubMed   24604808 
_citation.pdbx_database_id_DOI      10.1002/anie.201307889 
# 
loop_
_citation_author.citation_id 
_citation_author.name 
_citation_author.ordinal 
_citation_author.identifier_ORCID 
primary 'Shirataki, C.' 1 ? 
primary 'Shoji, O.'     2 ? 
primary 'Terada, M.'    3 ? 
primary 'Ozaki, S.'     4 ? 
primary 'Sugimoto, H.'  5 ? 
primary 'Shiro, Y.'     6 ? 
primary 'Watanabe, Y.'  7 ? 
# 
_cell.length_a           98.212 
_cell.length_b           98.212 
_cell.length_c           32.662 
_cell.angle_alpha        90.000 
_cell.angle_beta         90.000 
_cell.angle_gamma        120.000 
_cell.entry_id           3W8M 
_cell.pdbx_unique_axis   ? 
_cell.Z_PDB              6 
_cell.length_a_esd       ? 
_cell.length_b_esd       ? 
_cell.length_c_esd       ? 
_cell.angle_alpha_esd    ? 
_cell.angle_beta_esd     ? 
_cell.angle_gamma_esd    ? 
# 
_symmetry.space_group_name_H-M             'P 63' 
_symmetry.entry_id                         3W8M 
_symmetry.Int_Tables_number                173 
_symmetry.pdbx_full_space_group_name_H-M   ? 
_symmetry.cell_setting                     ? 
_symmetry.space_group_name_Hall            ? 
# 
loop_
_entity.id 
_entity.type 
_entity.src_method 
_entity.pdbx_description 
_entity.formula_weight 
_entity.pdbx_number_of_molecules 
_entity.pdbx_ec 
_entity.pdbx_mutation 
_entity.pdbx_fragment 
_entity.details 
1 polymer     man 'Heme acquisition protein HasAp'                                                 19045.664 1   ? ? 
'UNP residues 1-184' ? 
2 non-polymer syn "2,2'-[1,2-PHENYLENEBIS(NITRILOMETHYLIDYNE)]BIS[PHENOLATO]](2-)-N,N',O,O']-IRON" 370.182   1   ? ? ? ? 
3 water       nat water                                                                            18.015    166 ? ? ? ? 
# 
_entity_poly.entity_id                      1 
_entity_poly.type                           'polypeptide(L)' 
_entity_poly.nstd_linkage                   no 
_entity_poly.nstd_monomer                   no 
_entity_poly.pdbx_seq_one_letter_code       
;GSMSISISYSTTYSGWTVADYLADWSAYFGDVNHRPGQVVDGSNTGGFNPGPFDGSQYALKSTASDAAFIAGGDLHYTLF
SNPSHTLWGKLDSIALGDTLTGGASSGGYALDSQEVSFSNLGLDSPIAQGRDGTVHKVVYGLMSGDSSALQGQIDALLKA
VDPSLSINSTFDQLAAAGVAHATPAA
;
_entity_poly.pdbx_seq_one_letter_code_can   
;GSMSISISYSTTYSGWTVADYLADWSAYFGDVNHRPGQVVDGSNTGGFNPGPFDGSQYALKSTASDAAFIAGGDLHYTLF
SNPSHTLWGKLDSIALGDTLTGGASSGGYALDSQEVSFSNLGLDSPIAQGRDGTVHKVVYGLMSGDSSALQGQIDALLKA
VDPSLSINSTFDQLAAAGVAHATPAA
;
_entity_poly.pdbx_strand_id                 A 
_entity_poly.pdbx_target_identifier         ? 
# 
loop_
_entity_poly_seq.entity_id 
_entity_poly_seq.num 
_entity_poly_seq.mon_id 
_entity_poly_seq.hetero 
1 1   GLY n 
1 2   SER n 
1 3   MET n 
1 4   SER n 
1 5   ILE n 
1 6   SER n 
1 7   ILE n 
1 8   SER n 
1 9   TYR n 
1 10  SER n 
1 11  THR n 
1 12  THR n 
1 13  TYR n 
1 14  SER n 
1 15  GLY n 
1 16  TRP n 
1 17  THR n 
1 18  VAL n 
1 19  ALA n 
1 20  ASP n 
1 21  TYR n 
1 22  LEU n 
1 23  ALA n 
1 24  ASP n 
1 25  TRP n 
1 26  SER n 
1 27  ALA n 
1 28  TYR n 
1 29  PHE n 
1 30  GLY n 
1 31  ASP n 
1 32  VAL n 
1 33  ASN n 
1 34  HIS n 
1 35  ARG n 
1 36  PRO n 
1 37  GLY n 
1 38  GLN n 
1 39  VAL n 
1 40  VAL n 
1 41  ASP n 
1 42  GLY n 
1 43  SER n 
1 44  ASN n 
1 45  THR n 
1 46  GLY n 
1 47  GLY n 
1 48  PHE n 
1 49  ASN n 
1 50  PRO n 
1 51  GLY n 
1 52  PRO n 
1 53  PHE n 
1 54  ASP n 
1 55  GLY n 
1 56  SER n 
1 57  GLN n 
1 58  TYR n 
1 59  ALA n 
1 60  LEU n 
1 61  LYS n 
1 62  SER n 
1 63  THR n 
1 64  ALA n 
1 65  SER n 
1 66  ASP n 
1 67  ALA n 
1 68  ALA n 
1 69  PHE n 
1 70  ILE n 
1 71  ALA n 
1 72  GLY n 
1 73  GLY n 
1 74  ASP n 
1 75  LEU n 
1 76  HIS n 
1 77  TYR n 
1 78  THR n 
1 79  LEU n 
1 80  PHE n 
1 81  SER n 
1 82  ASN n 
1 83  PRO n 
1 84  SER n 
1 85  HIS n 
1 86  THR n 
1 87  LEU n 
1 88  TRP n 
1 89  GLY n 
1 90  LYS n 
1 91  LEU n 
1 92  ASP n 
1 93  SER n 
1 94  ILE n 
1 95  ALA n 
1 96  LEU n 
1 97  GLY n 
1 98  ASP n 
1 99  THR n 
1 100 LEU n 
1 101 THR n 
1 102 GLY n 
1 103 GLY n 
1 104 ALA n 
1 105 SER n 
1 106 SER n 
1 107 GLY n 
1 108 GLY n 
1 109 TYR n 
1 110 ALA n 
1 111 LEU n 
1 112 ASP n 
1 113 SER n 
1 114 GLN n 
1 115 GLU n 
1 116 VAL n 
1 117 SER n 
1 118 PHE n 
1 119 SER n 
1 120 ASN n 
1 121 LEU n 
1 122 GLY n 
1 123 LEU n 
1 124 ASP n 
1 125 SER n 
1 126 PRO n 
1 127 ILE n 
1 128 ALA n 
1 129 GLN n 
1 130 GLY n 
1 131 ARG n 
1 132 ASP n 
1 133 GLY n 
1 134 THR n 
1 135 VAL n 
1 136 HIS n 
1 137 LYS n 
1 138 VAL n 
1 139 VAL n 
1 140 TYR n 
1 141 GLY n 
1 142 LEU n 
1 143 MET n 
1 144 SER n 
1 145 GLY n 
1 146 ASP n 
1 147 SER n 
1 148 SER n 
1 149 ALA n 
1 150 LEU n 
1 151 GLN n 
1 152 GLY n 
1 153 GLN n 
1 154 ILE n 
1 155 ASP n 
1 156 ALA n 
1 157 LEU n 
1 158 LEU n 
1 159 LYS n 
1 160 ALA n 
1 161 VAL n 
1 162 ASP n 
1 163 PRO n 
1 164 SER n 
1 165 LEU n 
1 166 SER n 
1 167 ILE n 
1 168 ASN n 
1 169 SER n 
1 170 THR n 
1 171 PHE n 
1 172 ASP n 
1 173 GLN n 
1 174 LEU n 
1 175 ALA n 
1 176 ALA n 
1 177 ALA n 
1 178 GLY n 
1 179 VAL n 
1 180 ALA n 
1 181 HIS n 
1 182 ALA n 
1 183 THR n 
1 184 PRO n 
1 185 ALA n 
1 186 ALA n 
# 
_entity_src_gen.entity_id                          1 
_entity_src_gen.pdbx_src_id                        1 
_entity_src_gen.pdbx_alt_source_flag               sample 
_entity_src_gen.pdbx_seq_type                      ? 
_entity_src_gen.pdbx_beg_seq_num                   ? 
_entity_src_gen.pdbx_end_seq_num                   ? 
_entity_src_gen.gene_src_common_name               ? 
_entity_src_gen.gene_src_genus                     ? 
_entity_src_gen.pdbx_gene_src_gene                 'hasAp, PA3407' 
_entity_src_gen.gene_src_species                   ? 
_entity_src_gen.gene_src_strain                    PAO1 
_entity_src_gen.gene_src_tissue                    ? 
_entity_src_gen.gene_src_tissue_fraction           ? 
_entity_src_gen.gene_src_details                   ? 
_entity_src_gen.pdbx_gene_src_fragment             ? 
_entity_src_gen.pdbx_gene_src_scientific_name      'Pseudomonas aeruginosa' 
_entity_src_gen.pdbx_gene_src_ncbi_taxonomy_id     208964 
_entity_src_gen.pdbx_gene_src_variant              ? 
_entity_src_gen.pdbx_gene_src_cell_line            ? 
_entity_src_gen.pdbx_gene_src_atcc                 ? 
_entity_src_gen.pdbx_gene_src_organ                ? 
_entity_src_gen.pdbx_gene_src_organelle            ? 
_entity_src_gen.pdbx_gene_src_cell                 ? 
_entity_src_gen.pdbx_gene_src_cellular_location    ? 
_entity_src_gen.host_org_common_name               ? 
_entity_src_gen.pdbx_host_org_scientific_name      'Escherichia coli' 
_entity_src_gen.pdbx_host_org_ncbi_taxonomy_id     562 
_entity_src_gen.host_org_genus                     ? 
_entity_src_gen.pdbx_host_org_gene                 ? 
_entity_src_gen.pdbx_host_org_organ                ? 
_entity_src_gen.host_org_species                   ? 
_entity_src_gen.pdbx_host_org_tissue               ? 
_entity_src_gen.pdbx_host_org_tissue_fraction      ? 
_entity_src_gen.pdbx_host_org_strain               'M15[pREP4]' 
_entity_src_gen.pdbx_host_org_variant              ? 
_entity_src_gen.pdbx_host_org_cell_line            ? 
_entity_src_gen.pdbx_host_org_atcc                 ? 
_entity_src_gen.pdbx_host_org_culture_collection   ? 
_entity_src_gen.pdbx_host_org_cell                 ? 
_entity_src_gen.pdbx_host_org_organelle            ? 
_entity_src_gen.pdbx_host_org_cellular_location    ? 
_entity_src_gen.pdbx_host_org_vector_type          plasmid 
_entity_src_gen.pdbx_host_org_vector               ? 
_entity_src_gen.host_org_details                   ? 
_entity_src_gen.expression_system_id               ? 
_entity_src_gen.plasmid_name                       pQE30 
_entity_src_gen.plasmid_details                    ? 
_entity_src_gen.pdbx_description                   ? 
# 
_struct_ref.id                         1 
_struct_ref.db_name                    UNP 
_struct_ref.db_code                    G3XD33_PSEAE 
_struct_ref.pdbx_db_accession          G3XD33 
_struct_ref.entity_id                  1 
_struct_ref.pdbx_seq_one_letter_code   
;MSISISYSTTYSGWTVADYLADWSAYFGDVNHRPGQVVDGSNTGGFNPGPFDGSQYALKSTASDAAFIAGGDLHYTLFSN
PSHTLWGKLDSIALGDTLTGGASSGGYALDSQEVSFSNLGLDSPIAQGRDGTVHKVVYGLMSGDSSALQGQIDALLKAVD
PSLSINSTFDQLAAAGVAHATPAA
;
_struct_ref.pdbx_align_begin           1 
_struct_ref.pdbx_db_isoform            ? 
# 
_struct_ref_seq.align_id                      1 
_struct_ref_seq.ref_id                        1 
_struct_ref_seq.pdbx_PDB_id_code              3W8M 
_struct_ref_seq.pdbx_strand_id                A 
_struct_ref_seq.seq_align_beg                 3 
_struct_ref_seq.pdbx_seq_align_beg_ins_code   ? 
_struct_ref_seq.seq_align_end                 186 
_struct_ref_seq.pdbx_seq_align_end_ins_code   ? 
_struct_ref_seq.pdbx_db_accession             G3XD33 
_struct_ref_seq.db_align_beg                  1 
_struct_ref_seq.pdbx_db_align_beg_ins_code    ? 
_struct_ref_seq.db_align_end                  184 
_struct_ref_seq.pdbx_db_align_end_ins_code    ? 
_struct_ref_seq.pdbx_auth_seq_align_beg       1 
_struct_ref_seq.pdbx_auth_seq_align_end       184 
# 
loop_
_struct_ref_seq_dif.align_id 
_struct_ref_seq_dif.pdbx_pdb_id_code 
_struct_ref_seq_dif.mon_id 
_struct_ref_seq_dif.pdbx_pdb_strand_id 
_struct_ref_seq_dif.seq_num 
_struct_ref_seq_dif.pdbx_pdb_ins_code 
_struct_ref_seq_dif.pdbx_seq_db_name 
_struct_ref_seq_dif.pdbx_seq_db_accession_code 
_struct_ref_seq_dif.db_mon_id 
_struct_ref_seq_dif.pdbx_seq_db_seq_num 
_struct_ref_seq_dif.details 
_struct_ref_seq_dif.pdbx_auth_seq_num 
_struct_ref_seq_dif.pdbx_ordinal 
1 3W8M GLY A 1 ? UNP G3XD33 ? ? 'expression tag' -1 1 
1 3W8M SER A 2 ? UNP G3XD33 ? ? 'expression tag' 0  2 
# 
loop_
_chem_comp.id 
_chem_comp.type 
_chem_comp.mon_nstd_flag 
_chem_comp.name 
_chem_comp.pdbx_synonyms 
_chem_comp.formula 
_chem_comp.formula_weight 
ALA 'L-peptide linking' y ALANINE                                                                          ?                       
'C3 H7 N O2'         89.093  
ARG 'L-peptide linking' y ARGININE                                                                         ?                       
'C6 H15 N4 O2 1'     175.209 
ASN 'L-peptide linking' y ASPARAGINE                                                                       ?                       
'C4 H8 N2 O3'        132.118 
ASP 'L-peptide linking' y 'ASPARTIC ACID'                                                                  ?                       
'C4 H7 N O4'         133.103 
GLN 'L-peptide linking' y GLUTAMINE                                                                        ?                       
'C5 H10 N2 O3'       146.144 
GLU 'L-peptide linking' y 'GLUTAMIC ACID'                                                                  ?                       
'C5 H9 N O4'         147.129 
GLY 'peptide linking'   y GLYCINE                                                                          ?                       
'C2 H5 N O2'         75.067  
HIS 'L-peptide linking' y HISTIDINE                                                                        ?                       
'C6 H10 N3 O2 1'     156.162 
HOH non-polymer         . WATER                                                                            ?                       
'H2 O'               18.015  
ILE 'L-peptide linking' y ISOLEUCINE                                                                       ?                       
'C6 H13 N O2'        131.173 
LEU 'L-peptide linking' y LEUCINE                                                                          ?                       
'C6 H13 N O2'        131.173 
LYS 'L-peptide linking' y LYSINE                                                                           ?                       
'C6 H15 N2 O2 1'     147.195 
MET 'L-peptide linking' y METHIONINE                                                                       ?                       
'C5 H11 N O2 S'      149.211 
PHE 'L-peptide linking' y PHENYLALANINE                                                                    ?                       
'C9 H11 N O2'        165.189 
PRO 'L-peptide linking' y PROLINE                                                                          ?                       
'C5 H9 N O2'         115.130 
SER 'L-peptide linking' y SERINE                                                                           ?                       
'C3 H7 N O3'         105.093 
THR 'L-peptide linking' y THREONINE                                                                        ?                       
'C4 H9 N O3'         119.119 
TRP 'L-peptide linking' y TRYPTOPHAN                                                                       ?                       
'C11 H12 N2 O2'      204.225 
TYR 'L-peptide linking' y TYROSINE                                                                         ?                       
'C9 H11 N O3'        181.189 
VAL 'L-peptide linking' y VALINE                                                                           ?                       
'C5 H11 N O2'        117.146 
YOM non-polymer         . "2,2'-[1,2-PHENYLENEBIS(NITRILOMETHYLIDYNE)]BIS[PHENOLATO]](2-)-N,N',O,O']-IRON" 'SALOPHEN IRON CHELATE' 
'C20 H14 Fe N2 O2 2' 370.182 
# 
_exptl.crystals_number   1 
_exptl.entry_id          3W8M 
_exptl.method            'X-RAY DIFFRACTION' 
# 
_exptl_crystal.id                    1 
_exptl_crystal.pdbx_mosaicity        1.247 
_exptl_crystal.pdbx_mosaicity_esd    ? 
_exptl_crystal.density_Matthews      2.39 
_exptl_crystal.density_diffrn        ? 
_exptl_crystal.density_meas          ? 
_exptl_crystal.density_meas_temp     ? 
_exptl_crystal.density_percent_sol   48.48 
_exptl_crystal.size_max              ? 
_exptl_crystal.size_mid              ? 
_exptl_crystal.size_min              ? 
_exptl_crystal.size_rad              ? 
_exptl_crystal.description           ? 
_exptl_crystal.F_000                 ? 
_exptl_crystal.preparation           ? 
# 
_exptl_crystal_grow.crystal_id      1 
_exptl_crystal_grow.method          'VAPOR DIFFUSION, SITTING DROP' 
_exptl_crystal_grow.pH              5.25 
_exptl_crystal_grow.temp            293 
_exptl_crystal_grow.pdbx_details    
'50mM MES, 1.7M Lithium sulfate, 12mM Magnesium sulfate, pH 5.25, VAPOR DIFFUSION, SITTING DROP, temperature 293K' 
_exptl_crystal_grow.temp_details    ? 
_exptl_crystal_grow.pdbx_pH_range   . 
# 
_diffrn.id                     1 
_diffrn.ambient_temp           100 
_diffrn.ambient_temp_details   ? 
_diffrn.crystal_id             1 
# 
_diffrn_detector.diffrn_id              1 
_diffrn_detector.detector               CCD 
_diffrn_detector.type                   'MARMOSAIC 225 mm CCD' 
_diffrn_detector.pdbx_collection_date   2011-07-06 
_diffrn_detector.details                ? 
# 
_diffrn_radiation.diffrn_id                        1 
_diffrn_radiation.pdbx_diffrn_protocol             'SINGLE WAVELENGTH' 
_diffrn_radiation.monochromator                    'Si 111 CHANNEL' 
_diffrn_radiation.wavelength_id                    1 
_diffrn_radiation.pdbx_monochromatic_or_laue_m_l   M 
_diffrn_radiation.pdbx_scattering_type             x-ray 
# 
_diffrn_radiation_wavelength.id           1 
_diffrn_radiation_wavelength.wavelength   1.000 
_diffrn_radiation_wavelength.wt           1.0 
# 
_diffrn_source.diffrn_id                   1 
_diffrn_source.source                      SYNCHROTRON 
_diffrn_source.type                        'SPRING-8 BEAMLINE BL26B2' 
_diffrn_source.pdbx_wavelength_list        1.000 
_diffrn_source.pdbx_wavelength             ? 
_diffrn_source.pdbx_synchrotron_site       SPring-8 
_diffrn_source.pdbx_synchrotron_beamline   BL26B2 
# 
_reflns.entry_id                     3W8M 
_reflns.d_resolution_high            1.460 
_reflns.d_resolution_low             50.00 
_reflns.number_obs                   30551 
_reflns.pdbx_Rmerge_I_obs            0.051 
_reflns.pdbx_netI_over_sigmaI        31.2 
_reflns.pdbx_chi_squared             1.050 
_reflns.pdbx_redundancy              6.600 
_reflns.percent_possible_obs         96.700 
_reflns.observed_criterion_sigma_F   ? 
_reflns.observed_criterion_sigma_I   -3.0 
_reflns.number_all                   ? 
_reflns.pdbx_Rsym_value              ? 
_reflns.B_iso_Wilson_estimate        17.6 
_reflns.R_free_details               ? 
_reflns.limit_h_max                  ? 
_reflns.limit_h_min                  ? 
_reflns.limit_k_max                  ? 
_reflns.limit_k_min                  ? 
_reflns.limit_l_max                  ? 
_reflns.limit_l_min                  ? 
_reflns.observed_criterion_F_max     ? 
_reflns.observed_criterion_F_min     ? 
_reflns.pdbx_scaling_rejects         ? 
_reflns.pdbx_ordinal                 1 
_reflns.pdbx_diffrn_id               1 
# 
_reflns_shell.d_res_high                  1.460 
_reflns_shell.d_res_low                   1.510 
_reflns_shell.number_measured_obs         ? 
_reflns_shell.number_measured_all         ? 
_reflns_shell.number_unique_obs           ? 
_reflns_shell.pdbx_rejects                ? 
_reflns_shell.Rmerge_I_obs                0.247 
_reflns_shell.meanI_over_sigI_obs         3.8 
_reflns_shell.pdbx_Rsym_value             ? 
_reflns_shell.pdbx_chi_squared            0.786 
_reflns_shell.pdbx_redundancy             3.100 
_reflns_shell.percent_possible_obs        ? 
_reflns_shell.pdbx_netI_over_sigmaI_obs   ? 
_reflns_shell.number_possible             ? 
_reflns_shell.number_unique_all           2569 
_reflns_shell.Rmerge_F_all                ? 
_reflns_shell.Rmerge_F_obs                ? 
_reflns_shell.Rmerge_I_all                ? 
_reflns_shell.meanI_over_sigI_all         ? 
_reflns_shell.percent_possible_all        82.000 
_reflns_shell.pdbx_Rrim_I_all             ? 
_reflns_shell.pdbx_Rpim_I_all             ? 
_reflns_shell.pdbx_ordinal                1 
_reflns_shell.pdbx_diffrn_id              1 
# 
_refine.entry_id                                 3W8M 
_refine.ls_d_res_high                            1.4600 
_refine.ls_d_res_low                             19.6300 
_refine.pdbx_ls_sigma_F                          0.000 
_refine.pdbx_data_cutoff_high_absF               ? 
_refine.pdbx_data_cutoff_low_absF                ? 
_refine.ls_percent_reflns_obs                    96.5400 
_refine.ls_number_reflns_obs                     28953 
_refine.ls_number_reflns_all                     ? 
_refine.pdbx_ls_cross_valid_method               THROUGHOUT 
_refine.pdbx_R_Free_selection_details            RANDOM 
_refine.details                                  'HYDROGENS HAVE BEEN ADDED IN THE RIDING POSITIONS U VALUES: REFINED INDIVIDUALLY' 
_refine.ls_R_factor_all                          ? 
_refine.ls_R_factor_obs                          0.1830 
_refine.ls_R_factor_R_work                       0.1818 
_refine.ls_wR_factor_R_work                      0.1953 
_refine.ls_R_factor_R_free                       0.2059 
_refine.ls_wR_factor_R_free                      0.2224 
_refine.ls_percent_reflns_R_free                 5.0000 
_refine.ls_number_reflns_R_free                  1529 
_refine.ls_R_factor_R_free_error                 ? 
_refine.B_iso_mean                               19.6082 
_refine.solvent_model_param_bsol                 ? 
_refine.solvent_model_param_ksol                 ? 
_refine.pdbx_isotropic_thermal_model             ? 
_refine.aniso_B[1][1]                            0.0000 
_refine.aniso_B[2][2]                            0.0000 
_refine.aniso_B[3][3]                            -0.0100 
_refine.aniso_B[1][2]                            0.0000 
_refine.aniso_B[1][3]                            0.0000 
_refine.aniso_B[2][3]                            0.0000 
_refine.correlation_coeff_Fo_to_Fc               0.9660 
_refine.correlation_coeff_Fo_to_Fc_free          0.9600 
_refine.overall_SU_R_Cruickshank_DPI             0.0725 
_refine.overall_SU_R_free                        0.0725 
_refine.pdbx_overall_ESU_R                       0.0720 
_refine.pdbx_overall_ESU_R_Free                  0.0730 
_refine.overall_SU_ML                            0.0500 
_refine.overall_SU_B                             1.3130 
_refine.solvent_model_details                    MASK 
_refine.pdbx_solvent_vdw_probe_radii             1.2000 
_refine.pdbx_solvent_ion_probe_radii             0.8000 
_refine.pdbx_solvent_shrinkage_radii             0.8000 
_refine.ls_number_parameters                     ? 
_refine.ls_number_restraints                     ? 
_refine.pdbx_starting_model                      3ELL 
_refine.pdbx_method_to_determine_struct          'MOLECULAR REPLACEMENT' 
_refine.pdbx_stereochemistry_target_values       'MAXIMUM LIKELIHOOD' 
_refine.pdbx_stereochem_target_val_spec_case     ? 
_refine.overall_FOM_work_R_set                   0.8562 
_refine.B_iso_max                                75.400 
_refine.B_iso_min                                10.300 
_refine.pdbx_overall_phase_error                 ? 
_refine.occupancy_max                            1.000 
_refine.occupancy_min                            0.300 
_refine.pdbx_ls_sigma_I                          ? 
_refine.ls_redundancy_reflns_obs                 ? 
_refine.ls_R_factor_R_free_error_details         ? 
_refine.pdbx_data_cutoff_high_rms_absF           ? 
_refine.overall_FOM_free_R_set                   ? 
_refine.pdbx_diffrn_id                           1 
_refine.pdbx_refine_id                           'X-RAY DIFFRACTION' 
_refine.pdbx_TLS_residual_ADP_flag               ? 
_refine.pdbx_overall_SU_R_free_Cruickshank_DPI   ? 
_refine.pdbx_overall_SU_R_Blow_DPI               ? 
_refine.pdbx_overall_SU_R_free_Blow_DPI          ? 
# 
_refine_hist.pdbx_refine_id                   'X-RAY DIFFRACTION' 
_refine_hist.cycle_id                         LAST 
_refine_hist.pdbx_number_atoms_protein        1335 
_refine_hist.pdbx_number_atoms_nucleic_acid   0 
_refine_hist.pdbx_number_atoms_ligand         25 
_refine_hist.number_atoms_solvent             166 
_refine_hist.number_atoms_total               1526 
_refine_hist.d_res_high                       1.4600 
_refine_hist.d_res_low                        19.6300 
# 
loop_
_refine_ls_restr.type 
_refine_ls_restr.number 
_refine_ls_restr.dev_ideal 
_refine_ls_restr.dev_ideal_target 
_refine_ls_restr.weight 
_refine_ls_restr.pdbx_restraint_function 
_refine_ls_restr.pdbx_refine_id 
r_bond_refined_d       1468 0.008  0.019  ? ? 'X-RAY DIFFRACTION' 
r_bond_other_d         1298 0.001  0.020  ? ? 'X-RAY DIFFRACTION' 
r_angle_refined_deg    2018 1.261  1.958  ? ? 'X-RAY DIFFRACTION' 
r_angle_other_deg      3005 0.741  3.000  ? ? 'X-RAY DIFFRACTION' 
r_dihedral_angle_1_deg 204  5.877  5.000  ? ? 'X-RAY DIFFRACTION' 
r_dihedral_angle_2_deg 59   43.673 25.085 ? ? 'X-RAY DIFFRACTION' 
r_dihedral_angle_3_deg 203  11.854 15.000 ? ? 'X-RAY DIFFRACTION' 
r_dihedral_angle_4_deg 2    11.260 15.000 ? ? 'X-RAY DIFFRACTION' 
r_chiral_restr         219  0.071  0.200  ? ? 'X-RAY DIFFRACTION' 
r_gen_planes_refined   1768 0.006  0.020  ? ? 'X-RAY DIFFRACTION' 
r_gen_planes_other     354  0.002  0.020  ? ? 'X-RAY DIFFRACTION' 
# 
_refine_ls_shell.d_res_high                       1.4610 
_refine_ls_shell.d_res_low                        1.4990 
_refine_ls_shell.pdbx_total_number_of_bins_used   20 
_refine_ls_shell.percent_reflns_obs               80.5800 
_refine_ls_shell.number_reflns_R_work             1767 
_refine_ls_shell.R_factor_all                     ? 
_refine_ls_shell.R_factor_R_work                  0.2810 
_refine_ls_shell.R_factor_R_free                  0.3070 
_refine_ls_shell.percent_reflns_R_free            ? 
_refine_ls_shell.number_reflns_R_free             92 
_refine_ls_shell.R_factor_R_free_error            ? 
_refine_ls_shell.number_reflns_all                1859 
_refine_ls_shell.number_reflns_obs                ? 
_refine_ls_shell.pdbx_refine_id                   'X-RAY DIFFRACTION' 
_refine_ls_shell.redundancy_reflns_obs            ? 
# 
_struct.entry_id                  3W8M 
_struct.title                     'Crystal Structure of HasAp with Iron Salophen' 
_struct.pdbx_model_details        ? 
_struct.pdbx_CASP_flag            ? 
_struct.pdbx_model_type_details   ? 
# 
_struct_keywords.entry_id        3W8M 
_struct_keywords.text            'HEME BINDING PROTEIN, TRANSPORT PROTEIN' 
_struct_keywords.pdbx_keywords   'TRANSPORT PROTEIN' 
# 
loop_
_struct_asym.id 
_struct_asym.pdbx_blank_PDB_chainid_flag 
_struct_asym.pdbx_modified 
_struct_asym.entity_id 
_struct_asym.details 
A N N 1 ? 
B N N 2 ? 
C N N 3 ? 
# 
_struct_biol.id        1 
_struct_biol.details   ? 
# 
loop_
_struct_conf.conf_type_id 
_struct_conf.id 
_struct_conf.pdbx_PDB_helix_id 
_struct_conf.beg_label_comp_id 
_struct_conf.beg_label_asym_id 
_struct_conf.beg_label_seq_id 
_struct_conf.pdbx_beg_PDB_ins_code 
_struct_conf.end_label_comp_id 
_struct_conf.end_label_asym_id 
_struct_conf.end_label_seq_id 
_struct_conf.pdbx_end_PDB_ins_code 
_struct_conf.beg_auth_comp_id 
_struct_conf.beg_auth_asym_id 
_struct_conf.beg_auth_seq_id 
_struct_conf.end_auth_comp_id 
_struct_conf.end_auth_asym_id 
_struct_conf.end_auth_seq_id 
_struct_conf.pdbx_PDB_helix_class 
_struct_conf.details 
_struct_conf.pdbx_PDB_helix_length 
HELX_P HELX_P1 1 THR A 12  ? SER A 14  ? THR A 10  SER A 12  5 ? 3  
HELX_P HELX_P2 2 THR A 17  ? GLY A 30  ? THR A 15  GLY A 28  1 ? 14 
HELX_P HELX_P3 3 PRO A 126 ? ASP A 132 ? PRO A 124 ASP A 130 5 ? 7  
HELX_P HELX_P4 4 GLY A 133 ? SER A 144 ? GLY A 131 SER A 142 1 ? 12 
HELX_P HELX_P5 5 SER A 147 ? ASP A 162 ? SER A 145 ASP A 160 1 ? 16 
HELX_P HELX_P6 6 THR A 170 ? ALA A 177 ? THR A 168 ALA A 175 1 ? 8  
# 
_struct_conf_type.id          HELX_P 
_struct_conf_type.criteria    ? 
_struct_conf_type.reference   ? 
# 
loop_
_struct_conn.id 
_struct_conn.conn_type_id 
_struct_conn.pdbx_leaving_atom_flag 
_struct_conn.pdbx_PDB_id 
_struct_conn.ptnr1_label_asym_id 
_struct_conn.ptnr1_label_comp_id 
_struct_conn.ptnr1_label_seq_id 
_struct_conn.ptnr1_label_atom_id 
_struct_conn.pdbx_ptnr1_label_alt_id 
_struct_conn.pdbx_ptnr1_PDB_ins_code 
_struct_conn.pdbx_ptnr1_standard_comp_id 
_struct_conn.ptnr1_symmetry 
_struct_conn.ptnr2_label_asym_id 
_struct_conn.ptnr2_label_comp_id 
_struct_conn.ptnr2_label_seq_id 
_struct_conn.ptnr2_label_atom_id 
_struct_conn.pdbx_ptnr2_label_alt_id 
_struct_conn.pdbx_ptnr2_PDB_ins_code 
_struct_conn.ptnr1_auth_asym_id 
_struct_conn.ptnr1_auth_comp_id 
_struct_conn.ptnr1_auth_seq_id 
_struct_conn.ptnr2_auth_asym_id 
_struct_conn.ptnr2_auth_comp_id 
_struct_conn.ptnr2_auth_seq_id 
_struct_conn.ptnr2_symmetry 
_struct_conn.pdbx_ptnr3_label_atom_id 
_struct_conn.pdbx_ptnr3_label_seq_id 
_struct_conn.pdbx_ptnr3_label_comp_id 
_struct_conn.pdbx_ptnr3_label_asym_id 
_struct_conn.pdbx_ptnr3_label_alt_id 
_struct_conn.pdbx_ptnr3_PDB_ins_code 
_struct_conn.details 
_struct_conn.pdbx_dist_value 
_struct_conn.pdbx_value_order 
_struct_conn.pdbx_role 
metalc1 metalc ? ? A HIS 34 NE2 ? ? ? 1_555 B YOM . FE ? ? A HIS 32 A YOM 201 1_555 ? ? ? ? ? ? ? 2.274 ? ? 
metalc2 metalc ? ? A TYR 77 OH  ? ? ? 1_555 B YOM . FE ? ? A TYR 75 A YOM 201 1_555 ? ? ? ? ? ? ? 2.114 ? ? 
# 
_struct_conn_type.id          metalc 
_struct_conn_type.criteria    ? 
_struct_conn_type.reference   ? 
# 
loop_
_struct_mon_prot_cis.pdbx_id 
_struct_mon_prot_cis.label_comp_id 
_struct_mon_prot_cis.label_seq_id 
_struct_mon_prot_cis.label_asym_id 
_struct_mon_prot_cis.label_alt_id 
_struct_mon_prot_cis.pdbx_PDB_ins_code 
_struct_mon_prot_cis.auth_comp_id 
_struct_mon_prot_cis.auth_seq_id 
_struct_mon_prot_cis.auth_asym_id 
_struct_mon_prot_cis.pdbx_label_comp_id_2 
_struct_mon_prot_cis.pdbx_label_seq_id_2 
_struct_mon_prot_cis.pdbx_label_asym_id_2 
_struct_mon_prot_cis.pdbx_PDB_ins_code_2 
_struct_mon_prot_cis.pdbx_auth_comp_id_2 
_struct_mon_prot_cis.pdbx_auth_seq_id_2 
_struct_mon_prot_cis.pdbx_auth_asym_id_2 
_struct_mon_prot_cis.pdbx_PDB_model_num 
_struct_mon_prot_cis.pdbx_omega_angle 
1 ASN 49 A . ? ASN 47 A PRO 50 A ? PRO 48 A 1 4.98  
2 GLY 51 A . ? GLY 49 A PRO 52 A ? PRO 50 A 1 5.51  
3 ASN 82 A . ? ASN 80 A PRO 83 A ? PRO 81 A 1 -9.85 
# 
loop_
_struct_sheet.id 
_struct_sheet.type 
_struct_sheet.number_strands 
_struct_sheet.details 
A ? 5 ? 
B ? 7 ? 
# 
loop_
_struct_sheet_order.sheet_id 
_struct_sheet_order.range_id_1 
_struct_sheet_order.range_id_2 
_struct_sheet_order.offset 
_struct_sheet_order.sense 
A 1 2 ? anti-parallel 
A 2 3 ? anti-parallel 
A 3 4 ? anti-parallel 
A 4 5 ? anti-parallel 
B 1 2 ? anti-parallel 
B 2 3 ? anti-parallel 
B 3 4 ? anti-parallel 
B 4 5 ? anti-parallel 
B 5 6 ? anti-parallel 
B 6 7 ? parallel      
# 
loop_
_struct_sheet_range.sheet_id 
_struct_sheet_range.id 
_struct_sheet_range.beg_label_comp_id 
_struct_sheet_range.beg_label_asym_id 
_struct_sheet_range.beg_label_seq_id 
_struct_sheet_range.pdbx_beg_PDB_ins_code 
_struct_sheet_range.end_label_comp_id 
_struct_sheet_range.end_label_asym_id 
_struct_sheet_range.end_label_seq_id 
_struct_sheet_range.pdbx_end_PDB_ins_code 
_struct_sheet_range.beg_auth_comp_id 
_struct_sheet_range.beg_auth_asym_id 
_struct_sheet_range.beg_auth_seq_id 
_struct_sheet_range.end_auth_comp_id 
_struct_sheet_range.end_auth_asym_id 
_struct_sheet_range.end_auth_seq_id 
A 1 GLY A 47  ? PRO A 50  ? GLY A 45  PRO A 48  
A 2 ASP A 54  ? LYS A 61  ? ASP A 52  LYS A 59  
A 3 ALA A 67  ? TYR A 77  ? ALA A 65  TYR A 75  
A 4 LEU A 87  ? GLY A 103 ? LEU A 85  GLY A 101 
A 5 LEU A 123 ? SER A 125 ? LEU A 121 SER A 123 
B 1 GLY A 47  ? PRO A 50  ? GLY A 45  PRO A 48  
B 2 ASP A 54  ? LYS A 61  ? ASP A 52  LYS A 59  
B 3 ALA A 67  ? TYR A 77  ? ALA A 65  TYR A 75  
B 4 LEU A 87  ? GLY A 103 ? LEU A 85  GLY A 101 
B 5 GLY A 108 ? SER A 119 ? GLY A 106 SER A 117 
B 6 SER A 6   ? SER A 10  ? SER A 4   SER A 8   
B 7 ALA A 180 ? THR A 183 ? ALA A 178 THR A 181 
# 
loop_
_pdbx_struct_sheet_hbond.sheet_id 
_pdbx_struct_sheet_hbond.range_id_1 
_pdbx_struct_sheet_hbond.range_id_2 
_pdbx_struct_sheet_hbond.range_1_label_atom_id 
_pdbx_struct_sheet_hbond.range_1_label_comp_id 
_pdbx_struct_sheet_hbond.range_1_label_asym_id 
_pdbx_struct_sheet_hbond.range_1_label_seq_id 
_pdbx_struct_sheet_hbond.range_1_PDB_ins_code 
_pdbx_struct_sheet_hbond.range_1_auth_atom_id 
_pdbx_struct_sheet_hbond.range_1_auth_comp_id 
_pdbx_struct_sheet_hbond.range_1_auth_asym_id 
_pdbx_struct_sheet_hbond.range_1_auth_seq_id 
_pdbx_struct_sheet_hbond.range_2_label_atom_id 
_pdbx_struct_sheet_hbond.range_2_label_comp_id 
_pdbx_struct_sheet_hbond.range_2_label_asym_id 
_pdbx_struct_sheet_hbond.range_2_label_seq_id 
_pdbx_struct_sheet_hbond.range_2_PDB_ins_code 
_pdbx_struct_sheet_hbond.range_2_auth_atom_id 
_pdbx_struct_sheet_hbond.range_2_auth_comp_id 
_pdbx_struct_sheet_hbond.range_2_auth_asym_id 
_pdbx_struct_sheet_hbond.range_2_auth_seq_id 
A 1 2 N GLY A 47  ? N GLY A 45  O ALA A 59  ? O ALA A 57  
A 2 3 N TYR A 58  ? N TYR A 56  O ALA A 71  ? O ALA A 69  
A 3 4 N HIS A 76  ? N HIS A 74  O TRP A 88  ? O TRP A 86  
A 4 5 N LEU A 91  ? N LEU A 89  O LEU A 123 ? O LEU A 121 
B 1 2 N GLY A 47  ? N GLY A 45  O ALA A 59  ? O ALA A 57  
B 2 3 N TYR A 58  ? N TYR A 56  O ALA A 71  ? O ALA A 69  
B 3 4 N HIS A 76  ? N HIS A 74  O TRP A 88  ? O TRP A 86  
B 4 5 N LEU A 96  ? N LEU A 94  O VAL A 116 ? O VAL A 114 
B 5 6 O SER A 119 ? O SER A 117 N SER A 6   ? N SER A 4   
B 6 7 N ILE A 7   ? N ILE A 5   O HIS A 181 ? O HIS A 179 
# 
_struct_site.id                   AC1 
_struct_site.pdbx_evidence_code   Software 
_struct_site.pdbx_auth_asym_id    A 
_struct_site.pdbx_auth_comp_id    YOM 
_struct_site.pdbx_auth_seq_id     201 
_struct_site.pdbx_auth_ins_code   ? 
_struct_site.pdbx_num_residues    9 
_struct_site.details              'BINDING SITE FOR RESIDUE YOM A 201' 
# 
loop_
_struct_site_gen.id 
_struct_site_gen.site_id 
_struct_site_gen.pdbx_num_res 
_struct_site_gen.label_comp_id 
_struct_site_gen.label_asym_id 
_struct_site_gen.label_seq_id 
_struct_site_gen.pdbx_auth_ins_code 
_struct_site_gen.auth_comp_id 
_struct_site_gen.auth_asym_id 
_struct_site_gen.auth_seq_id 
_struct_site_gen.label_atom_id 
_struct_site_gen.label_alt_id 
_struct_site_gen.symmetry 
_struct_site_gen.details 
1 AC1 9 HIS A 34  ? HIS A 32  . ? 1_555 ? 
2 AC1 9 THR A 45  ? THR A 43  . ? 1_555 ? 
3 AC1 9 TYR A 58  ? TYR A 56  . ? 1_555 ? 
4 AC1 9 TYR A 77  ? TYR A 75  . ? 1_555 ? 
5 AC1 9 HIS A 85  ? HIS A 83  . ? 1_555 ? 
6 AC1 9 ARG A 131 ? ARG A 129 . ? 1_555 ? 
7 AC1 9 HIS A 136 ? HIS A 134 . ? 1_555 ? 
8 AC1 9 MET A 143 ? MET A 141 . ? 1_555 ? 
9 AC1 9 HOH C .   ? HOH A 384 . ? 1_555 ? 
# 
_atom_sites.entry_id                    3W8M 
_atom_sites.fract_transf_matrix[1][1]   -0.00126663 
_atom_sites.fract_transf_matrix[1][2]   -0.00450974 
_atom_sites.fract_transf_matrix[1][3]   -0.01078395 
_atom_sites.fract_transf_matrix[2][1]   -0.01073883 
_atom_sites.fract_transf_matrix[2][2]   -0.00237539 
_atom_sites.fract_transf_matrix[2][3]   -0.00415477 
_atom_sites.fract_transf_matrix[3][1]   -0.00175943 
_atom_sites.fract_transf_matrix[3][2]   0.02827288 
_atom_sites.fract_transf_matrix[3][3]   -0.01161678 
_atom_sites.fract_transf_vector[1]      -0.249738 
_atom_sites.fract_transf_vector[2]      -0.433065 
_atom_sites.fract_transf_vector[3]      0.007710 
# 
loop_
_atom_type.symbol 
C  
FE 
N  
O  
S  
# 
loop_
_atom_site.group_PDB 
_atom_site.id 
_atom_site.type_symbol 
_atom_site.label_atom_id 
_atom_site.label_alt_id 
_atom_site.label_comp_id 
_atom_site.label_asym_id 
_atom_site.label_entity_id 
_atom_site.label_seq_id 
_atom_site.pdbx_PDB_ins_code 
_atom_site.Cartn_x 
_atom_site.Cartn_y 
_atom_site.Cartn_z 
_atom_site.occupancy 
_atom_site.B_iso_or_equiv 
_atom_site.pdbx_formal_charge 
_atom_site.auth_seq_id 
_atom_site.auth_comp_id 
_atom_site.auth_asym_id 
_atom_site.auth_atom_id 
_atom_site.pdbx_PDB_model_num 
ATOM   1    N  N   . MET A 1 3   ? -6.032  -16.469 -2.079  1.00 45.64 ? 1   MET A N   1 
ATOM   2    C  CA  . MET A 1 3   ? -4.907  -17.422 -2.329  1.00 44.43 ? 1   MET A CA  1 
ATOM   3    C  C   . MET A 1 3   ? -3.556  -16.687 -2.256  1.00 39.61 ? 1   MET A C   1 
ATOM   4    O  O   . MET A 1 3   ? -3.397  -15.819 -1.400  1.00 40.00 ? 1   MET A O   1 
ATOM   5    C  CB  . MET A 1 3   ? -5.129  -18.202 -3.637  1.00 48.10 ? 1   MET A CB  1 
ATOM   6    C  CG  . MET A 1 3   ? -5.605  -17.379 -4.827  1.00 51.59 ? 1   MET A CG  1 
ATOM   7    S  SD  . MET A 1 3   ? -6.322  -18.429 -6.109  1.00 58.77 ? 1   MET A SD  1 
ATOM   8    C  CE  . MET A 1 3   ? -7.775  -19.081 -5.282  1.00 56.39 ? 1   MET A CE  1 
ATOM   9    N  N   . SER A 1 4   ? -2.596  -17.015 -3.124  1.00 35.36 ? 2   SER A N   1 
ATOM   10   C  CA  A SER A 1 4   ? -1.238  -16.469 -3.018  0.70 34.18 ? 2   SER A CA  1 
ATOM   11   C  CA  B SER A 1 4   ? -1.238  -16.469 -3.014  0.30 32.97 ? 2   SER A CA  1 
ATOM   12   C  C   . SER A 1 4   ? -1.169  -15.031 -3.523  1.00 30.44 ? 2   SER A C   1 
ATOM   13   O  O   . SER A 1 4   ? -2.125  -14.527 -4.116  1.00 29.69 ? 2   SER A O   1 
ATOM   14   C  CB  A SER A 1 4   ? -0.253  -17.348 -3.799  0.70 35.14 ? 2   SER A CB  1 
ATOM   15   C  CB  B SER A 1 4   ? -0.239  -17.352 -3.774  0.30 32.82 ? 2   SER A CB  1 
ATOM   16   O  OG  A SER A 1 4   ? -0.701  -17.551 -5.128  0.70 37.09 ? 2   SER A OG  1 
ATOM   17   O  OG  B SER A 1 4   ? -0.121  -18.632 -3.172  0.30 32.24 ? 2   SER A OG  1 
ATOM   18   N  N   . ILE A 1 5   ? -0.036  -14.374 -3.281  1.00 28.95 ? 3   ILE A N   1 
ATOM   19   C  CA  . ILE A 1 5   ? 0.165   -12.999 -3.746  1.00 25.86 ? 3   ILE A CA  1 
ATOM   20   C  C   . ILE A 1 5   ? -0.219  -12.836 -5.219  1.00 23.97 ? 3   ILE A C   1 
ATOM   21   O  O   . ILE A 1 5   ? 0.196   -13.625 -6.075  1.00 21.34 ? 3   ILE A O   1 
ATOM   22   C  CB  . ILE A 1 5   ? 1.607   -12.483 -3.520  1.00 27.02 ? 3   ILE A CB  1 
ATOM   23   C  CG1 . ILE A 1 5   ? 1.741   -11.056 -4.076  1.00 28.07 ? 3   ILE A CG1 1 
ATOM   24   C  CG2 . ILE A 1 5   ? 2.636   -13.413 -4.164  1.00 27.79 ? 3   ILE A CG2 1 
ATOM   25   C  CD1 . ILE A 1 5   ? 2.913   -10.264 -3.544  1.00 29.56 ? 3   ILE A CD1 1 
ATOM   26   N  N   . SER A 1 6   ? -1.027  -11.814 -5.489  1.00 21.65 ? 4   SER A N   1 
ATOM   27   C  CA  . SER A 1 6   ? -1.508  -11.492 -6.818  1.00 21.42 ? 4   SER A CA  1 
ATOM   28   C  C   . SER A 1 6   ? -1.243  -10.020 -7.119  1.00 20.45 ? 4   SER A C   1 
ATOM   29   O  O   . SER A 1 6   ? -1.444  -9.151  -6.266  1.00 20.75 ? 4   SER A O   1 
ATOM   30   C  CB  . SER A 1 6   ? -3.006  -11.794 -6.921  1.00 22.20 ? 4   SER A CB  1 
ATOM   31   O  OG  . SER A 1 6   ? -3.448  -11.747 -8.269  1.00 24.91 ? 4   SER A OG  1 
ATOM   32   N  N   . ILE A 1 7   ? -0.800  -9.737  -8.331  1.00 19.57 ? 5   ILE A N   1 
ATOM   33   C  CA  . ILE A 1 7   ? -0.404  -8.396  -8.721  1.00 18.85 ? 5   ILE A CA  1 
ATOM   34   C  C   . ILE A 1 7   ? -1.095  -8.001  -10.019 1.00 20.04 ? 5   ILE A C   1 
ATOM   35   O  O   . ILE A 1 7   ? -1.054  -8.745  -10.993 1.00 20.12 ? 5   ILE A O   1 
ATOM   36   C  CB  . ILE A 1 7   ? 1.129   -8.314  -8.898  1.00 19.03 ? 5   ILE A CB  1 
ATOM   37   C  CG1 . ILE A 1 7   ? 1.822   -8.710  -7.592  1.00 18.83 ? 5   ILE A CG1 1 
ATOM   38   C  CG2 . ILE A 1 7   ? 1.563   -6.924  -9.351  1.00 19.43 ? 5   ILE A CG2 1 
ATOM   39   C  CD1 . ILE A 1 7   ? 3.338   -8.707  -7.668  1.00 19.53 ? 5   ILE A CD1 1 
ATOM   40   N  N   . SER A 1 8   ? -1.740  -6.837  -10.033 1.00 19.03 ? 6   SER A N   1 
ATOM   41   C  CA  . SER A 1 8   ? -2.268  -6.268  -11.266 1.00 20.66 ? 6   SER A CA  1 
ATOM   42   C  C   . SER A 1 8   ? -1.361  -5.120  -11.643 1.00 18.70 ? 6   SER A C   1 
ATOM   43   O  O   . SER A 1 8   ? -0.891  -4.387  -10.768 1.00 18.13 ? 6   SER A O   1 
ATOM   44   C  CB  . SER A 1 8   ? -3.689  -5.735  -11.072 1.00 21.98 ? 6   SER A CB  1 
ATOM   45   O  OG  . SER A 1 8   ? -4.603  -6.794  -10.904 1.00 26.63 ? 6   SER A OG  1 
ATOM   46   N  N   . TYR A 1 9   ? -1.105  -4.942  -12.933 1.00 17.61 ? 7   TYR A N   1 
ATOM   47   C  CA  . TYR A 1 9   ? -0.274  -3.855  -13.376 1.00 17.72 ? 7   TYR A CA  1 
ATOM   48   C  C   . TYR A 1 9   ? -0.680  -3.358  -14.755 1.00 18.94 ? 7   TYR A C   1 
ATOM   49   O  O   . TYR A 1 9   ? -1.045  -4.147  -15.627 1.00 18.35 ? 7   TYR A O   1 
ATOM   50   C  CB  . TYR A 1 9   ? 1.203   -4.274  -13.371 1.00 17.80 ? 7   TYR A CB  1 
ATOM   51   C  CG  . TYR A 1 9   ? 1.559   -5.319  -14.408 1.00 17.34 ? 7   TYR A CG  1 
ATOM   52   C  CD1 . TYR A 1 9   ? 1.341   -6.663  -14.166 1.00 17.29 ? 7   TYR A CD1 1 
ATOM   53   C  CD2 . TYR A 1 9   ? 2.114   -4.949  -15.620 1.00 17.49 ? 7   TYR A CD2 1 
ATOM   54   C  CE1 . TYR A 1 9   ? 1.656   -7.619  -15.125 1.00 17.38 ? 7   TYR A CE1 1 
ATOM   55   C  CE2 . TYR A 1 9   ? 2.429   -5.896  -16.581 1.00 17.25 ? 7   TYR A CE2 1 
ATOM   56   C  CZ  . TYR A 1 9   ? 2.201   -7.230  -16.314 1.00 18.34 ? 7   TYR A CZ  1 
ATOM   57   O  OH  . TYR A 1 9   ? 2.514   -8.197  -17.264 1.00 18.96 ? 7   TYR A OH  1 
ATOM   58   N  N   . SER A 1 10  ? -0.624  -2.046  -14.941 1.00 19.41 ? 8   SER A N   1 
ATOM   59   C  CA  . SER A 1 10  ? -0.820  -1.443  -16.254 1.00 20.87 ? 8   SER A CA  1 
ATOM   60   C  C   . SER A 1 10  ? 0.373   -1.769  -17.147 1.00 21.44 ? 8   SER A C   1 
ATOM   61   O  O   . SER A 1 10  ? 1.520   -1.793  -16.685 1.00 20.18 ? 8   SER A O   1 
ATOM   62   C  CB  . SER A 1 10  ? -0.964  0.076   -16.122 1.00 21.41 ? 8   SER A CB  1 
ATOM   63   O  OG  . SER A 1 10  ? -0.792  0.719   -17.363 1.00 25.19 ? 8   SER A OG  1 
ATOM   64   N  N   . THR A 1 11  ? 0.126   -1.997  -18.431 1.00 23.55 ? 9   THR A N   1 
ATOM   65   C  CA  . THR A 1 11  ? 1.207   -2.388  -19.342 1.00 24.10 ? 9   THR A CA  1 
ATOM   66   C  C   . THR A 1 11  ? 2.273   -1.309  -19.524 1.00 23.87 ? 9   THR A C   1 
ATOM   67   O  O   . THR A 1 11  ? 3.344   -1.581  -20.044 1.00 24.05 ? 9   THR A O   1 
ATOM   68   C  CB  . THR A 1 11  ? 0.682   -2.826  -20.725 1.00 26.38 ? 9   THR A CB  1 
ATOM   69   O  OG1 . THR A 1 11  ? -0.099  -1.775  -21.299 1.00 26.87 ? 9   THR A OG1 1 
ATOM   70   C  CG2 . THR A 1 11  ? -0.163  -4.080  -20.591 1.00 26.92 ? 9   THR A CG2 1 
ATOM   71   N  N   . THR A 1 12  ? 1.972   -0.086  -19.094 1.00 23.24 ? 10  THR A N   1 
ATOM   72   C  CA  . THR A 1 12  ? 2.977   0.954   -18.917 1.00 24.61 ? 10  THR A CA  1 
ATOM   73   C  C   . THR A 1 12  ? 4.217   0.420   -18.176 1.00 22.76 ? 10  THR A C   1 
ATOM   74   O  O   . THR A 1 12  ? 5.339   0.781   -18.511 1.00 23.44 ? 10  THR A O   1 
ATOM   75   C  CB  . THR A 1 12  ? 2.377   2.134   -18.113 1.00 25.54 ? 10  THR A CB  1 
ATOM   76   O  OG1 . THR A 1 12  ? 1.187   2.599   -18.768 1.00 27.39 ? 10  THR A OG1 1 
ATOM   77   C  CG2 . THR A 1 12  ? 3.368   3.276   -17.976 1.00 26.18 ? 10  THR A CG2 1 
ATOM   78   N  N   . TYR A 1 13  ? 3.999   -0.452  -17.196 1.00 22.63 ? 11  TYR A N   1 
ATOM   79   C  CA  . TYR A 1 13  ? 5.071   -0.929  -16.300 1.00 21.89 ? 11  TYR A CA  1 
ATOM   80   C  C   . TYR A 1 13  ? 5.545   -2.369  -16.529 1.00 21.12 ? 11  TYR A C   1 
ATOM   81   O  O   . TYR A 1 13  ? 6.329   -2.886  -15.737 1.00 20.35 ? 11  TYR A O   1 
ATOM   82   C  CB  . TYR A 1 13  ? 4.620   -0.771  -14.843 1.00 22.17 ? 11  TYR A CB  1 
ATOM   83   C  CG  . TYR A 1 13  ? 4.121   0.623   -14.588 1.00 22.97 ? 11  TYR A CG  1 
ATOM   84   C  CD1 . TYR A 1 13  ? 2.758   0.884   -14.533 1.00 23.68 ? 11  TYR A CD1 1 
ATOM   85   C  CD2 . TYR A 1 13  ? 5.010   1.695   -14.495 1.00 23.91 ? 11  TYR A CD2 1 
ATOM   86   C  CE1 . TYR A 1 13  ? 2.290   2.175   -14.346 1.00 25.06 ? 11  TYR A CE1 1 
ATOM   87   C  CE2 . TYR A 1 13  ? 4.549   2.987   -14.302 1.00 24.68 ? 11  TYR A CE2 1 
ATOM   88   C  CZ  . TYR A 1 13  ? 3.191   3.214   -14.235 1.00 25.05 ? 11  TYR A CZ  1 
ATOM   89   O  OH  . TYR A 1 13  ? 2.725   4.495   -14.053 1.00 28.67 ? 11  TYR A OH  1 
ATOM   90   N  N   . SER A 1 14  ? 5.077   -3.004  -17.600 1.00 21.02 ? 12  SER A N   1 
ATOM   91   C  CA  . SER A 1 14  ? 5.445   -4.391  -17.931 1.00 20.31 ? 12  SER A CA  1 
ATOM   92   C  C   . SER A 1 14  ? 6.911   -4.747  -17.687 1.00 18.72 ? 12  SER A C   1 
ATOM   93   O  O   . SER A 1 14  ? 7.202   -5.801  -17.097 1.00 18.67 ? 12  SER A O   1 
ATOM   94   C  CB  . SER A 1 14  ? 5.099   -4.666  -19.393 1.00 21.19 ? 12  SER A CB  1 
ATOM   95   O  OG  . SER A 1 14  ? 3.702   -4.722  -19.561 1.00 23.02 ? 12  SER A OG  1 
ATOM   96   N  N   . GLY A 1 15  ? 7.808   -3.880  -18.149 1.00 17.14 ? 13  GLY A N   1 
ATOM   97   C  CA  . GLY A 1 15  ? 9.248   -4.118  -18.124 1.00 16.12 ? 13  GLY A CA  1 
ATOM   98   C  C   . GLY A 1 15  ? 9.966   -3.608  -16.884 1.00 15.64 ? 13  GLY A C   1 
ATOM   99   O  O   . GLY A 1 15  ? 11.170  -3.792  -16.759 1.00 15.44 ? 13  GLY A O   1 
ATOM   100  N  N   . TRP A 1 16  ? 9.232   -2.975  -15.971 1.00 14.78 ? 14  TRP A N   1 
ATOM   101  C  CA  . TRP A 1 16  ? 9.796   -2.469  -14.718 1.00 14.02 ? 14  TRP A CA  1 
ATOM   102  C  C   . TRP A 1 16  ? 9.892   -3.578  -13.692 1.00 12.63 ? 14  TRP A C   1 
ATOM   103  O  O   . TRP A 1 16  ? 9.018   -4.439  -13.636 1.00 12.84 ? 14  TRP A O   1 
ATOM   104  C  CB  . TRP A 1 16  ? 8.892   -1.391  -14.126 1.00 14.44 ? 14  TRP A CB  1 
ATOM   105  C  CG  . TRP A 1 16  ? 8.941   -0.079  -14.817 1.00 15.79 ? 14  TRP A CG  1 
ATOM   106  C  CD1 . TRP A 1 16  ? 8.553   0.204   -16.090 1.00 16.27 ? 14  TRP A CD1 1 
ATOM   107  C  CD2 . TRP A 1 16  ? 9.387   1.148   -14.247 1.00 15.62 ? 14  TRP A CD2 1 
ATOM   108  N  NE1 . TRP A 1 16  ? 8.746   1.547   -16.355 1.00 16.82 ? 14  TRP A NE1 1 
ATOM   109  C  CE2 . TRP A 1 16  ? 9.262   2.142   -15.236 1.00 16.58 ? 14  TRP A CE2 1 
ATOM   110  C  CE3 . TRP A 1 16  ? 9.907   1.496   -12.995 1.00 16.57 ? 14  TRP A CE3 1 
ATOM   111  C  CZ2 . TRP A 1 16  ? 9.626   3.469   -15.006 1.00 17.07 ? 14  TRP A CZ2 1 
ATOM   112  C  CZ3 . TRP A 1 16  ? 10.280  2.808   -12.769 1.00 17.20 ? 14  TRP A CZ3 1 
ATOM   113  C  CH2 . TRP A 1 16  ? 10.135  3.778   -13.773 1.00 17.47 ? 14  TRP A CH2 1 
ATOM   114  N  N   . THR A 1 17  ? 10.912  -3.522  -12.837 1.00 12.19 ? 15  THR A N   1 
ATOM   115  C  CA  . THR A 1 17  ? 10.911  -4.378  -11.661 1.00 11.69 ? 15  THR A CA  1 
ATOM   116  C  C   . THR A 1 17  ? 9.953   -3.811  -10.620 1.00 11.97 ? 15  THR A C   1 
ATOM   117  O  O   . THR A 1 17  ? 9.644   -2.615  -10.628 1.00 12.10 ? 15  THR A O   1 
ATOM   118  C  CB  . THR A 1 17  ? 12.296  -4.531  -11.017 1.00 11.62 ? 15  THR A CB  1 
ATOM   119  O  OG1 . THR A 1 17  ? 12.708  -3.295  -10.437 1.00 11.51 ? 15  THR A OG1 1 
ATOM   120  C  CG2 . THR A 1 17  ? 13.332  -4.966  -12.015 1.00 11.46 ? 15  THR A CG2 1 
ATOM   121  N  N   . VAL A 1 18  ? 9.490   -4.663  -9.718  1.00 11.71 ? 16  VAL A N   1 
ATOM   122  C  CA  . VAL A 1 18  ? 8.573   -4.211  -8.666  1.00 12.40 ? 16  VAL A CA  1 
ATOM   123  C  C   . VAL A 1 18  ? 9.300   -3.171  -7.810  1.00 12.61 ? 16  VAL A C   1 
ATOM   124  O  O   . VAL A 1 18  ? 8.720   -2.114  -7.470  1.00 12.51 ? 16  VAL A O   1 
ATOM   125  C  CB  . VAL A 1 18  ? 8.039   -5.397  -7.849  1.00 12.74 ? 16  VAL A CB  1 
ATOM   126  C  CG1 . VAL A 1 18  ? 6.988   -4.935  -6.853  1.00 13.08 ? 16  VAL A CG1 1 
ATOM   127  C  CG2 . VAL A 1 18  ? 7.435   -6.439  -8.774  1.00 12.68 ? 16  VAL A CG2 1 
ATOM   128  N  N   . ALA A 1 19  ? 10.561  -3.422  -7.488  1.00 12.62 ? 17  ALA A N   1 
ATOM   129  C  CA  . ALA A 1 19  ? 11.352  -2.487  -6.689  1.00 13.08 ? 17  ALA A CA  1 
ATOM   130  C  C   . ALA A 1 19  ? 11.501  -1.131  -7.374  1.00 13.61 ? 17  ALA A C   1 
ATOM   131  O  O   . ALA A 1 19  ? 11.308  -0.088  -6.752  1.00 13.44 ? 17  ALA A O   1 
ATOM   132  C  CB  . ALA A 1 19  ? 12.722  -3.082  -6.369  1.00 13.27 ? 17  ALA A CB  1 
ATOM   133  N  N   . ASP A 1 20  ? 11.836  -1.123  -8.654  1.00 13.29 ? 18  ASP A N   1 
ATOM   134  C  CA  . ASP A 1 20  ? 12.042  0.144   -9.344  1.00 14.56 ? 18  ASP A CA  1 
ATOM   135  C  C   . ASP A 1 20  ? 10.739  0.910   -9.424  1.00 14.88 ? 18  ASP A C   1 
ATOM   136  O  O   . ASP A 1 20  ? 10.727  2.139   -9.242  1.00 15.91 ? 18  ASP A O   1 
ATOM   137  C  CB  . ASP A 1 20  ? 12.652  -0.047  -10.730 1.00 15.48 ? 18  ASP A CB  1 
ATOM   138  C  CG  . ASP A 1 20  ? 14.143  -0.415  -10.683 1.00 16.28 ? 18  ASP A CG  1 
ATOM   139  O  OD1 . ASP A 1 20  ? 14.777  -0.454  -9.591  1.00 16.39 ? 18  ASP A OD1 1 
ATOM   140  O  OD2 . ASP A 1 20  ? 14.682  -0.691  -11.760 1.00 16.91 ? 18  ASP A OD2 1 
ATOM   141  N  N   . TYR A 1 21  ? 9.641   0.205   -9.687  1.00 14.55 ? 19  TYR A N   1 
ATOM   142  C  CA  . TYR A 1 21  ? 8.326   0.832   -9.726  1.00 14.52 ? 19  TYR A CA  1 
ATOM   143  C  C   . TYR A 1 21  ? 7.986   1.474   -8.369  1.00 14.20 ? 19  TYR A C   1 
ATOM   144  O  O   . TYR A 1 21  ? 7.536   2.631   -8.310  1.00 14.14 ? 19  TYR A O   1 
ATOM   145  C  CB  . TYR A 1 21  ? 7.222   -0.162  -10.126 1.00 14.86 ? 19  TYR A CB  1 
ATOM   146  C  CG  . TYR A 1 21  ? 5.871   0.463   -9.927  1.00 15.95 ? 19  TYR A CG  1 
ATOM   147  C  CD1 . TYR A 1 21  ? 5.343   1.323   -10.885 1.00 15.87 ? 19  TYR A CD1 1 
ATOM   148  C  CD2 . TYR A 1 21  ? 5.165   0.277   -8.753  1.00 16.06 ? 19  TYR A CD2 1 
ATOM   149  C  CE1 . TYR A 1 21  ? 4.128   1.946   -10.688 1.00 16.28 ? 19  TYR A CE1 1 
ATOM   150  C  CE2 . TYR A 1 21  ? 3.952   0.909   -8.538  1.00 16.51 ? 19  TYR A CE2 1 
ATOM   151  C  CZ  . TYR A 1 21  ? 3.447   1.749   -9.497  1.00 16.66 ? 19  TYR A CZ  1 
ATOM   152  O  OH  . TYR A 1 21  ? 2.232   2.360   -9.277  1.00 18.03 ? 19  TYR A OH  1 
ATOM   153  N  N   . LEU A 1 22  ? 8.190   0.736   -7.290  1.00 13.78 ? 20  LEU A N   1 
ATOM   154  C  CA  . LEU A 1 22  ? 7.795   1.210   -5.962  1.00 13.73 ? 20  LEU A CA  1 
ATOM   155  C  C   . LEU A 1 22  ? 8.658   2.379   -5.515  1.00 15.31 ? 20  LEU A C   1 
ATOM   156  O  O   . LEU A 1 22  ? 8.146   3.341   -4.941  1.00 16.18 ? 20  LEU A O   1 
ATOM   157  C  CB  . LEU A 1 22  ? 7.837   0.071   -4.944  1.00 13.26 ? 20  LEU A CB  1 
ATOM   158  C  CG  . LEU A 1 22  ? 6.693   -0.940  -5.035  1.00 13.11 ? 20  LEU A CG  1 
ATOM   159  C  CD1 . LEU A 1 22  ? 6.888   -2.055  -4.036  1.00 12.85 ? 20  LEU A CD1 1 
ATOM   160  C  CD2 . LEU A 1 22  ? 5.345   -0.252  -4.801  1.00 13.60 ? 20  LEU A CD2 1 
ATOM   161  N  N   . ALA A 1 23  ? 9.957   2.305   -5.767  1.00 15.72 ? 21  ALA A N   1 
ATOM   162  C  CA  . ALA A 1 23  ? 10.863  3.385   -5.371  1.00 16.42 ? 21  ALA A CA  1 
ATOM   163  C  C   . ALA A 1 23  ? 10.467  4.653   -6.093  1.00 17.47 ? 21  ALA A C   1 
ATOM   164  O  O   . ALA A 1 23  ? 10.444  5.736   -5.498  1.00 17.48 ? 21  ALA A O   1 
ATOM   165  C  CB  . ALA A 1 23  ? 12.309  3.030   -5.681  1.00 16.50 ? 21  ALA A CB  1 
ATOM   166  N  N   . ASP A 1 24  ? 10.131  4.520   -7.365  1.00 17.70 ? 22  ASP A N   1 
ATOM   167  C  CA  . ASP A 1 24  ? 9.710   5.627   -8.197  1.00 19.55 ? 22  ASP A CA  1 
ATOM   168  C  C   . ASP A 1 24  ? 8.358   6.202   -7.760  1.00 18.96 ? 22  ASP A C   1 
ATOM   169  O  O   . ASP A 1 24  ? 8.199   7.432   -7.658  1.00 20.17 ? 22  ASP A O   1 
ATOM   170  C  CB  . ASP A 1 24  ? 9.653   5.141   -9.645  1.00 21.30 ? 22  ASP A CB  1 
ATOM   171  C  CG  . ASP A 1 24  ? 9.290   6.224   -10.616 1.00 23.45 ? 22  ASP A CG  1 
ATOM   172  O  OD1 . ASP A 1 24  ? 10.221  6.829   -11.191 1.00 26.92 ? 22  ASP A OD1 1 
ATOM   173  O  OD2 . ASP A 1 24  ? 8.087   6.454   -10.834 1.00 24.38 ? 22  ASP A OD2 1 
ATOM   174  N  N   . TRP A 1 25  ? 7.392   5.329   -7.487  1.00 17.52 ? 23  TRP A N   1 
ATOM   175  C  CA  . TRP A 1 25  ? 6.057   5.765   -7.077  1.00 17.80 ? 23  TRP A CA  1 
ATOM   176  C  C   . TRP A 1 25  ? 6.171   6.519   -5.756  1.00 18.16 ? 23  TRP A C   1 
ATOM   177  O  O   . TRP A 1 25  ? 5.544   7.574   -5.593  1.00 17.16 ? 23  TRP A O   1 
ATOM   178  C  CB  . TRP A 1 25  ? 5.061   4.581   -6.967  1.00 17.53 ? 23  TRP A CB  1 
ATOM   179  C  CG  . TRP A 1 25  ? 3.701   5.046   -6.540  1.00 18.26 ? 23  TRP A CG  1 
ATOM   180  C  CD1 . TRP A 1 25  ? 2.653   5.395   -7.347  1.00 19.09 ? 23  TRP A CD1 1 
ATOM   181  C  CD2 . TRP A 1 25  ? 3.259   5.262   -5.197  1.00 17.47 ? 23  TRP A CD2 1 
ATOM   182  N  NE1 . TRP A 1 25  ? 1.593   5.819   -6.583  1.00 18.97 ? 23  TRP A NE1 1 
ATOM   183  C  CE2 . TRP A 1 25  ? 1.935   5.746   -5.261  1.00 18.55 ? 23  TRP A CE2 1 
ATOM   184  C  CE3 . TRP A 1 25  ? 3.855   5.101   -3.947  1.00 18.05 ? 23  TRP A CE3 1 
ATOM   185  C  CZ2 . TRP A 1 25  ? 1.199   6.060   -4.110  1.00 17.91 ? 23  TRP A CZ2 1 
ATOM   186  C  CZ3 . TRP A 1 25  ? 3.126   5.420   -2.805  1.00 18.05 ? 23  TRP A CZ3 1 
ATOM   187  C  CH2 . TRP A 1 25  ? 1.813   5.889   -2.900  1.00 18.10 ? 23  TRP A CH2 1 
ATOM   188  N  N   . SER A 1 26  ? 6.955   5.991   -4.822  1.00 19.08 ? 24  SER A N   1 
ATOM   189  C  CA  A SER A 1 26  ? 7.116   6.590   -3.492  0.70 20.87 ? 24  SER A CA  1 
ATOM   190  C  CA  B SER A 1 26  ? 7.032   6.605   -3.500  0.30 20.23 ? 24  SER A CA  1 
ATOM   191  C  C   . SER A 1 26  ? 7.748   7.959   -3.553  1.00 21.59 ? 24  SER A C   1 
ATOM   192  O  O   . SER A 1 26  ? 7.340   8.882   -2.844  1.00 22.39 ? 24  SER A O   1 
ATOM   193  C  CB  A SER A 1 26  ? 7.986   5.706   -2.595  0.70 21.73 ? 24  SER A CB  1 
ATOM   194  C  CB  B SER A 1 26  ? 7.615   5.654   -2.428  0.30 19.99 ? 24  SER A CB  1 
ATOM   195  O  OG  A SER A 1 26  ? 7.233   4.652   -2.080  0.70 22.17 ? 24  SER A OG  1 
ATOM   196  O  OG  B SER A 1 26  ? 8.839   5.049   -2.806  0.30 19.65 ? 24  SER A OG  1 
ATOM   197  N  N   . ALA A 1 27  ? 8.771   8.085   -4.388  1.00 22.69 ? 25  ALA A N   1 
ATOM   198  C  CA  . ALA A 1 27  ? 9.479   9.355   -4.537  1.00 24.29 ? 25  ALA A CA  1 
ATOM   199  C  C   . ALA A 1 27  ? 8.533   10.421  -5.065  1.00 24.59 ? 25  ALA A C   1 
ATOM   200  O  O   . ALA A 1 27  ? 8.576   11.579  -4.614  1.00 25.54 ? 25  ALA A O   1 
ATOM   201  C  CB  . ALA A 1 27  ? 10.688  9.200   -5.452  1.00 24.86 ? 25  ALA A CB  1 
ATOM   202  N  N   A TYR A 1 28  ? 7.711   10.033  -6.043  0.50 23.64 ? 26  TYR A N   1 
ATOM   203  N  N   B TYR A 1 28  ? 7.643   10.035  -5.968  0.50 23.24 ? 26  TYR A N   1 
ATOM   204  C  CA  A TYR A 1 28  ? 6.671   10.892  -6.615  0.50 23.14 ? 26  TYR A CA  1 
ATOM   205  C  CA  B TYR A 1 28  ? 6.721   10.985  -6.558  0.50 22.51 ? 26  TYR A CA  1 
ATOM   206  C  C   A TYR A 1 28  ? 5.671   11.286  -5.543  0.50 21.83 ? 26  TYR A C   1 
ATOM   207  C  C   B TYR A 1 28  ? 5.425   11.237  -5.768  0.50 21.76 ? 26  TYR A C   1 
ATOM   208  O  O   A TYR A 1 28  ? 5.531   12.472  -5.237  0.50 19.88 ? 26  TYR A O   1 
ATOM   209  O  O   B TYR A 1 28  ? 4.749   12.250  -5.975  0.50 20.66 ? 26  TYR A O   1 
ATOM   210  C  CB  A TYR A 1 28  ? 5.950   10.171  -7.763  0.50 23.81 ? 26  TYR A CB  1 
ATOM   211  C  CB  B TYR A 1 28  ? 6.359   10.557  -7.963  0.50 22.35 ? 26  TYR A CB  1 
ATOM   212  C  CG  A TYR A 1 28  ? 4.902   10.989  -8.507  0.50 24.41 ? 26  TYR A CG  1 
ATOM   213  C  CG  B TYR A 1 28  ? 5.549   11.618  -8.599  0.50 22.19 ? 26  TYR A CG  1 
ATOM   214  C  CD1 A TYR A 1 28  ? 5.160   12.292  -8.919  0.50 25.18 ? 26  TYR A CD1 1 
ATOM   215  C  CD1 B TYR A 1 28  ? 4.210   11.414  -8.888  0.50 22.00 ? 26  TYR A CD1 1 
ATOM   216  C  CD2 A TYR A 1 28  ? 3.667   10.434  -8.842  0.50 24.49 ? 26  TYR A CD2 1 
ATOM   217  C  CD2 B TYR A 1 28  ? 6.104   12.868  -8.845  0.50 22.05 ? 26  TYR A CD2 1 
ATOM   218  C  CE1 A TYR A 1 28  ? 4.211   13.025  -9.613  0.50 24.92 ? 26  TYR A CE1 1 
ATOM   219  C  CE1 B TYR A 1 28  ? 3.455   12.410  -9.454  0.50 21.96 ? 26  TYR A CE1 1 
ATOM   220  C  CE2 A TYR A 1 28  ? 2.713   11.159  -9.536  0.50 24.88 ? 26  TYR A CE2 1 
ATOM   221  C  CE2 B TYR A 1 28  ? 5.356   13.875  -9.404  0.50 22.00 ? 26  TYR A CE2 1 
ATOM   222  C  CZ  A TYR A 1 28  ? 2.988   12.452  -9.925  0.50 24.85 ? 26  TYR A CZ  1 
ATOM   223  C  CZ  B TYR A 1 28  ? 4.033   13.637  -9.705  0.50 22.05 ? 26  TYR A CZ  1 
ATOM   224  O  OH  A TYR A 1 28  ? 2.036   13.177  -10.622 0.50 24.46 ? 26  TYR A OH  1 
ATOM   225  O  OH  B TYR A 1 28  ? 3.267   14.616  -10.259 0.50 21.75 ? 26  TYR A OH  1 
ATOM   226  N  N   . PHE A 1 29  ? 5.032   10.288  -4.927  1.00 20.97 ? 27  PHE A N   1 
ATOM   227  C  CA  . PHE A 1 29  ? 3.987   10.535  -3.914  1.00 19.49 ? 27  PHE A CA  1 
ATOM   228  C  C   . PHE A 1 29  ? 4.567   11.489  -2.855  1.00 19.32 ? 27  PHE A C   1 
ATOM   229  O  O   . PHE A 1 29  ? 3.908   12.430  -2.392  1.00 18.99 ? 27  PHE A O   1 
ATOM   230  C  CB  . PHE A 1 29  ? 3.545   9.200   -3.290  1.00 18.97 ? 27  PHE A CB  1 
ATOM   231  C  CG  . PHE A 1 29  ? 2.477   9.323   -2.231  1.00 18.42 ? 27  PHE A CG  1 
ATOM   232  C  CD1 . PHE A 1 29  ? 1.133   9.225   -2.559  1.00 18.20 ? 27  PHE A CD1 1 
ATOM   233  C  CD2 . PHE A 1 29  ? 2.820   9.471   -0.903  1.00 19.20 ? 27  PHE A CD2 1 
ATOM   234  C  CE1 . PHE A 1 29  ? 0.156   9.309   -1.585  1.00 18.56 ? 27  PHE A CE1 1 
ATOM   235  C  CE2 . PHE A 1 29  ? 1.843   9.573   0.079   1.00 18.75 ? 27  PHE A CE2 1 
ATOM   236  C  CZ  . PHE A 1 29  ? 0.509   9.492   -0.267  1.00 18.66 ? 27  PHE A CZ  1 
ATOM   237  N  N   . GLY A 1 30  ? 5.814   11.248  -2.500  1.00 18.20 ? 28  GLY A N   1 
ATOM   238  C  CA  . GLY A 1 30  ? 6.549   12.088  -1.594  1.00 18.46 ? 28  GLY A CA  1 
ATOM   239  C  C   . GLY A 1 30  ? 6.268   11.791  -0.135  1.00 18.34 ? 28  GLY A C   1 
ATOM   240  O  O   . GLY A 1 30  ? 5.500   10.891  0.209   1.00 18.64 ? 28  GLY A O   1 
ATOM   241  N  N   . ASP A 1 31  ? 6.917   12.548  0.728   1.00 18.10 ? 29  ASP A N   1 
ATOM   242  C  CA  . ASP A 1 31  ? 6.693   12.481  2.162   1.00 18.09 ? 29  ASP A CA  1 
ATOM   243  C  C   . ASP A 1 31  ? 5.641   13.530  2.499   1.00 18.14 ? 29  ASP A C   1 
ATOM   244  O  O   . ASP A 1 31  ? 5.927   14.717  2.381   1.00 18.50 ? 29  ASP A O   1 
ATOM   245  C  CB  . ASP A 1 31  ? 8.010   12.771  2.871   1.00 18.36 ? 29  ASP A CB  1 
ATOM   246  C  CG  . ASP A 1 31  ? 7.894   12.792  4.352   1.00 19.02 ? 29  ASP A CG  1 
ATOM   247  O  OD1 . ASP A 1 31  ? 6.790   12.588  4.900   1.00 17.66 ? 29  ASP A OD1 1 
ATOM   248  O  OD2 . ASP A 1 31  ? 8.940   12.997  5.000   1.00 21.16 ? 29  ASP A OD2 1 
ATOM   249  N  N   . VAL A 1 32  ? 4.426   13.110  2.880   1.00 16.98 ? 30  VAL A N   1 
ATOM   250  C  CA  . VAL A 1 32  ? 3.342   14.068  3.182   1.00 16.41 ? 30  VAL A CA  1 
ATOM   251  C  C   . VAL A 1 32  ? 3.512   14.728  4.556   1.00 15.25 ? 30  VAL A C   1 
ATOM   252  O  O   . VAL A 1 32  ? 2.663   15.528  4.950   1.00 15.06 ? 30  VAL A O   1 
ATOM   253  C  CB  . VAL A 1 32  ? 1.913   13.456  3.086   1.00 17.01 ? 30  VAL A CB  1 
ATOM   254  C  CG1 . VAL A 1 32  ? 1.659   12.888  1.708   1.00 18.03 ? 30  VAL A CG1 1 
ATOM   255  C  CG2 . VAL A 1 32  ? 1.670   12.405  4.158   1.00 16.47 ? 30  VAL A CG2 1 
ATOM   256  N  N   . ASN A 1 33  ? 4.571   14.376  5.275   1.00 15.15 ? 31  ASN A N   1 
ATOM   257  C  CA  . ASN A 1 33  ? 4.872   14.944  6.588   1.00 15.16 ? 31  ASN A CA  1 
ATOM   258  C  C   . ASN A 1 33  ? 3.741   14.727  7.586   1.00 14.77 ? 31  ASN A C   1 
ATOM   259  O  O   . ASN A 1 33  ? 3.340   15.622  8.337   1.00 14.20 ? 31  ASN A O   1 
ATOM   260  C  CB  . ASN A 1 33  ? 5.243   16.429  6.486   1.00 16.40 ? 31  ASN A CB  1 
ATOM   261  C  CG  . ASN A 1 33  ? 6.634   16.641  5.910   1.00 18.06 ? 31  ASN A CG  1 
ATOM   262  O  OD1 . ASN A 1 33  ? 7.586   15.912  6.229   1.00 18.76 ? 31  ASN A OD1 1 
ATOM   263  N  ND2 . ASN A 1 33  ? 6.765   17.661  5.070   1.00 20.59 ? 31  ASN A ND2 1 
ATOM   264  N  N   . HIS A 1 34  ? 3.227   13.507  7.593   1.00 13.42 ? 32  HIS A N   1 
ATOM   265  C  CA  . HIS A 1 34  ? 2.295   13.051  8.620   1.00 13.38 ? 32  HIS A CA  1 
ATOM   266  C  C   . HIS A 1 34  ? 3.137   12.734  9.853   1.00 13.59 ? 32  HIS A C   1 
ATOM   267  O  O   . HIS A 1 34  ? 3.454   11.579  10.142  1.00 14.58 ? 32  HIS A O   1 
ATOM   268  C  CB  . HIS A 1 34  ? 1.527   11.849  8.075   1.00 12.58 ? 32  HIS A CB  1 
ATOM   269  C  CG  . HIS A 1 34  ? 0.396   11.399  8.935   1.00 12.47 ? 32  HIS A CG  1 
ATOM   270  N  ND1 . HIS A 1 34  ? -0.920  11.484  8.542   1.00 12.85 ? 32  HIS A ND1 1 
ATOM   271  C  CD2 . HIS A 1 34  ? 0.390   10.825  10.155  1.00 12.35 ? 32  HIS A CD2 1 
ATOM   272  C  CE1 . HIS A 1 34  ? -1.690  10.983  9.490   1.00 12.30 ? 32  HIS A CE1 1 
ATOM   273  N  NE2 . HIS A 1 34  ? -0.919  10.582  10.480  1.00 12.19 ? 32  HIS A NE2 1 
ATOM   274  N  N   . ARG A 1 35  ? 3.530   13.795  10.565  1.00 13.97 ? 33  ARG A N   1 
ATOM   275  C  CA  . ARG A 1 35  ? 4.567   13.767  11.589  1.00 14.58 ? 33  ARG A CA  1 
ATOM   276  C  C   . ARG A 1 35  ? 4.068   14.609  12.774  1.00 14.08 ? 33  ARG A C   1 
ATOM   277  O  O   . ARG A 1 35  ? 3.121   15.369  12.620  1.00 14.22 ? 33  ARG A O   1 
ATOM   278  C  CB  . ARG A 1 35  ? 5.893   14.353  11.039  1.00 16.10 ? 33  ARG A CB  1 
ATOM   279  C  CG  . ARG A 1 35  ? 6.458   13.586  9.848   1.00 17.58 ? 33  ARG A CG  1 
ATOM   280  C  CD  . ARG A 1 35  ? 7.727   14.192  9.248   1.00 19.68 ? 33  ARG A CD  1 
ATOM   281  N  NE  . ARG A 1 35  ? 8.185   13.387  8.109   1.00 21.71 ? 33  ARG A NE  1 
ATOM   282  C  CZ  . ARG A 1 35  ? 8.782   12.190  8.198   1.00 23.12 ? 33  ARG A CZ  1 
ATOM   283  N  NH1 . ARG A 1 35  ? 9.002   11.608  9.373   1.00 24.51 ? 33  ARG A NH1 1 
ATOM   284  N  NH2 . ARG A 1 35  ? 9.150   11.542  7.093   1.00 24.86 ? 33  ARG A NH2 1 
ATOM   285  N  N   . PRO A 1 36  ? 4.706   14.498  13.947  1.00 13.90 ? 34  PRO A N   1 
ATOM   286  C  CA  . PRO A 1 36  ? 4.210   15.264  15.097  1.00 13.75 ? 34  PRO A CA  1 
ATOM   287  C  C   . PRO A 1 36  ? 4.159   16.772  14.842  1.00 13.91 ? 34  PRO A C   1 
ATOM   288  O  O   . PRO A 1 36  ? 5.139   17.363  14.388  1.00 14.09 ? 34  PRO A O   1 
ATOM   289  C  CB  . PRO A 1 36  ? 5.208   14.932  16.203  1.00 14.17 ? 34  PRO A CB  1 
ATOM   290  C  CG  . PRO A 1 36  ? 5.779   13.628  15.801  1.00 13.99 ? 34  PRO A CG  1 
ATOM   291  C  CD  . PRO A 1 36  ? 5.867   13.670  14.318  1.00 14.04 ? 34  PRO A CD  1 
ATOM   292  N  N   . GLY A 1 37  ? 2.998   17.365  15.107  1.00 13.41 ? 35  GLY A N   1 
ATOM   293  C  CA  . GLY A 1 37  ? 2.793   18.787  14.897  1.00 13.92 ? 35  GLY A CA  1 
ATOM   294  C  C   . GLY A 1 37  ? 2.505   19.161  13.464  1.00 13.41 ? 35  GLY A C   1 
ATOM   295  O  O   . GLY A 1 37  ? 2.357   20.342  13.161  1.00 15.19 ? 35  GLY A O   1 
ATOM   296  N  N   . GLN A 1 38  ? 2.425   18.160  12.576  1.00 13.27 ? 36  GLN A N   1 
ATOM   297  C  CA  . GLN A 1 38  ? 2.205   18.372  11.144  1.00 13.39 ? 36  GLN A CA  1 
ATOM   298  C  C   . GLN A 1 38  ? 1.107   17.504  10.564  1.00 12.14 ? 36  GLN A C   1 
ATOM   299  O  O   . GLN A 1 38  ? 0.875   17.531  9.373   1.00 11.61 ? 36  GLN A O   1 
ATOM   300  C  CB  . GLN A 1 38  ? 3.487   18.151  10.339  1.00 14.37 ? 36  GLN A CB  1 
ATOM   301  C  CG  . GLN A 1 38  ? 4.644   19.004  10.779  1.00 15.61 ? 36  GLN A CG  1 
ATOM   302  C  CD  . GLN A 1 38  ? 5.843   18.782  9.908   1.00 16.09 ? 36  GLN A CD  1 
ATOM   303  O  OE1 . GLN A 1 38  ? 6.777   18.124  10.307  1.00 17.21 ? 36  GLN A OE1 1 
ATOM   304  N  NE2 . GLN A 1 38  ? 5.811   19.325  8.713   1.00 18.14 ? 36  GLN A NE2 1 
ATOM   305  N  N   . VAL A 1 39  ? 0.384   16.763  11.404  1.00 12.13 ? 37  VAL A N   1 
ATOM   306  C  CA  . VAL A 1 39  ? -0.778  16.054  10.901  1.00 11.93 ? 37  VAL A CA  1 
ATOM   307  C  C   . VAL A 1 39  ? -1.920  17.043  10.832  1.00 12.08 ? 37  VAL A C   1 
ATOM   308  O  O   . VAL A 1 39  ? -2.289  17.609  11.849  1.00 12.75 ? 37  VAL A O   1 
ATOM   309  C  CB  . VAL A 1 39  ? -1.151  14.865  11.794  1.00 12.19 ? 37  VAL A CB  1 
ATOM   310  C  CG1 . VAL A 1 39  ? -2.421  14.205  11.286  1.00 12.39 ? 37  VAL A CG1 1 
ATOM   311  C  CG2 . VAL A 1 39  ? 0.015   13.871  11.847  1.00 12.72 ? 37  VAL A CG2 1 
ATOM   312  N  N   . VAL A 1 40  ? -2.435  17.292  9.638   1.00 12.47 ? 38  VAL A N   1 
ATOM   313  C  CA  . VAL A 1 40  ? -3.438  18.341  9.436   1.00 13.18 ? 38  VAL A CA  1 
ATOM   314  C  C   . VAL A 1 40  ? -4.687  17.783  8.779   1.00 14.44 ? 38  VAL A C   1 
ATOM   315  O  O   . VAL A 1 40  ? -4.627  17.267  7.670   1.00 14.50 ? 38  VAL A O   1 
ATOM   316  C  CB  . VAL A 1 40  ? -2.853  19.499  8.617   1.00 13.15 ? 38  VAL A CB  1 
ATOM   317  C  CG1 . VAL A 1 40  ? -3.926  20.550  8.340   1.00 13.55 ? 38  VAL A CG1 1 
ATOM   318  C  CG2 . VAL A 1 40  ? -1.662  20.106  9.349   1.00 13.29 ? 38  VAL A CG2 1 
ATOM   319  N  N   . ASP A 1 41  ? -5.829  17.886  9.463   1.00 16.78 ? 39  ASP A N   1 
ATOM   320  C  CA  . ASP A 1 41  ? -7.057  17.301  8.932   1.00 19.24 ? 39  ASP A CA  1 
ATOM   321  C  C   . ASP A 1 41  ? -7.440  17.991  7.618   1.00 19.12 ? 39  ASP A C   1 
ATOM   322  O  O   . ASP A 1 41  ? -7.189  19.190  7.404   1.00 21.42 ? 39  ASP A O   1 
ATOM   323  C  CB  . ASP A 1 41  ? -8.229  17.284  9.947   1.00 20.43 ? 39  ASP A CB  1 
ATOM   324  C  CG  . ASP A 1 41  ? -8.043  16.234  11.046  1.00 20.39 ? 39  ASP A CG  1 
ATOM   325  O  OD1 . ASP A 1 41  ? -8.481  15.032  10.904  1.00 20.08 ? 39  ASP A OD1 1 
ATOM   326  O  OD2 . ASP A 1 41  ? -7.444  16.640  12.069  1.00 20.41 ? 39  ASP A OD2 1 
ATOM   327  N  N   . GLY A 1 42  ? -7.959  17.185  6.699   1.00 20.24 ? 40  GLY A N   1 
ATOM   328  C  CA  . GLY A 1 42  ? -8.271  17.641  5.355   1.00 19.58 ? 40  GLY A CA  1 
ATOM   329  C  C   . GLY A 1 42  ? -7.070  17.741  4.426   1.00 18.20 ? 40  GLY A C   1 
ATOM   330  O  O   . GLY A 1 42  ? -7.236  17.986  3.236   1.00 19.61 ? 40  GLY A O   1 
ATOM   331  N  N   . SER A 1 43  ? -5.864  17.527  4.952   1.00 16.68 ? 41  SER A N   1 
ATOM   332  C  CA  . SER A 1 43  ? -4.656  17.693  4.166   1.00 15.58 ? 41  SER A CA  1 
ATOM   333  C  C   . SER A 1 43  ? -3.835  16.412  4.026   1.00 14.88 ? 41  SER A C   1 
ATOM   334  O  O   . SER A 1 43  ? -3.599  15.949  2.908   1.00 16.47 ? 41  SER A O   1 
ATOM   335  C  CB  . SER A 1 43  ? -3.776  18.775  4.785   1.00 15.13 ? 41  SER A CB  1 
ATOM   336  O  OG  . SER A 1 43  ? -2.600  18.943  4.021   1.00 15.33 ? 41  SER A OG  1 
ATOM   337  N  N   . ASN A 1 44  ? -3.362  15.854  5.134   1.00 13.61 ? 42  ASN A N   1 
ATOM   338  C  CA  . ASN A 1 44  ? -2.508  14.673  5.061   1.00 13.28 ? 42  ASN A CA  1 
ATOM   339  C  C   . ASN A 1 44  ? -2.874  13.585  6.051   1.00 12.84 ? 42  ASN A C   1 
ATOM   340  O  O   . ASN A 1 44  ? -2.033  12.762  6.379   1.00 13.04 ? 42  ASN A O   1 
ATOM   341  C  CB  . ASN A 1 44  ? -1.050  15.072  5.257   1.00 12.83 ? 42  ASN A CB  1 
ATOM   342  C  CG  . ASN A 1 44  ? -0.774  15.584  6.660   1.00 12.91 ? 42  ASN A CG  1 
ATOM   343  O  OD1 . ASN A 1 44  ? -1.717  15.806  7.430   1.00 13.15 ? 42  ASN A OD1 1 
ATOM   344  N  ND2 . ASN A 1 44  ? 0.484   15.794  6.993   1.00 13.08 ? 42  ASN A ND2 1 
ATOM   345  N  N   . THR A 1 45  ? -4.112  13.570  6.528   1.00 13.52 ? 43  THR A N   1 
ATOM   346  C  CA  . THR A 1 45  ? -4.540  12.520  7.456   1.00 13.48 ? 43  THR A CA  1 
ATOM   347  C  C   . THR A 1 45  ? -4.889  11.216  6.765   1.00 13.65 ? 43  THR A C   1 
ATOM   348  O  O   . THR A 1 45  ? -4.703  10.144  7.356   1.00 14.25 ? 43  THR A O   1 
ATOM   349  C  CB  . THR A 1 45  ? -5.782  12.933  8.272   1.00 13.62 ? 43  THR A CB  1 
ATOM   350  O  OG1 . THR A 1 45  ? -6.830  13.308  7.374   1.00 14.35 ? 43  THR A OG1 1 
ATOM   351  C  CG2 . THR A 1 45  ? -5.460  14.063  9.261   1.00 14.01 ? 43  THR A CG2 1 
ATOM   352  N  N   . GLY A 1 46  ? -5.409  11.311  5.552   1.00 14.19 ? 44  GLY A N   1 
ATOM   353  C  CA  . GLY A 1 46  ? -6.048  10.172  4.915   1.00 14.40 ? 44  GLY A CA  1 
ATOM   354  C  C   . GLY A 1 46  ? -7.414  9.982   5.528   1.00 14.25 ? 44  GLY A C   1 
ATOM   355  O  O   . GLY A 1 46  ? -7.906  10.840  6.265   1.00 15.59 ? 44  GLY A O   1 
ATOM   356  N  N   . GLY A 1 47  ? -8.053  8.866   5.203   1.00 14.27 ? 45  GLY A N   1 
ATOM   357  C  CA  . GLY A 1 47  ? -9.395  8.595   5.672   1.00 14.42 ? 45  GLY A CA  1 
ATOM   358  C  C   . GLY A 1 47  ? -9.662  7.106   5.689   1.00 14.24 ? 45  GLY A C   1 
ATOM   359  O  O   . GLY A 1 47  ? -8.996  6.333   4.963   1.00 13.63 ? 45  GLY A O   1 
ATOM   360  N  N   . PHE A 1 48  ? -10.619 6.718   6.529   1.00 14.70 ? 46  PHE A N   1 
ATOM   361  C  CA  . PHE A 1 48  ? -11.000 5.324   6.743   1.00 14.58 ? 46  PHE A CA  1 
ATOM   362  C  C   . PHE A 1 48  ? -12.381 5.042   6.147   1.00 15.72 ? 46  PHE A C   1 
ATOM   363  O  O   . PHE A 1 48  ? -13.281 5.908   6.139   1.00 15.64 ? 46  PHE A O   1 
ATOM   364  C  CB  . PHE A 1 48  ? -11.011 4.987   8.225   1.00 14.64 ? 46  PHE A CB  1 
ATOM   365  C  CG  . PHE A 1 48  ? -9.649  4.986   8.850   1.00 14.32 ? 46  PHE A CG  1 
ATOM   366  C  CD1 . PHE A 1 48  ? -9.179  6.112   9.497   1.00 14.90 ? 46  PHE A CD1 1 
ATOM   367  C  CD2 . PHE A 1 48  ? -8.831  3.864   8.782   1.00 14.71 ? 46  PHE A CD2 1 
ATOM   368  C  CE1 . PHE A 1 48  ? -7.934  6.123   10.077  1.00 14.86 ? 46  PHE A CE1 1 
ATOM   369  C  CE2 . PHE A 1 48  ? -7.571  3.880   9.353   1.00 14.72 ? 46  PHE A CE2 1 
ATOM   370  C  CZ  . PHE A 1 48  ? -7.128  5.012   10.002  1.00 14.55 ? 46  PHE A CZ  1 
ATOM   371  N  N   . ASN A 1 49  ? -12.527 3.826   5.629   1.00 16.17 ? 47  ASN A N   1 
ATOM   372  C  CA  . ASN A 1 49  ? -13.818 3.317   5.176   1.00 16.96 ? 47  ASN A CA  1 
ATOM   373  C  C   . ASN A 1 49  ? -14.013 1.931   5.766   1.00 16.52 ? 47  ASN A C   1 
ATOM   374  O  O   . ASN A 1 49  ? -13.220 1.027   5.513   1.00 16.86 ? 47  ASN A O   1 
ATOM   375  C  CB  . ASN A 1 49  ? -13.879 3.248   3.658   1.00 17.37 ? 47  ASN A CB  1 
ATOM   376  C  CG  . ASN A 1 49  ? -15.109 2.522   3.167   1.00 18.79 ? 47  ASN A CG  1 
ATOM   377  O  OD1 . ASN A 1 49  ? -16.192 2.712   3.697   1.00 19.33 ? 47  ASN A OD1 1 
ATOM   378  N  ND2 . ASN A 1 49  ? -14.941 1.679   2.160   1.00 19.44 ? 47  ASN A ND2 1 
ATOM   379  N  N   . PRO A 1 50  ? -15.083 1.727   6.547   1.00 16.64 ? 48  PRO A N   1 
ATOM   380  C  CA  . PRO A 1 50  ? -16.164 2.658   6.833   1.00 16.84 ? 48  PRO A CA  1 
ATOM   381  C  C   . PRO A 1 50  ? -15.873 3.664   7.942   1.00 16.72 ? 48  PRO A C   1 
ATOM   382  O  O   . PRO A 1 50  ? -16.658 4.593   8.132   1.00 17.06 ? 48  PRO A O   1 
ATOM   383  C  CB  . PRO A 1 50  ? -17.313 1.738   7.250   1.00 17.30 ? 48  PRO A CB  1 
ATOM   384  C  CG  . PRO A 1 50  ? -16.666 0.530   7.806   1.00 17.88 ? 48  PRO A CG  1 
ATOM   385  C  CD  . PRO A 1 50  ? -15.380 0.365   7.031   1.00 16.91 ? 48  PRO A CD  1 
ATOM   386  N  N   . GLY A 1 51  ? -14.756 3.507   8.642   1.00 15.42 ? 49  GLY A N   1 
ATOM   387  C  CA  . GLY A 1 51  ? -14.462 4.333   9.805   1.00 15.59 ? 49  GLY A CA  1 
ATOM   388  C  C   . GLY A 1 51  ? -15.070 3.740   11.057  1.00 15.87 ? 49  GLY A C   1 
ATOM   389  O  O   . GLY A 1 51  ? -15.718 2.690   10.992  1.00 16.78 ? 49  GLY A O   1 
ATOM   390  N  N   . PRO A 1 52  ? -14.888 4.405   12.203  1.00 16.10 ? 50  PRO A N   1 
ATOM   391  C  CA  . PRO A 1 52  ? -14.251 5.717   12.344  1.00 15.37 ? 50  PRO A CA  1 
ATOM   392  C  C   . PRO A 1 52  ? -12.724 5.678   12.177  1.00 14.99 ? 50  PRO A C   1 
ATOM   393  O  O   . PRO A 1 52  ? -12.223 6.238   11.218  1.00 15.96 ? 50  PRO A O   1 
ATOM   394  C  CB  . PRO A 1 52  ? -14.659 6.169   13.753  1.00 15.93 ? 50  PRO A CB  1 
ATOM   395  C  CG  . PRO A 1 52  ? -15.062 4.940   14.488  1.00 16.36 ? 50  PRO A CG  1 
ATOM   396  C  CD  . PRO A 1 52  ? -15.424 3.893   13.479  1.00 16.37 ? 50  PRO A CD  1 
ATOM   397  N  N   . PHE A 1 53  ? -12.017 5.004   13.073  1.00 15.46 ? 51  PHE A N   1 
ATOM   398  C  CA  . PHE A 1 53  ? -10.562 4.843   12.936  1.00 15.76 ? 51  PHE A CA  1 
ATOM   399  C  C   . PHE A 1 53  ? -10.226 3.375   12.744  1.00 16.50 ? 51  PHE A C   1 
ATOM   400  O  O   . PHE A 1 53  ? -9.225  2.853   13.235  1.00 16.36 ? 51  PHE A O   1 
ATOM   401  C  CB  . PHE A 1 53  ? -9.858  5.498   14.122  1.00 15.75 ? 51  PHE A CB  1 
ATOM   402  C  CG  . PHE A 1 53  ? -10.183 6.956   14.232  1.00 15.28 ? 51  PHE A CG  1 
ATOM   403  C  CD1 . PHE A 1 53  ? -11.160 7.399   15.116  1.00 15.16 ? 51  PHE A CD1 1 
ATOM   404  C  CD2 . PHE A 1 53  ? -9.605  7.866   13.369  1.00 15.12 ? 51  PHE A CD2 1 
ATOM   405  C  CE1 . PHE A 1 53  ? -11.506 8.735   15.167  1.00 15.57 ? 51  PHE A CE1 1 
ATOM   406  C  CE2 . PHE A 1 53  ? -9.950  9.213   13.413  1.00 15.26 ? 51  PHE A CE2 1 
ATOM   407  C  CZ  . PHE A 1 53  ? -10.905 9.646   14.321  1.00 15.28 ? 51  PHE A CZ  1 
ATOM   408  N  N   . ASP A 1 54  ? -11.104 2.733   11.983  1.00 17.51 ? 52  ASP A N   1 
ATOM   409  C  CA  . ASP A 1 54  ? -10.985 1.344   11.586  1.00 18.40 ? 52  ASP A CA  1 
ATOM   410  C  C   . ASP A 1 54  ? -11.582 1.271   10.216  1.00 17.65 ? 52  ASP A C   1 
ATOM   411  O  O   . ASP A 1 54  ? -12.445 2.068   9.864   1.00 17.13 ? 52  ASP A O   1 
ATOM   412  C  CB  . ASP A 1 54  ? -11.765 0.434   12.523  1.00 20.96 ? 52  ASP A CB  1 
ATOM   413  C  CG  . ASP A 1 54  ? -11.339 0.597   13.955  1.00 24.76 ? 52  ASP A CG  1 
ATOM   414  O  OD1 . ASP A 1 54  ? -10.421 -0.124  14.367  1.00 27.34 ? 52  ASP A OD1 1 
ATOM   415  O  OD2 . ASP A 1 54  ? -11.891 1.484   14.660  1.00 28.59 ? 52  ASP A OD2 1 
ATOM   416  N  N   . GLY A 1 55  ? -11.113 0.328   9.416   1.00 17.56 ? 53  GLY A N   1 
ATOM   417  C  CA  . GLY A 1 55  ? -11.687 0.176   8.109   1.00 18.03 ? 53  GLY A CA  1 
ATOM   418  C  C   . GLY A 1 55  ? -11.216 -1.030  7.351   1.00 17.67 ? 53  GLY A C   1 
ATOM   419  O  O   . GLY A 1 55  ? -10.172 -1.614  7.667   1.00 17.46 ? 53  GLY A O   1 
ATOM   420  N  N   . SER A 1 56  ? -11.991 -1.384  6.335   1.00 16.64 ? 54  SER A N   1 
ATOM   421  C  CA  . SER A 1 56  ? -11.506 -2.296  5.319   1.00 15.93 ? 54  SER A CA  1 
ATOM   422  C  C   . SER A 1 56  ? -10.607 -1.524  4.365   1.00 16.32 ? 54  SER A C   1 
ATOM   423  O  O   . SER A 1 56  ? -9.904  -2.120  3.558   1.00 16.38 ? 54  SER A O   1 
ATOM   424  C  CB  . SER A 1 56  ? -12.670 -2.950  4.574   1.00 16.71 ? 54  SER A CB  1 
ATOM   425  O  OG  . SER A 1 56  ? -13.491 -1.988  3.978   1.00 17.84 ? 54  SER A OG  1 
ATOM   426  N  N   . GLN A 1 57  ? -10.640 -0.193  4.423   1.00 15.95 ? 55  GLN A N   1 
ATOM   427  C  CA  . GLN A 1 57  ? -9.722  0.628   3.627   1.00 15.82 ? 55  GLN A CA  1 
ATOM   428  C  C   . GLN A 1 57  ? -9.211  1.805   4.445   1.00 15.28 ? 55  GLN A C   1 
ATOM   429  O  O   . GLN A 1 57  ? -9.954  2.393   5.230   1.00 15.06 ? 55  GLN A O   1 
ATOM   430  C  CB  . GLN A 1 57  ? -10.404 1.197   2.396   1.00 16.29 ? 55  GLN A CB  1 
ATOM   431  C  CG  . GLN A 1 57  ? -10.973 0.196   1.404   1.00 16.63 ? 55  GLN A CG  1 
ATOM   432  C  CD  . GLN A 1 57  ? -11.683 0.895   0.264   1.00 17.68 ? 55  GLN A CD  1 
ATOM   433  O  OE1 . GLN A 1 57  ? -12.540 1.749   0.498   1.00 18.49 ? 55  GLN A OE1 1 
ATOM   434  N  NE2 . GLN A 1 57  ? -11.299 0.588   -0.965  1.00 18.54 ? 55  GLN A NE2 1 
ATOM   435  N  N   . TYR A 1 58  ? -7.943  2.141   4.231   1.00 14.14 ? 56  TYR A N   1 
ATOM   436  C  CA  . TYR A 1 58  ? -7.348  3.417   4.612   1.00 13.60 ? 56  TYR A CA  1 
ATOM   437  C  C   . TYR A 1 58  ? -6.705  3.974   3.360   1.00 13.76 ? 56  TYR A C   1 
ATOM   438  O  O   . TYR A 1 58  ? -5.889  3.286   2.720   1.00 13.28 ? 56  TYR A O   1 
ATOM   439  C  CB  . TYR A 1 58  ? -6.318  3.241   5.713   1.00 13.59 ? 56  TYR A CB  1 
ATOM   440  C  CG  . TYR A 1 58  ? -5.525  4.496   5.955   1.00 13.47 ? 56  TYR A CG  1 
ATOM   441  C  CD1 . TYR A 1 58  ? -6.110  5.602   6.560   1.00 13.78 ? 56  TYR A CD1 1 
ATOM   442  C  CD2 . TYR A 1 58  ? -4.201  4.600   5.547   1.00 14.16 ? 56  TYR A CD2 1 
ATOM   443  C  CE1 . TYR A 1 58  ? -5.391  6.765   6.755   1.00 13.46 ? 56  TYR A CE1 1 
ATOM   444  C  CE2 . TYR A 1 58  ? -3.478  5.761   5.750   1.00 14.35 ? 56  TYR A CE2 1 
ATOM   445  C  CZ  . TYR A 1 58  ? -4.081  6.841   6.356   1.00 14.05 ? 56  TYR A CZ  1 
ATOM   446  O  OH  . TYR A 1 58  ? -3.363  7.998   6.551   1.00 14.87 ? 56  TYR A OH  1 
ATOM   447  N  N   . ALA A 1 59  ? -7.059  5.203   2.997   1.00 12.99 ? 57  ALA A N   1 
ATOM   448  C  CA  . ALA A 1 59  ? -6.624  5.800   1.745   1.00 13.63 ? 57  ALA A CA  1 
ATOM   449  C  C   . ALA A 1 59  ? -6.062  7.192   1.964   1.00 14.50 ? 57  ALA A C   1 
ATOM   450  O  O   . ALA A 1 59  ? -6.510  7.922   2.855   1.00 14.93 ? 57  ALA A O   1 
ATOM   451  C  CB  . ALA A 1 59  ? -7.770  5.856   0.763   1.00 14.04 ? 57  ALA A CB  1 
ATOM   452  N  N   . LEU A 1 60  ? -5.075  7.549   1.155   1.00 14.43 ? 58  LEU A N   1 
ATOM   453  C  CA  . LEU A 1 60  ? -4.422  8.838   1.279   1.00 15.11 ? 58  LEU A CA  1 
ATOM   454  C  C   . LEU A 1 60  ? -3.965  9.346   -0.073  1.00 15.76 ? 58  LEU A C   1 
ATOM   455  O  O   . LEU A 1 60  ? -3.346  8.608   -0.844  1.00 15.71 ? 58  LEU A O   1 
ATOM   456  C  CB  . LEU A 1 60  ? -3.231  8.746   2.235   1.00 14.76 ? 58  LEU A CB  1 
ATOM   457  C  CG  . LEU A 1 60  ? -2.331  9.973   2.402   1.00 15.18 ? 58  LEU A CG  1 
ATOM   458  C  CD1 . LEU A 1 60  ? -3.090  11.101  3.067   1.00 15.39 ? 58  LEU A CD1 1 
ATOM   459  C  CD2 . LEU A 1 60  ? -1.097  9.601   3.196   1.00 15.45 ? 58  LEU A CD2 1 
ATOM   460  N  N   A LYS A 1 61  ? -4.285  10.601  -0.368  0.60 16.29 ? 59  LYS A N   1 
ATOM   461  N  N   B LYS A 1 61  ? -4.276  10.611  -0.339  0.40 16.52 ? 59  LYS A N   1 
ATOM   462  C  CA  A LYS A 1 61  ? -3.763  11.298  -1.542  0.60 17.22 ? 59  LYS A CA  1 
ATOM   463  C  CA  B LYS A 1 61  ? -3.777  11.340  -1.495  0.40 17.34 ? 59  LYS A CA  1 
ATOM   464  C  C   A LYS A 1 61  ? -2.529  12.117  -1.173  0.60 17.19 ? 59  LYS A C   1 
ATOM   465  C  C   B LYS A 1 61  ? -2.488  12.075  -1.134  0.40 17.34 ? 59  LYS A C   1 
ATOM   466  O  O   A LYS A 1 61  ? -2.456  12.714  -0.099  0.60 17.30 ? 59  LYS A O   1 
ATOM   467  O  O   B LYS A 1 61  ? -2.327  12.550  -0.008  0.40 17.31 ? 59  LYS A O   1 
ATOM   468  C  CB  A LYS A 1 61  ? -4.819  12.235  -2.131  0.60 18.02 ? 59  LYS A CB  1 
ATOM   469  C  CB  B LYS A 1 61  ? -4.810  12.373  -1.941  0.40 18.13 ? 59  LYS A CB  1 
ATOM   470  C  CG  A LYS A 1 61  ? -4.350  13.044  -3.341  0.60 18.58 ? 59  LYS A CG  1 
ATOM   471  C  CG  B LYS A 1 61  ? -6.140  11.783  -2.380  0.40 18.76 ? 59  LYS A CG  1 
ATOM   472  C  CD  A LYS A 1 61  ? -5.214  14.278  -3.581  0.60 18.73 ? 59  LYS A CD  1 
ATOM   473  C  CD  B LYS A 1 61  ? -7.104  12.860  -2.852  0.40 19.36 ? 59  LYS A CD  1 
ATOM   474  C  CE  A LYS A 1 61  ? -4.619  15.194  -4.647  0.60 18.68 ? 59  LYS A CE  1 
ATOM   475  C  CE  B LYS A 1 61  ? -7.760  13.587  -1.689  0.40 19.80 ? 59  LYS A CE  1 
ATOM   476  N  NZ  A LYS A 1 61  ? -3.523  16.061  -4.148  0.60 19.60 ? 59  LYS A NZ  1 
ATOM   477  N  NZ  B LYS A 1 61  ? -8.606  14.715  -2.169  0.40 20.28 ? 59  LYS A NZ  1 
ATOM   478  N  N   . SER A 1 62  ? -1.563  12.162  -2.086  1.00 17.33 ? 60  SER A N   1 
ATOM   479  C  CA  . SER A 1 62  ? -0.409  13.025  -1.935  1.00 17.91 ? 60  SER A CA  1 
ATOM   480  C  C   . SER A 1 62  ? -0.842  14.504  -1.933  1.00 17.93 ? 60  SER A C   1 
ATOM   481  O  O   . SER A 1 62  ? -1.830  14.877  -2.580  1.00 18.74 ? 60  SER A O   1 
ATOM   482  C  CB  . SER A 1 62  ? 0.561   12.809  -3.098  1.00 17.96 ? 60  SER A CB  1 
ATOM   483  O  OG  . SER A 1 62  ? 1.653   13.680  -2.975  1.00 19.90 ? 60  SER A OG  1 
ATOM   484  N  N   . THR A 1 63  ? -0.102  15.349  -1.227  1.00 18.41 ? 61  THR A N   1 
ATOM   485  C  CA  . THR A 1 63  ? -0.354  16.791  -1.273  1.00 19.24 ? 61  THR A CA  1 
ATOM   486  C  C   . THR A 1 63  ? 0.415   17.451  -2.425  1.00 19.36 ? 61  THR A C   1 
ATOM   487  O  O   . THR A 1 63  ? 0.114   18.581  -2.826  1.00 19.23 ? 61  THR A O   1 
ATOM   488  C  CB  . THR A 1 63  ? 0.009   17.459  0.067   1.00 20.65 ? 61  THR A CB  1 
ATOM   489  O  OG1 . THR A 1 63  ? 1.262   16.952  0.519   1.00 22.42 ? 61  THR A OG1 1 
ATOM   490  C  CG2 . THR A 1 63  ? -1.056  17.152  1.111   1.00 21.21 ? 61  THR A CG2 1 
ATOM   491  N  N   . ALA A 1 64  ? 1.388   16.737  -2.986  1.00 18.60 ? 62  ALA A N   1 
ATOM   492  C  CA  . ALA A 1 64  ? 2.220   17.279  -4.073  1.00 19.19 ? 62  ALA A CA  1 
ATOM   493  C  C   . ALA A 1 64  ? 1.759   16.888  -5.476  1.00 19.51 ? 62  ALA A C   1 
ATOM   494  O  O   . ALA A 1 64  ? 2.257   17.431  -6.463  1.00 20.20 ? 62  ALA A O   1 
ATOM   495  C  CB  . ALA A 1 64  ? 3.661   16.855  -3.872  1.00 19.18 ? 62  ALA A CB  1 
ATOM   496  N  N   . SER A 1 65  ? 0.815   15.956  -5.565  1.00 19.75 ? 63  SER A N   1 
ATOM   497  C  CA  . SER A 1 65  ? 0.329   15.420  -6.826  1.00 19.50 ? 63  SER A CA  1 
ATOM   498  C  C   . SER A 1 65  ? -0.986  14.686  -6.606  1.00 19.77 ? 63  SER A C   1 
ATOM   499  O  O   . SER A 1 65  ? -1.473  14.579  -5.474  1.00 18.26 ? 63  SER A O   1 
ATOM   500  C  CB  . SER A 1 65  ? 1.352   14.449  -7.425  1.00 20.07 ? 63  SER A CB  1 
ATOM   501  O  OG  . SER A 1 65  ? 1.364   13.213  -6.731  1.00 20.54 ? 63  SER A OG  1 
ATOM   502  N  N   . ASP A 1 66  ? -1.545  14.146  -7.684  1.00 20.95 ? 64  ASP A N   1 
ATOM   503  C  CA  . ASP A 1 66  ? -2.759  13.346  -7.575  1.00 21.94 ? 64  ASP A CA  1 
ATOM   504  C  C   . ASP A 1 66  ? -2.456  11.881  -7.261  1.00 19.78 ? 64  ASP A C   1 
ATOM   505  O  O   . ASP A 1 66  ? -3.376  11.075  -7.195  1.00 20.17 ? 64  ASP A O   1 
ATOM   506  C  CB  . ASP A 1 66  ? -3.628  13.480  -8.831  1.00 25.20 ? 64  ASP A CB  1 
ATOM   507  C  CG  . ASP A 1 66  ? -4.560  14.692  -8.772  1.00 28.45 ? 64  ASP A CG  1 
ATOM   508  O  OD1 . ASP A 1 66  ? -5.254  14.877  -7.744  1.00 32.54 ? 64  ASP A OD1 1 
ATOM   509  O  OD2 . ASP A 1 66  ? -4.605  15.458  -9.759  1.00 33.29 ? 64  ASP A OD2 1 
ATOM   510  N  N   . ALA A 1 67  ? -1.186  11.546  -7.026  1.00 18.68 ? 65  ALA A N   1 
ATOM   511  C  CA  . ALA A 1 67  ? -0.831  10.186  -6.612  1.00 18.26 ? 65  ALA A CA  1 
ATOM   512  C  C   . ALA A 1 67  ? -1.539  9.849   -5.307  1.00 17.91 ? 65  ALA A C   1 
ATOM   513  O  O   . ALA A 1 67  ? -1.711  10.722  -4.443  1.00 17.56 ? 65  ALA A O   1 
ATOM   514  C  CB  . ALA A 1 67  ? 0.667   10.044  -6.444  1.00 17.96 ? 65  ALA A CB  1 
ATOM   515  N  N   . ALA A 1 68  ? -1.970  8.595   -5.180  1.00 17.28 ? 66  ALA A N   1 
ATOM   516  C  CA  . ALA A 1 68  ? -2.682  8.137   -3.993  1.00 16.57 ? 66  ALA A CA  1 
ATOM   517  C  C   . ALA A 1 68  ? -2.533  6.643   -3.819  1.00 16.01 ? 66  ALA A C   1 
ATOM   518  O  O   . ALA A 1 68  ? -2.259  5.920   -4.790  1.00 15.19 ? 66  ALA A O   1 
ATOM   519  C  CB  . ALA A 1 68  ? -4.152  8.492   -4.093  1.00 16.34 ? 66  ALA A CB  1 
ATOM   520  N  N   . PHE A 1 69  ? -2.715  6.182   -2.589  1.00 15.04 ? 67  PHE A N   1 
ATOM   521  C  CA  . PHE A 1 69  ? -2.775  4.748   -2.308  1.00 15.02 ? 67  PHE A CA  1 
ATOM   522  C  C   . PHE A 1 69  ? -4.015  4.387   -1.518  1.00 15.44 ? 67  PHE A C   1 
ATOM   523  O  O   . PHE A 1 69  ? -4.602  5.232   -0.836  1.00 15.51 ? 67  PHE A O   1 
ATOM   524  C  CB  . PHE A 1 69  ? -1.513  4.235   -1.606  1.00 14.80 ? 67  PHE A CB  1 
ATOM   525  C  CG  . PHE A 1 69  ? -1.371  4.655   -0.168  1.00 14.94 ? 67  PHE A CG  1 
ATOM   526  C  CD1 . PHE A 1 69  ? -0.569  5.741   0.183   1.00 14.89 ? 67  PHE A CD1 1 
ATOM   527  C  CD2 . PHE A 1 69  ? -1.978  3.932   0.851   1.00 15.69 ? 67  PHE A CD2 1 
ATOM   528  C  CE1 . PHE A 1 69  ? -0.420  6.120   1.504   1.00 14.91 ? 67  PHE A CE1 1 
ATOM   529  C  CE2 . PHE A 1 69  ? -1.826  4.307   2.169   1.00 15.83 ? 67  PHE A CE2 1 
ATOM   530  C  CZ  . PHE A 1 69  ? -1.043  5.403   2.501   1.00 15.80 ? 67  PHE A CZ  1 
ATOM   531  N  N   . ILE A 1 70  ? -4.416  3.125   -1.637  1.00 15.41 ? 68  ILE A N   1 
ATOM   532  C  CA  . ILE A 1 70  ? -5.462  2.555   -0.808  1.00 15.39 ? 68  ILE A CA  1 
ATOM   533  C  C   . ILE A 1 70  ? -4.916  1.292   -0.183  1.00 15.05 ? 68  ILE A C   1 
ATOM   534  O  O   . ILE A 1 70  ? -4.545  0.347   -0.906  1.00 14.55 ? 68  ILE A O   1 
ATOM   535  C  CB  . ILE A 1 70  ? -6.736  2.188   -1.597  1.00 15.41 ? 68  ILE A CB  1 
ATOM   536  C  CG1 . ILE A 1 70  ? -7.250  3.394   -2.370  1.00 16.23 ? 68  ILE A CG1 1 
ATOM   537  C  CG2 . ILE A 1 70  ? -7.803  1.640   -0.645  1.00 16.25 ? 68  ILE A CG2 1 
ATOM   538  C  CD1 . ILE A 1 70  ? -8.400  3.052   -3.291  1.00 16.10 ? 68  ILE A CD1 1 
ATOM   539  N  N   . ALA A 1 71  ? -4.837  1.276   1.140   1.00 14.59 ? 69  ALA A N   1 
ATOM   540  C  CA  . ALA A 1 71  ? -4.505  0.071   1.896   1.00 14.48 ? 69  ALA A CA  1 
ATOM   541  C  C   . ALA A 1 71  ? -5.790  -0.636  2.244   1.00 15.36 ? 69  ALA A C   1 
ATOM   542  O  O   . ALA A 1 71  ? -6.727  -0.007  2.712   1.00 15.91 ? 69  ALA A O   1 
ATOM   543  C  CB  . ALA A 1 71  ? -3.716  0.399   3.143   1.00 14.74 ? 69  ALA A CB  1 
ATOM   544  N  N   . GLY A 1 72  ? -5.835  -1.945  2.030   1.00 15.18 ? 70  GLY A N   1 
ATOM   545  C  CA  . GLY A 1 72  ? -7.047  -2.721  2.271   1.00 15.41 ? 70  GLY A CA  1 
ATOM   546  C  C   . GLY A 1 72  ? -6.819  -3.931  3.156   1.00 15.11 ? 70  GLY A C   1 
ATOM   547  O  O   . GLY A 1 72  ? -5.743  -4.535  3.167   1.00 15.91 ? 70  GLY A O   1 
ATOM   548  N  N   . GLY A 1 73  ? -7.835  -4.278  3.940   1.00 14.90 ? 71  GLY A N   1 
ATOM   549  C  CA  . GLY A 1 73  ? -7.772  -5.445  4.797   1.00 14.96 ? 71  GLY A CA  1 
ATOM   550  C  C   . GLY A 1 73  ? -8.787  -5.325  5.918   1.00 15.08 ? 71  GLY A C   1 
ATOM   551  O  O   . GLY A 1 73  ? -9.955  -5.037  5.654   1.00 16.03 ? 71  GLY A O   1 
ATOM   552  N  N   . ASP A 1 74  ? -8.329  -5.554  7.139   1.00 15.27 ? 72  ASP A N   1 
ATOM   553  C  CA  . ASP A 1 74  ? -9.117  -5.328  8.363   1.00 16.12 ? 72  ASP A CA  1 
ATOM   554  C  C   . ASP A 1 74  ? -8.236  -4.519  9.303   1.00 14.88 ? 72  ASP A C   1 
ATOM   555  O  O   . ASP A 1 74  ? -7.503  -5.067  10.109  1.00 14.31 ? 72  ASP A O   1 
ATOM   556  C  CB  . ASP A 1 74  ? -9.545  -6.657  8.993   1.00 17.86 ? 72  ASP A CB  1 
ATOM   557  C  CG  . ASP A 1 74  ? -10.498 -6.473  10.156  1.00 21.09 ? 72  ASP A CG  1 
ATOM   558  O  OD1 . ASP A 1 74  ? -11.048 -5.371  10.286  1.00 22.97 ? 72  ASP A OD1 1 
ATOM   559  O  OD2 . ASP A 1 74  ? -10.697 -7.434  10.936  1.00 23.34 ? 72  ASP A OD2 1 
ATOM   560  N  N   . LEU A 1 75  ? -8.290  -3.199  9.143   1.00 14.85 ? 73  LEU A N   1 
ATOM   561  C  CA  . LEU A 1 75  ? -7.282  -2.300  9.704   1.00 14.68 ? 73  LEU A CA  1 
ATOM   562  C  C   . LEU A 1 75  ? -7.843  -1.509  10.873  1.00 15.03 ? 73  LEU A C   1 
ATOM   563  O  O   . LEU A 1 75  ? -9.004  -1.144  10.859  1.00 15.83 ? 73  LEU A O   1 
ATOM   564  C  CB  . LEU A 1 75  ? -6.798  -1.331  8.619   1.00 15.41 ? 73  LEU A CB  1 
ATOM   565  C  CG  . LEU A 1 75  ? -6.010  -2.001  7.482   1.00 15.44 ? 73  LEU A CG  1 
ATOM   566  C  CD1 . LEU A 1 75  ? -5.879  -1.061  6.301   1.00 16.04 ? 73  LEU A CD1 1 
ATOM   567  C  CD2 . LEU A 1 75  ? -4.647  -2.480  7.954   1.00 16.34 ? 73  LEU A CD2 1 
ATOM   568  N  N   . HIS A 1 76  ? -6.983  -1.236  11.848  1.00 14.03 ? 74  HIS A N   1 
ATOM   569  C  CA  . HIS A 1 76  ? -7.351  -0.506  13.067  1.00 13.87 ? 74  HIS A CA  1 
ATOM   570  C  C   . HIS A 1 76  ? -6.301  0.542   13.353  1.00 13.29 ? 74  HIS A C   1 
ATOM   571  O  O   . HIS A 1 76  ? -5.116  0.286   13.221  1.00 13.44 ? 74  HIS A O   1 
ATOM   572  C  CB  . HIS A 1 76  ? -7.459  -1.467  14.240  1.00 15.33 ? 74  HIS A CB  1 
ATOM   573  C  CG  . HIS A 1 76  ? -8.276  -2.679  13.933  1.00 17.03 ? 74  HIS A CG  1 
ATOM   574  N  ND1 . HIS A 1 76  ? -9.645  -2.636  13.783  1.00 20.11 ? 74  HIS A ND1 1 
ATOM   575  C  CD2 . HIS A 1 76  ? -7.913  -3.963  13.704  1.00 18.84 ? 74  HIS A CD2 1 
ATOM   576  C  CE1 . HIS A 1 76  ? -10.091 -3.845  13.491  1.00 20.24 ? 74  HIS A CE1 1 
ATOM   577  N  NE2 . HIS A 1 76  ? -9.062  -4.668  13.441  1.00 20.51 ? 74  HIS A NE2 1 
ATOM   578  N  N   . TYR A 1 77  ? -6.734  1.717   13.776  1.00 11.96 ? 75  TYR A N   1 
ATOM   579  C  CA  . TYR A 1 77  ? -5.817  2.797   14.058  1.00 11.71 ? 75  TYR A CA  1 
ATOM   580  C  C   . TYR A 1 77  ? -6.133  3.326   15.444  1.00 11.31 ? 75  TYR A C   1 
ATOM   581  O  O   . TYR A 1 77  ? -7.283  3.681   15.727  1.00 12.26 ? 75  TYR A O   1 
ATOM   582  C  CB  . TYR A 1 77  ? -5.957  3.896   13.012  1.00 11.45 ? 75  TYR A CB  1 
ATOM   583  C  CG  . TYR A 1 77  ? -5.023  5.059   13.240  1.00 11.32 ? 75  TYR A CG  1 
ATOM   584  C  CD1 . TYR A 1 77  ? -3.641  4.881   13.177  1.00 11.30 ? 75  TYR A CD1 1 
ATOM   585  C  CD2 . TYR A 1 77  ? -5.514  6.349   13.504  1.00 11.24 ? 75  TYR A CD2 1 
ATOM   586  C  CE1 . TYR A 1 77  ? -2.779  5.920   13.412  1.00 10.95 ? 75  TYR A CE1 1 
ATOM   587  C  CE2 . TYR A 1 77  ? -4.653  7.403   13.708  1.00 11.30 ? 75  TYR A CE2 1 
ATOM   588  C  CZ  . TYR A 1 77  ? -3.288  7.181   13.661  1.00 11.31 ? 75  TYR A CZ  1 
ATOM   589  O  OH  . TYR A 1 77  ? -2.407  8.213   13.859  1.00 12.37 ? 75  TYR A OH  1 
ATOM   590  N  N   . THR A 1 78  ? -5.128  3.385   16.303  1.00 10.87 ? 76  THR A N   1 
ATOM   591  C  CA  . THR A 1 78  ? -5.335  3.743   17.719  1.00 10.81 ? 76  THR A CA  1 
ATOM   592  C  C   . THR A 1 78  ? -5.502  5.238   17.966  1.00 11.21 ? 76  THR A C   1 
ATOM   593  O  O   . THR A 1 78  ? -5.941  5.640   19.039  1.00 11.18 ? 76  THR A O   1 
ATOM   594  C  CB  . THR A 1 78  ? -4.197  3.244   18.599  1.00 10.94 ? 76  THR A CB  1 
ATOM   595  O  OG1 . THR A 1 78  ? -2.987  3.895   18.183  1.00 10.98 ? 76  THR A OG1 1 
ATOM   596  C  CG2 . THR A 1 78  ? -4.067  1.718   18.528  1.00 11.35 ? 76  THR A CG2 1 
ATOM   597  N  N   . LEU A 1 79  ? -5.149  6.057   16.992  1.00 11.57 ? 77  LEU A N   1 
ATOM   598  C  CA  . LEU A 1 79  ? -5.238  7.500   17.136  1.00 12.09 ? 77  LEU A CA  1 
ATOM   599  C  C   . LEU A 1 79  ? -4.483  7.955   18.395  1.00 12.17 ? 77  LEU A C   1 
ATOM   600  O  O   . LEU A 1 79  ? -3.266  7.769   18.467  1.00 12.37 ? 77  LEU A O   1 
ATOM   601  C  CB  . LEU A 1 79  ? -6.703  7.963   17.063  1.00 12.26 ? 77  LEU A CB  1 
ATOM   602  C  CG  . LEU A 1 79  ? -6.904  9.472   16.887  1.00 12.55 ? 77  LEU A CG  1 
ATOM   603  C  CD1 . LEU A 1 79  ? -6.305  10.024  15.600  1.00 13.03 ? 77  LEU A CD1 1 
ATOM   604  C  CD2 . LEU A 1 79  ? -8.387  9.793   16.999  1.00 13.07 ? 77  LEU A CD2 1 
ATOM   605  N  N   . PHE A 1 80  ? -5.144  8.520   19.405  1.00 13.37 ? 78  PHE A N   1 
ATOM   606  C  CA  . PHE A 1 80  ? -4.409  9.073   20.540  1.00 13.66 ? 78  PHE A CA  1 
ATOM   607  C  C   . PHE A 1 80  ? -4.208  8.067   21.673  1.00 13.38 ? 78  PHE A C   1 
ATOM   608  O  O   . PHE A 1 80  ? -3.470  8.336   22.628  1.00 13.90 ? 78  PHE A O   1 
ATOM   609  C  CB  . PHE A 1 80  ? -5.121  10.317  21.087  1.00 15.03 ? 78  PHE A CB  1 
ATOM   610  C  CG  . PHE A 1 80  ? -5.438  11.350  20.031  1.00 16.86 ? 78  PHE A CG  1 
ATOM   611  C  CD1 . PHE A 1 80  ? -4.409  12.044  19.412  1.00 18.12 ? 78  PHE A CD1 1 
ATOM   612  C  CD2 . PHE A 1 80  ? -6.754  11.623  19.666  1.00 17.97 ? 78  PHE A CD2 1 
ATOM   613  C  CE1 . PHE A 1 80  ? -4.677  12.990  18.431  1.00 18.60 ? 78  PHE A CE1 1 
ATOM   614  C  CE2 . PHE A 1 80  ? -7.029  12.566  18.698  1.00 18.86 ? 78  PHE A CE2 1 
ATOM   615  C  CZ  . PHE A 1 80  ? -5.990  13.242  18.076  1.00 18.71 ? 78  PHE A CZ  1 
ATOM   616  N  N   . SER A 1 81  ? -4.845  6.910   21.551  1.00 12.42 ? 79  SER A N   1 
ATOM   617  C  CA  . SER A 1 81  ? -4.852  5.936   22.630  1.00 13.17 ? 79  SER A CA  1 
ATOM   618  C  C   . SER A 1 81  ? -3.738  4.897   22.531  1.00 13.07 ? 79  SER A C   1 
ATOM   619  O  O   . SER A 1 81  ? -3.178  4.634   21.479  1.00 12.76 ? 79  SER A O   1 
ATOM   620  C  CB  . SER A 1 81  ? -6.221  5.288   22.748  1.00 14.08 ? 79  SER A CB  1 
ATOM   621  O  OG  . SER A 1 81  ? -6.479  4.430   21.678  1.00 14.83 ? 79  SER A OG  1 
ATOM   622  N  N   . ASN A 1 82  ? -3.443  4.292   23.668  1.00 13.13 ? 80  ASN A N   1 
ATOM   623  C  CA  . ASN A 1 82  ? -2.273  3.457   23.827  1.00 13.47 ? 80  ASN A CA  1 
ATOM   624  C  C   . ASN A 1 82  ? -2.326  2.169   22.978  1.00 13.03 ? 80  ASN A C   1 
ATOM   625  O  O   . ASN A 1 82  ? -3.321  1.456   22.987  1.00 13.29 ? 80  ASN A O   1 
ATOM   626  C  CB  . ASN A 1 82  ? -2.146  3.108   25.308  1.00 14.81 ? 80  ASN A CB  1 
ATOM   627  C  CG  . ASN A 1 82  ? -0.993  2.201   25.598  1.00 17.22 ? 80  ASN A CG  1 
ATOM   628  O  OD1 . ASN A 1 82  ? -1.194  1.026   25.934  1.00 22.37 ? 80  ASN A OD1 1 
ATOM   629  N  ND2 . ASN A 1 82  ? 0.206   2.724   25.493  1.00 17.64 ? 80  ASN A ND2 1 
ATOM   630  N  N   . PRO A 1 83  ? -1.266  1.867   22.220  1.00 11.85 ? 81  PRO A N   1 
ATOM   631  C  CA  . PRO A 1 83  ? -0.086  2.677   21.903  1.00 11.30 ? 81  PRO A CA  1 
ATOM   632  C  C   . PRO A 1 83  ? -0.445  3.658   20.782  1.00 11.12 ? 81  PRO A C   1 
ATOM   633  O  O   . PRO A 1 83  ? -0.987  3.247   19.767  1.00 11.19 ? 81  PRO A O   1 
ATOM   634  C  CB  . PRO A 1 83  ? 0.918   1.637   21.418  1.00 11.70 ? 81  PRO A CB  1 
ATOM   635  C  CG  . PRO A 1 83  ? 0.083   0.555   20.839  1.00 11.94 ? 81  PRO A CG  1 
ATOM   636  C  CD  . PRO A 1 83  ? -1.262  0.587   21.496  1.00 11.78 ? 81  PRO A CD  1 
ATOM   637  N  N   . SER A 1 84  ? -0.152  4.935   20.986  1.00 10.88 ? 82  SER A N   1 
ATOM   638  C  CA  . SER A 1 84  ? -0.693  5.968   20.118  1.00 11.36 ? 82  SER A CA  1 
ATOM   639  C  C   . SER A 1 84  ? -0.231  5.825   18.672  1.00 10.75 ? 82  SER A C   1 
ATOM   640  O  O   . SER A 1 84  ? 0.871   5.327   18.389  1.00 10.74 ? 82  SER A O   1 
ATOM   641  C  CB  . SER A 1 84  ? -0.326  7.358   20.629  1.00 11.91 ? 82  SER A CB  1 
ATOM   642  O  OG  . SER A 1 84  ? 1.079   7.521   20.621  1.00 13.46 ? 82  SER A OG  1 
ATOM   643  N  N   . HIS A 1 85  ? -1.093  6.298   17.781  1.00 11.27 ? 83  HIS A N   1 
ATOM   644  C  CA  . HIS A 1 85  ? -0.830  6.410   16.353  1.00 11.52 ? 83  HIS A CA  1 
ATOM   645  C  C   . HIS A 1 85  ? -0.272  5.146   15.734  1.00 11.58 ? 83  HIS A C   1 
ATOM   646  O  O   . HIS A 1 85  ? 0.630   5.192   14.894  1.00 11.30 ? 83  HIS A O   1 
ATOM   647  C  CB  . HIS A 1 85  ? 0.067   7.620   16.087  1.00 12.46 ? 83  HIS A CB  1 
ATOM   648  C  CG  . HIS A 1 85  ? -0.515  8.883   16.623  1.00 13.72 ? 83  HIS A CG  1 
ATOM   649  N  ND1 . HIS A 1 85  ? -1.723  9.369   16.187  1.00 14.58 ? 83  HIS A ND1 1 
ATOM   650  C  CD2 . HIS A 1 85  ? -0.118  9.696   17.626  1.00 15.44 ? 83  HIS A CD2 1 
ATOM   651  C  CE1 . HIS A 1 85  ? -2.025  10.463  16.864  1.00 15.85 ? 83  HIS A CE1 1 
ATOM   652  N  NE2 . HIS A 1 85  ? -1.058  10.691  17.731  1.00 15.94 ? 83  HIS A NE2 1 
ATOM   653  N  N   . THR A 1 86  ? -0.874  4.027   16.124  1.00 10.87 ? 84  THR A N   1 
ATOM   654  C  CA  . THR A 1 86  ? -0.541  2.722   15.584  1.00 10.41 ? 84  THR A CA  1 
ATOM   655  C  C   . THR A 1 86  ? -1.637  2.218   14.636  1.00 10.40 ? 84  THR A C   1 
ATOM   656  O  O   . THR A 1 86  ? -2.799  2.077   15.024  1.00 10.67 ? 84  THR A O   1 
ATOM   657  C  CB  . THR A 1 86  ? -0.368  1.710   16.717  1.00 10.50 ? 84  THR A CB  1 
ATOM   658  O  OG1 . THR A 1 86  ? 0.734   2.106   17.540  1.00 10.53 ? 84  THR A OG1 1 
ATOM   659  C  CG2 . THR A 1 86  ? -0.165  0.285   16.164  1.00 10.64 ? 84  THR A CG2 1 
ATOM   660  N  N   . LEU A 1 87  ? -1.239  1.898   13.408  1.00 10.69 ? 85  LEU A N   1 
ATOM   661  C  CA  . LEU A 1 87  ? -2.051  1.167   12.450  1.00 10.72 ? 85  LEU A CA  1 
ATOM   662  C  C   . LEU A 1 87  ? -1.692  -0.305  12.569  1.00 11.23 ? 85  LEU A C   1 
ATOM   663  O  O   . LEU A 1 87  ? -0.538  -0.684  12.387  1.00 11.27 ? 85  LEU A O   1 
ATOM   664  C  CB  . LEU A 1 87  ? -1.786  1.625   11.016  1.00 11.09 ? 85  LEU A CB  1 
ATOM   665  C  CG  . LEU A 1 87  ? -2.748  1.026   9.973   1.00 11.35 ? 85  LEU A CG  1 
ATOM   666  C  CD1 . LEU A 1 87  ? -4.121  1.705   10.031  1.00 11.72 ? 85  LEU A CD1 1 
ATOM   667  C  CD2 . LEU A 1 87  ? -2.157  1.078   8.578   1.00 11.74 ? 85  LEU A CD2 1 
ATOM   668  N  N   . TRP A 1 88  ? -2.677  -1.111  12.901  1.00 11.66 ? 86  TRP A N   1 
ATOM   669  C  CA  . TRP A 1 88  ? -2.463  -2.556  13.074  1.00 12.41 ? 86  TRP A CA  1 
ATOM   670  C  C   . TRP A 1 88  ? -3.621  -3.324  12.450  1.00 12.72 ? 86  TRP A C   1 
ATOM   671  O  O   . TRP A 1 88  ? -4.564  -2.733  11.915  1.00 13.28 ? 86  TRP A O   1 
ATOM   672  C  CB  . TRP A 1 88  ? -2.284  -2.892  14.552  1.00 12.76 ? 86  TRP A CB  1 
ATOM   673  C  CG  . TRP A 1 88  ? -3.460  -2.607  15.397  1.00 13.23 ? 86  TRP A CG  1 
ATOM   674  C  CD1 . TRP A 1 88  ? -3.858  -1.384  15.888  1.00 13.88 ? 86  TRP A CD1 1 
ATOM   675  C  CD2 . TRP A 1 88  ? -4.411  -3.555  15.864  1.00 13.63 ? 86  TRP A CD2 1 
ATOM   676  N  NE1 . TRP A 1 88  ? -5.006  -1.535  16.630  1.00 14.26 ? 86  TRP A NE1 1 
ATOM   677  C  CE2 . TRP A 1 88  ? -5.365  -2.854  16.635  1.00 13.97 ? 86  TRP A CE2 1 
ATOM   678  C  CE3 . TRP A 1 88  ? -4.561  -4.944  15.705  1.00 14.35 ? 86  TRP A CE3 1 
ATOM   679  C  CZ2 . TRP A 1 88  ? -6.443  -3.487  17.245  1.00 14.12 ? 86  TRP A CZ2 1 
ATOM   680  C  CZ3 . TRP A 1 88  ? -5.628  -5.564  16.305  1.00 14.56 ? 86  TRP A CZ3 1 
ATOM   681  C  CH2 . TRP A 1 88  ? -6.559  -4.836  17.065  1.00 14.29 ? 86  TRP A CH2 1 
ATOM   682  N  N   . GLY A 1 89  ? -3.520  -4.656  12.489  1.00 12.91 ? 87  GLY A N   1 
ATOM   683  C  CA  . GLY A 1 89  ? -4.575  -5.515  11.966  1.00 13.55 ? 87  GLY A CA  1 
ATOM   684  C  C   . GLY A 1 89  ? -4.107  -6.287  10.751  1.00 14.24 ? 87  GLY A C   1 
ATOM   685  O  O   . GLY A 1 89  ? -2.929  -6.597  10.657  1.00 16.21 ? 87  GLY A O   1 
ATOM   686  N  N   . LYS A 1 90  ? -5.027  -6.597  9.845   1.00 14.77 ? 88  LYS A N   1 
ATOM   687  C  CA  A LYS A 1 90  ? -4.709  -7.376  8.649   0.60 15.58 ? 88  LYS A CA  1 
ATOM   688  C  CA  B LYS A 1 90  ? -4.732  -7.390  8.648   0.40 15.35 ? 88  LYS A CA  1 
ATOM   689  C  C   . LYS A 1 90  ? -4.575  -6.481  7.438   1.00 15.39 ? 88  LYS A C   1 
ATOM   690  O  O   . LYS A 1 90  ? -5.498  -5.736  7.094   1.00 15.09 ? 88  LYS A O   1 
ATOM   691  C  CB  A LYS A 1 90  ? -5.799  -8.402  8.379   0.60 17.01 ? 88  LYS A CB  1 
ATOM   692  C  CB  B LYS A 1 90  ? -5.866  -8.382  8.346   0.40 16.23 ? 88  LYS A CB  1 
ATOM   693  C  CG  A LYS A 1 90  ? -5.888  -9.466  9.439   0.60 18.39 ? 88  LYS A CG  1 
ATOM   694  C  CG  B LYS A 1 90  ? -6.488  -9.098  9.532   0.40 17.01 ? 88  LYS A CG  1 
ATOM   695  C  CD  A LYS A 1 90  ? -6.870  -10.552 9.024   0.60 19.69 ? 88  LYS A CD  1 
ATOM   696  C  CD  B LYS A 1 90  ? -7.532  -10.084 9.025   0.40 17.80 ? 88  LYS A CD  1 
ATOM   697  C  CE  A LYS A 1 90  ? -6.966  -11.631 10.081  0.60 20.37 ? 88  LYS A CE  1 
ATOM   698  C  CE  B LYS A 1 90  ? -8.346  -10.718 10.141  0.40 18.31 ? 88  LYS A CE  1 
ATOM   699  N  NZ  A LYS A 1 90  ? -7.315  -11.064 11.411  0.60 20.68 ? 88  LYS A NZ  1 
ATOM   700  N  NZ  B LYS A 1 90  ? -9.490  -9.863  10.549  0.40 18.70 ? 88  LYS A NZ  1 
ATOM   701  N  N   . LEU A 1 91  ? -3.412  -6.559  6.792   1.00 15.00 ? 89  LEU A N   1 
ATOM   702  C  CA  . LEU A 1 91  ? -3.160  -5.847  5.567   1.00 15.27 ? 89  LEU A CA  1 
ATOM   703  C  C   . LEU A 1 91  ? -3.169  -6.881  4.443   1.00 15.35 ? 89  LEU A C   1 
ATOM   704  O  O   . LEU A 1 91  ? -2.239  -7.692  4.341   1.00 16.40 ? 89  LEU A O   1 
ATOM   705  C  CB  . LEU A 1 91  ? -1.823  -5.114  5.616   1.00 15.09 ? 89  LEU A CB  1 
ATOM   706  C  CG  . LEU A 1 91  ? -1.492  -4.311  4.364   1.00 15.19 ? 89  LEU A CG  1 
ATOM   707  C  CD1 . LEU A 1 91  ? -2.500  -3.189  4.185   1.00 14.66 ? 89  LEU A CD1 1 
ATOM   708  C  CD2 . LEU A 1 91  ? -0.067  -3.788  4.453   1.00 16.42 ? 89  LEU A CD2 1 
ATOM   709  N  N   . ASP A 1 92  ? -4.220  -6.845  3.636   1.00 16.10 ? 90  ASP A N   1 
ATOM   710  C  CA  . ASP A 1 92  ? -4.375  -7.738  2.479   1.00 17.86 ? 90  ASP A CA  1 
ATOM   711  C  C   . ASP A 1 92  ? -3.900  -7.127  1.169   1.00 17.45 ? 90  ASP A C   1 
ATOM   712  O  O   . ASP A 1 92  ? -3.429  -7.851  0.275   1.00 16.20 ? 90  ASP A O   1 
ATOM   713  C  CB  . ASP A 1 92  ? -5.855  -8.119  2.291   1.00 20.27 ? 90  ASP A CB  1 
ATOM   714  C  CG  . ASP A 1 92  ? -6.418  -8.941  3.440   1.00 23.56 ? 90  ASP A CG  1 
ATOM   715  O  OD1 . ASP A 1 92  ? -5.702  -9.801  3.988   1.00 26.94 ? 90  ASP A OD1 1 
ATOM   716  O  OD2 . ASP A 1 92  ? -7.613  -8.745  3.781   1.00 27.55 ? 90  ASP A OD2 1 
ATOM   717  N  N   . SER A 1 93  ? -4.055  -5.819  0.995   1.00 16.21 ? 91  SER A N   1 
ATOM   718  C  CA  . SER A 1 93  ? -3.814  -5.224  -0.303  1.00 16.26 ? 91  SER A CA  1 
ATOM   719  C  C   . SER A 1 93  ? -3.277  -3.811  -0.220  1.00 15.89 ? 91  SER A C   1 
ATOM   720  O  O   . SER A 1 93  ? -3.534  -3.075  0.738   1.00 15.92 ? 91  SER A O   1 
ATOM   721  C  CB  . SER A 1 93  ? -5.099  -5.228  -1.142  1.00 16.30 ? 91  SER A CB  1 
ATOM   722  O  OG  . SER A 1 93  ? -6.105  -4.413  -0.537  1.00 16.95 ? 91  SER A OG  1 
ATOM   723  N  N   . ILE A 1 94  ? -2.521  -3.449  -1.241  1.00 15.85 ? 92  ILE A N   1 
ATOM   724  C  CA  . ILE A 1 94  ? -2.090  -2.086  -1.471  1.00 15.20 ? 92  ILE A CA  1 
ATOM   725  C  C   . ILE A 1 94  ? -2.362  -1.784  -2.937  1.00 15.85 ? 92  ILE A C   1 
ATOM   726  O  O   . ILE A 1 94  ? -1.866  -2.501  -3.805  1.00 15.43 ? 92  ILE A O   1 
ATOM   727  C  CB  . ILE A 1 94  ? -0.578  -1.923  -1.172  1.00 15.44 ? 92  ILE A CB  1 
ATOM   728  C  CG1 . ILE A 1 94  ? -0.277  -2.122  0.316   1.00 15.12 ? 92  ILE A CG1 1 
ATOM   729  C  CG2 . ILE A 1 94  ? -0.063  -0.582  -1.685  1.00 15.88 ? 92  ILE A CG2 1 
ATOM   730  C  CD1 . ILE A 1 94  ? -0.752  -0.989  1.218   1.00 14.92 ? 92  ILE A CD1 1 
ATOM   731  N  N   . ALA A 1 95  ? -3.136  -0.745  -3.221  1.00 15.37 ? 93  ALA A N   1 
ATOM   732  C  CA  . ALA A 1 95  ? -3.360  -0.257  -4.573  1.00 15.58 ? 93  ALA A CA  1 
ATOM   733  C  C   . ALA A 1 95  ? -2.719  1.102   -4.743  1.00 15.89 ? 93  ALA A C   1 
ATOM   734  O  O   . ALA A 1 95  ? -2.886  1.976   -3.885  1.00 15.96 ? 93  ALA A O   1 
ATOM   735  C  CB  . ALA A 1 95  ? -4.846  -0.166  -4.867  1.00 16.01 ? 93  ALA A CB  1 
ATOM   736  N  N   . LEU A 1 96  ? -1.985  1.281   -5.838  1.00 15.81 ? 94  LEU A N   1 
ATOM   737  C  CA  . LEU A 1 96  ? -1.244  2.508   -6.114  1.00 15.58 ? 94  LEU A CA  1 
ATOM   738  C  C   . LEU A 1 96  ? -1.633  3.101   -7.451  1.00 16.81 ? 94  LEU A C   1 
ATOM   739  O  O   . LEU A 1 96  ? -1.825  2.393   -8.437  1.00 16.38 ? 94  LEU A O   1 
ATOM   740  C  CB  . LEU A 1 96  ? 0.253   2.216   -6.146  1.00 15.52 ? 94  LEU A CB  1 
ATOM   741  C  CG  . LEU A 1 96  ? 0.853   1.535   -4.927  1.00 15.95 ? 94  LEU A CG  1 
ATOM   742  C  CD1 . LEU A 1 96  ? 2.324   1.218   -5.183  1.00 16.68 ? 94  LEU A CD1 1 
ATOM   743  C  CD2 . LEU A 1 96  ? 0.691   2.377   -3.673  1.00 15.59 ? 94  LEU A CD2 1 
ATOM   744  N  N   . GLY A 1 97  ? -1.730  4.416   -7.504  1.00 17.52 ? 95  GLY A N   1 
ATOM   745  C  CA  . GLY A 1 97  ? -2.115  5.071   -8.737  1.00 19.36 ? 95  GLY A CA  1 
ATOM   746  C  C   . GLY A 1 97  ? -2.313  6.550   -8.513  1.00 20.58 ? 95  GLY A C   1 
ATOM   747  O  O   . GLY A 1 97  ? -1.620  7.156   -7.702  1.00 20.51 ? 95  GLY A O   1 
ATOM   748  N  N   . ASP A 1 98  ? -3.246  7.112   -9.266  1.00 23.20 ? 96  ASP A N   1 
ATOM   749  C  CA  . ASP A 1 98  ? -3.552  8.531   -9.227  1.00 26.74 ? 96  ASP A CA  1 
ATOM   750  C  C   . ASP A 1 98  ? -5.062  8.716   -9.121  1.00 27.29 ? 96  ASP A C   1 
ATOM   751  O  O   . ASP A 1 98  ? -5.843  7.857   -9.549  1.00 27.34 ? 96  ASP A O   1 
ATOM   752  C  CB  . ASP A 1 98  ? -3.019  9.239   -10.488 1.00 29.43 ? 96  ASP A CB  1 
ATOM   753  C  CG  . ASP A 1 98  ? -1.666  9.897   -10.271 1.00 33.00 ? 96  ASP A CG  1 
ATOM   754  O  OD1 . ASP A 1 98  ? -1.561  11.130  -10.482 1.00 39.17 ? 96  ASP A OD1 1 
ATOM   755  O  OD2 . ASP A 1 98  ? -0.703  9.201   -9.884  1.00 36.65 ? 96  ASP A OD2 1 
ATOM   756  N  N   . THR A 1 99  ? -5.449  9.839   -8.519  1.00 27.79 ? 97  THR A N   1 
ATOM   757  C  CA  . THR A 1 99  ? -6.826  10.328  -8.499  1.00 28.42 ? 97  THR A CA  1 
ATOM   758  C  C   . THR A 1 99  ? -7.740  9.453   -7.638  1.00 27.23 ? 97  THR A C   1 
ATOM   759  O  O   . THR A 1 99  ? -8.531  8.648   -8.141  1.00 28.15 ? 97  THR A O   1 
ATOM   760  C  CB  . THR A 1 99  ? -7.384  10.530  -9.929  1.00 30.04 ? 97  THR A CB  1 
ATOM   761  O  OG1 . THR A 1 99  ? -6.401  11.193  -10.735 1.00 32.21 ? 97  THR A OG1 1 
ATOM   762  C  CG2 . THR A 1 99  ? -8.657  11.381  -9.900  1.00 31.30 ? 97  THR A CG2 1 
ATOM   763  N  N   . LEU A 1 100 ? -7.620  9.641   -6.326  1.00 26.34 ? 98  LEU A N   1 
ATOM   764  C  CA  . LEU A 1 100 ? -8.443  8.949   -5.353  1.00 24.60 ? 98  LEU A CA  1 
ATOM   765  C  C   . LEU A 1 100 ? -9.867  9.484   -5.423  1.00 25.43 ? 98  LEU A C   1 
ATOM   766  O  O   . LEU A 1 100 ? -10.082 10.703  -5.441  1.00 26.50 ? 98  LEU A O   1 
ATOM   767  C  CB  . LEU A 1 100 ? -7.890  9.163   -3.949  1.00 23.57 ? 98  LEU A CB  1 
ATOM   768  C  CG  . LEU A 1 100 ? -8.548  8.446   -2.775  1.00 22.64 ? 98  LEU A CG  1 
ATOM   769  C  CD1 . LEU A 1 100 ? -8.310  6.944   -2.851  1.00 22.08 ? 98  LEU A CD1 1 
ATOM   770  C  CD2 . LEU A 1 100 ? -7.992  8.997   -1.465  1.00 23.14 ? 98  LEU A CD2 1 
ATOM   771  N  N   . THR A 1 101 ? -10.824 8.567   -5.469  1.00 26.02 ? 99  THR A N   1 
ATOM   772  C  CA  . THR A 1 101 ? -12.238 8.918   -5.480  1.00 28.19 ? 99  THR A CA  1 
ATOM   773  C  C   . THR A 1 101 ? -12.978 8.137   -4.399  1.00 27.91 ? 99  THR A C   1 
ATOM   774  O  O   . THR A 1 101 ? -12.491 7.121   -3.896  1.00 27.86 ? 99  THR A O   1 
ATOM   775  C  CB  . THR A 1 101 ? -12.883 8.620   -6.851  1.00 29.06 ? 99  THR A CB  1 
ATOM   776  O  OG1 . THR A 1 101 ? -12.901 7.207   -7.089  1.00 31.40 ? 99  THR A OG1 1 
ATOM   777  C  CG2 . THR A 1 101 ? -12.108 9.304   -7.966  1.00 29.59 ? 99  THR A CG2 1 
ATOM   778  N  N   . GLY A 1 102 ? -14.160 8.624   -4.043  1.00 27.69 ? 100 GLY A N   1 
ATOM   779  C  CA  . GLY A 1 102 ? -15.021 7.933   -3.100  1.00 27.46 ? 100 GLY A CA  1 
ATOM   780  C  C   . GLY A 1 102 ? -14.636 8.133   -1.647  1.00 26.61 ? 100 GLY A C   1 
ATOM   781  O  O   . GLY A 1 102 ? -14.004 9.124   -1.289  1.00 27.24 ? 100 GLY A O   1 
ATOM   782  N  N   . GLY A 1 103 ? -15.029 7.171   -0.821  1.00 26.40 ? 101 GLY A N   1 
ATOM   783  C  CA  . GLY A 1 103 ? -14.872 7.238   0.622   1.00 27.66 ? 101 GLY A CA  1 
ATOM   784  C  C   . GLY A 1 103 ? -15.974 6.450   1.305   1.00 29.25 ? 101 GLY A C   1 
ATOM   785  O  O   . GLY A 1 103 ? -16.628 5.608   0.676   1.00 32.21 ? 101 GLY A O   1 
ATOM   786  N  N   . ALA A 1 104 ? -16.209 6.737   2.580   1.00 29.39 ? 102 ALA A N   1 
ATOM   787  C  CA  . ALA A 1 104 ? -17.168 5.981   3.383   1.00 30.95 ? 102 ALA A CA  1 
ATOM   788  C  C   . ALA A 1 104 ? -18.632 6.162   2.951   1.00 34.12 ? 102 ALA A C   1 
ATOM   789  O  O   . ALA A 1 104 ? -19.392 5.199   2.984   1.00 35.33 ? 102 ALA A O   1 
ATOM   790  C  CB  . ALA A 1 104 ? -17.010 6.322   4.857   1.00 30.58 ? 102 ALA A CB  1 
ATOM   791  N  N   . SER A 1 105 ? -19.032 7.373   2.563   1.00 36.87 ? 103 SER A N   1 
ATOM   792  C  CA  . SER A 1 105 ? -20.406 7.601   2.061   1.00 40.42 ? 103 SER A CA  1 
ATOM   793  C  C   . SER A 1 105 ? -20.662 6.991   0.680   1.00 41.07 ? 103 SER A C   1 
ATOM   794  O  O   . SER A 1 105 ? -21.816 6.737   0.316   1.00 43.21 ? 103 SER A O   1 
ATOM   795  C  CB  . SER A 1 105 ? -20.755 9.092   2.005   1.00 41.13 ? 103 SER A CB  1 
ATOM   796  O  OG  . SER A 1 105 ? -19.685 9.859   1.475   1.00 43.27 ? 103 SER A OG  1 
ATOM   797  N  N   . SER A 1 106 ? -19.594 6.780   -0.086  1.00 41.12 ? 104 SER A N   1 
ATOM   798  C  CA  . SER A 1 106 ? -19.690 6.254   -1.449  1.00 41.65 ? 104 SER A CA  1 
ATOM   799  C  C   . SER A 1 106 ? -19.531 4.738   -1.416  1.00 40.93 ? 104 SER A C   1 
ATOM   800  O  O   . SER A 1 106 ? -19.571 4.133   -0.341  1.00 40.25 ? 104 SER A O   1 
ATOM   801  C  CB  . SER A 1 106 ? -18.598 6.882   -2.322  1.00 41.89 ? 104 SER A CB  1 
ATOM   802  O  OG  . SER A 1 106 ? -18.211 8.151   -1.816  1.00 42.25 ? 104 SER A OG  1 
ATOM   803  N  N   . GLY A 1 107 ? -19.339 4.130   -2.588  1.00 42.19 ? 105 GLY A N   1 
ATOM   804  C  CA  . GLY A 1 107 ? -18.998 2.704   -2.684  1.00 42.23 ? 105 GLY A CA  1 
ATOM   805  C  C   . GLY A 1 107 ? -17.521 2.430   -2.402  1.00 40.79 ? 105 GLY A C   1 
ATOM   806  O  O   . GLY A 1 107 ? -16.840 1.772   -3.201  1.00 43.41 ? 105 GLY A O   1 
ATOM   807  N  N   . GLY A 1 108 ? -17.027 2.933   -1.266  1.00 36.22 ? 106 GLY A N   1 
ATOM   808  C  CA  . GLY A 1 108 ? -15.620 2.792   -0.886  1.00 31.86 ? 106 GLY A CA  1 
ATOM   809  C  C   . GLY A 1 108 ? -14.678 3.707   -1.646  1.00 27.71 ? 106 GLY A C   1 
ATOM   810  O  O   . GLY A 1 108 ? -15.101 4.468   -2.515  1.00 28.55 ? 106 GLY A O   1 
ATOM   811  N  N   . TYR A 1 109 ? -13.392 3.642   -1.302  1.00 24.08 ? 107 TYR A N   1 
ATOM   812  C  CA  . TYR A 1 109 ? -12.362 4.373   -2.030  1.00 23.19 ? 107 TYR A CA  1 
ATOM   813  C  C   . TYR A 1 109 ? -12.003 3.640   -3.311  1.00 23.14 ? 107 TYR A C   1 
ATOM   814  O  O   . TYR A 1 109 ? -12.005 2.411   -3.348  1.00 23.62 ? 107 TYR A O   1 
ATOM   815  C  CB  . TYR A 1 109 ? -11.101 4.535   -1.176  1.00 22.16 ? 107 TYR A CB  1 
ATOM   816  C  CG  . TYR A 1 109 ? -11.228 5.556   -0.070  1.00 21.23 ? 107 TYR A CG  1 
ATOM   817  C  CD1 . TYR A 1 109 ? -11.141 6.913   -0.346  1.00 21.13 ? 107 TYR A CD1 1 
ATOM   818  C  CD2 . TYR A 1 109 ? -11.391 5.164   1.249   1.00 20.73 ? 107 TYR A CD2 1 
ATOM   819  C  CE1 . TYR A 1 109 ? -11.237 7.853   0.663   1.00 21.09 ? 107 TYR A CE1 1 
ATOM   820  C  CE2 . TYR A 1 109 ? -11.495 6.101   2.265   1.00 20.80 ? 107 TYR A CE2 1 
ATOM   821  C  CZ  . TYR A 1 109 ? -11.415 7.439   1.958   1.00 20.55 ? 107 TYR A CZ  1 
ATOM   822  O  OH  . TYR A 1 109 ? -11.507 8.373   2.963   1.00 21.10 ? 107 TYR A OH  1 
ATOM   823  N  N   . ALA A 1 110 ? -11.669 4.402   -4.343  1.00 23.37 ? 108 ALA A N   1 
ATOM   824  C  CA  . ALA A 1 110 ? -11.150 3.840   -5.584  1.00 24.69 ? 108 ALA A CA  1 
ATOM   825  C  C   . ALA A 1 110 ? -10.116 4.776   -6.198  1.00 25.10 ? 108 ALA A C   1 
ATOM   826  O  O   . ALA A 1 110 ? -10.017 5.947   -5.815  1.00 25.75 ? 108 ALA A O   1 
ATOM   827  C  CB  . ALA A 1 110 ? -12.287 3.599   -6.561  1.00 25.60 ? 108 ALA A CB  1 
ATOM   828  N  N   . LEU A 1 111 ? -9.338  4.251   -7.143  1.00 25.34 ? 109 LEU A N   1 
ATOM   829  C  CA  . LEU A 1 111 ? -8.406  5.065   -7.912  1.00 25.91 ? 109 LEU A CA  1 
ATOM   830  C  C   . LEU A 1 111 ? -8.930  5.200   -9.340  1.00 27.95 ? 109 LEU A C   1 
ATOM   831  O  O   . LEU A 1 111 ? -9.275  4.211   -9.978  1.00 29.41 ? 109 LEU A O   1 
ATOM   832  C  CB  . LEU A 1 111 ? -7.010  4.442   -7.918  1.00 25.12 ? 109 LEU A CB  1 
ATOM   833  C  CG  . LEU A 1 111 ? -6.305  4.315   -6.566  1.00 24.07 ? 109 LEU A CG  1 
ATOM   834  C  CD1 . LEU A 1 111 ? -5.106  3.387   -6.682  1.00 23.91 ? 109 LEU A CD1 1 
ATOM   835  C  CD2 . LEU A 1 111 ? -5.894  5.680   -6.024  1.00 23.83 ? 109 LEU A CD2 1 
ATOM   836  N  N   . ASP A 1 112 ? -8.996  6.428   -9.841  1.00 31.10 ? 110 ASP A N   1 
ATOM   837  C  CA  . ASP A 1 112 ? -9.469  6.654   -11.204 1.00 33.02 ? 110 ASP A CA  1 
ATOM   838  C  C   . ASP A 1 112 ? -8.476  6.050   -12.198 1.00 32.68 ? 110 ASP A C   1 
ATOM   839  O  O   . ASP A 1 112 ? -8.871  5.539   -13.241 1.00 32.95 ? 110 ASP A O   1 
ATOM   840  C  CB  . ASP A 1 112 ? -9.649  8.154   -11.480 1.00 35.93 ? 110 ASP A CB  1 
ATOM   841  C  CG  . ASP A 1 112 ? -10.994 8.476   -12.106 1.00 39.11 ? 110 ASP A CG  1 
ATOM   842  O  OD1 . ASP A 1 112 ? -11.452 7.706   -12.975 1.00 40.98 ? 110 ASP A OD1 1 
ATOM   843  O  OD2 . ASP A 1 112 ? -11.594 9.504   -11.720 1.00 41.66 ? 110 ASP A OD2 1 
ATOM   844  N  N   . SER A 1 113 ? -7.190  6.121   -11.857 1.00 31.15 ? 111 SER A N   1 
ATOM   845  C  CA  . SER A 1 113 ? -6.123  5.522   -12.653 1.00 30.53 ? 111 SER A CA  1 
ATOM   846  C  C   . SER A 1 113 ? -5.234  4.651   -11.772 1.00 28.49 ? 111 SER A C   1 
ATOM   847  O  O   . SER A 1 113 ? -4.242  5.133   -11.214 1.00 27.91 ? 111 SER A O   1 
ATOM   848  C  CB  . SER A 1 113 ? -5.286  6.621   -13.311 1.00 31.72 ? 111 SER A CB  1 
ATOM   849  O  OG  . SER A 1 113 ? -4.123  6.089   -13.922 1.00 34.72 ? 111 SER A OG  1 
ATOM   850  N  N   . GLN A 1 114 ? -5.590  3.373   -11.655 1.00 26.42 ? 112 GLN A N   1 
ATOM   851  C  CA  . GLN A 1 114 ? -4.794  2.432   -10.880 1.00 26.21 ? 112 GLN A CA  1 
ATOM   852  C  C   . GLN A 1 114 ? -3.633  1.972   -11.747 1.00 25.14 ? 112 GLN A C   1 
ATOM   853  O  O   . GLN A 1 114 ? -3.829  1.541   -12.889 1.00 26.12 ? 112 GLN A O   1 
ATOM   854  C  CB  . GLN A 1 114 ? -5.629  1.235   -10.420 1.00 27.54 ? 112 GLN A CB  1 
ATOM   855  C  CG  . GLN A 1 114 ? -4.881  0.268   -9.512  1.00 28.99 ? 112 GLN A CG  1 
ATOM   856  C  CD  . GLN A 1 114 ? -5.790  -0.785  -8.896  1.00 30.06 ? 112 GLN A CD  1 
ATOM   857  O  OE1 . GLN A 1 114 ? -6.515  -0.518  -7.933  1.00 30.03 ? 112 GLN A OE1 1 
ATOM   858  N  NE2 . GLN A 1 114 ? -5.740  -1.993  -9.441  1.00 31.54 ? 112 GLN A NE2 1 
ATOM   859  N  N   . GLU A 1 115 ? -2.429  2.082   -11.202 1.00 22.21 ? 113 GLU A N   1 
ATOM   860  C  CA  . GLU A 1 115 ? -1.219  1.657   -11.897 1.00 21.99 ? 113 GLU A CA  1 
ATOM   861  C  C   . GLU A 1 115 ? -0.874  0.220   -11.549 1.00 21.06 ? 113 GLU A C   1 
ATOM   862  O  O   . GLU A 1 115 ? -0.660  -0.604  -12.438 1.00 20.19 ? 113 GLU A O   1 
ATOM   863  C  CB  . GLU A 1 115 ? -0.067  2.577   -11.510 1.00 22.23 ? 113 GLU A CB  1 
ATOM   864  C  CG  . GLU A 1 115 ? -0.266  4.009   -11.992 1.00 22.88 ? 113 GLU A CG  1 
ATOM   865  C  CD  . GLU A 1 115 ? 0.817   4.960   -11.511 1.00 24.31 ? 113 GLU A CD  1 
ATOM   866  O  OE1 . GLU A 1 115 ? 1.782   4.526   -10.842 1.00 23.92 ? 113 GLU A OE1 1 
ATOM   867  O  OE2 . GLU A 1 115 ? 0.689   6.169   -11.784 1.00 25.70 ? 113 GLU A OE2 1 
ATOM   868  N  N   . VAL A 1 116 ? -0.799  -0.067  -10.256 1.00 19.61 ? 114 VAL A N   1 
ATOM   869  C  CA  . VAL A 1 116 ? -0.359  -1.364  -9.742  1.00 18.61 ? 114 VAL A CA  1 
ATOM   870  C  C   . VAL A 1 116 ? -1.085  -1.654  -8.442  1.00 18.51 ? 114 VAL A C   1 
ATOM   871  O  O   . VAL A 1 116 ? -1.279  -0.755  -7.615  1.00 18.30 ? 114 VAL A O   1 
ATOM   872  C  CB  . VAL A 1 116 ? 1.167   -1.381  -9.461  1.00 18.40 ? 114 VAL A CB  1 
ATOM   873  C  CG1 . VAL A 1 116 ? 1.589   -2.651  -8.723  1.00 18.96 ? 114 VAL A CG1 1 
ATOM   874  C  CG2 . VAL A 1 116 ? 1.966   -1.194  -10.746 1.00 18.58 ? 114 VAL A CG2 1 
ATOM   875  N  N   . SER A 1 117 ? -1.496  -2.899  -8.258  1.00 18.92 ? 115 SER A N   1 
ATOM   876  C  CA  . SER A 1 117 ? -2.064  -3.332  -6.999  1.00 19.45 ? 115 SER A CA  1 
ATOM   877  C  C   . SER A 1 117 ? -1.464  -4.660  -6.591  1.00 19.41 ? 115 SER A C   1 
ATOM   878  O  O   . SER A 1 117 ? -1.078  -5.464  -7.450  1.00 19.53 ? 115 SER A O   1 
ATOM   879  C  CB  . SER A 1 117 ? -3.583  -3.456  -7.096  1.00 20.84 ? 115 SER A CB  1 
ATOM   880  O  OG  . SER A 1 117 ? -3.972  -4.588  -7.869  1.00 23.81 ? 115 SER A OG  1 
ATOM   881  N  N   . PHE A 1 118 ? -1.354  -4.850  -5.286  1.00 17.75 ? 116 PHE A N   1 
ATOM   882  C  CA  . PHE A 1 118 ? -0.850  -6.059  -4.655  1.00 18.11 ? 116 PHE A CA  1 
ATOM   883  C  C   . PHE A 1 118 ? -1.952  -6.578  -3.762  1.00 19.11 ? 116 PHE A C   1 
ATOM   884  O  O   . PHE A 1 118 ? -2.443  -5.842  -2.904  1.00 19.42 ? 116 PHE A O   1 
ATOM   885  C  CB  . PHE A 1 118 ? 0.395   -5.770  -3.797  1.00 18.08 ? 116 PHE A CB  1 
ATOM   886  C  CG  . PHE A 1 118 ? 1.487   -5.042  -4.532  1.00 17.97 ? 116 PHE A CG  1 
ATOM   887  C  CD1 . PHE A 1 118 ? 2.456   -5.734  -5.254  1.00 18.61 ? 116 PHE A CD1 1 
ATOM   888  C  CD2 . PHE A 1 118 ? 1.543   -3.657  -4.519  1.00 17.90 ? 116 PHE A CD2 1 
ATOM   889  C  CE1 . PHE A 1 118 ? 3.458   -5.050  -5.926  1.00 18.95 ? 116 PHE A CE1 1 
ATOM   890  C  CE2 . PHE A 1 118 ? 2.530   -2.971  -5.197  1.00 18.56 ? 116 PHE A CE2 1 
ATOM   891  C  CZ  . PHE A 1 118 ? 3.491   -3.666  -5.907  1.00 18.75 ? 116 PHE A CZ  1 
ATOM   892  N  N   . SER A 1 119 ? -2.360  -7.824  -3.956  1.00 19.07 ? 117 SER A N   1 
ATOM   893  C  CA  A SER A 1 119 ? -3.376  -8.414  -3.098  0.70 20.02 ? 117 SER A CA  1 
ATOM   894  C  CA  B SER A 1 119 ? -3.407  -8.447  -3.151  0.30 19.36 ? 117 SER A CA  1 
ATOM   895  C  C   . SER A 1 119 ? -2.893  -9.733  -2.520  1.00 20.25 ? 117 SER A C   1 
ATOM   896  O  O   . SER A 1 119 ? -1.876  -10.279 -2.948  1.00 20.43 ? 117 SER A O   1 
ATOM   897  C  CB  A SER A 1 119 ? -4.688  -8.593  -3.850  0.70 20.91 ? 117 SER A CB  1 
ATOM   898  C  CB  B SER A 1 119 ? -4.624  -8.755  -4.018  0.30 19.16 ? 117 SER A CB  1 
ATOM   899  O  OG  A SER A 1 119 ? -4.509  -9.354  -5.020  0.70 22.64 ? 117 SER A OG  1 
ATOM   900  O  OG  B SER A 1 119 ? -5.141  -7.576  -4.611  0.30 18.63 ? 117 SER A OG  1 
ATOM   901  N  N   . ASN A 1 120 ? -3.612  -10.219 -1.518  1.00 20.79 ? 118 ASN A N   1 
ATOM   902  C  CA  . ASN A 1 120 ? -3.218  -11.390 -0.754  1.00 21.65 ? 118 ASN A CA  1 
ATOM   903  C  C   . ASN A 1 120 ? -1.823  -11.231 -0.173  1.00 22.35 ? 118 ASN A C   1 
ATOM   904  O  O   . ASN A 1 120 ? -0.980  -12.122 -0.295  1.00 23.62 ? 118 ASN A O   1 
ATOM   905  C  CB  . ASN A 1 120 ? -3.286  -12.647 -1.625  1.00 22.89 ? 118 ASN A CB  1 
ATOM   906  C  CG  . ASN A 1 120 ? -4.636  -12.839 -2.261  1.00 23.57 ? 118 ASN A CG  1 
ATOM   907  O  OD1 . ASN A 1 120 ? -4.735  -13.057 -3.467  1.00 26.21 ? 118 ASN A OD1 1 
ATOM   908  N  ND2 . ASN A 1 120 ? -5.682  -12.778 -1.460  1.00 24.41 ? 118 ASN A ND2 1 
ATOM   909  N  N   . LEU A 1 121 ? -1.569  -10.084 0.455   1.00 21.87 ? 119 LEU A N   1 
ATOM   910  C  CA  . LEU A 1 121 ? -0.273  -9.838  1.097   1.00 21.50 ? 119 LEU A CA  1 
ATOM   911  C  C   . LEU A 1 121 ? -0.069  -10.683 2.357   1.00 21.38 ? 119 LEU A C   1 
ATOM   912  O  O   . LEU A 1 121 ? 1.077   -10.881 2.779   1.00 23.54 ? 119 LEU A O   1 
ATOM   913  C  CB  . LEU A 1 121 ? -0.096  -8.356  1.427   1.00 20.64 ? 119 LEU A CB  1 
ATOM   914  C  CG  . LEU A 1 121 ? -0.020  -7.436  0.220   1.00 20.85 ? 119 LEU A CG  1 
ATOM   915  C  CD1 . LEU A 1 121 ? -0.037  -5.977  0.659   1.00 20.41 ? 119 LEU A CD1 1 
ATOM   916  C  CD2 . LEU A 1 121 ? 1.224   -7.744  -0.610  1.00 21.16 ? 119 LEU A CD2 1 
ATOM   917  N  N   . GLY A 1 122 ? -1.167  -11.142 2.962   1.00 21.94 ? 120 GLY A N   1 
ATOM   918  C  CA  . GLY A 1 122 ? -1.140  -12.081 4.094   1.00 22.06 ? 120 GLY A CA  1 
ATOM   919  C  C   . GLY A 1 122 ? -0.547  -11.585 5.413   1.00 22.42 ? 120 GLY A C   1 
ATOM   920  O  O   . GLY A 1 122 ? -0.242  -12.389 6.303   1.00 23.46 ? 120 GLY A O   1 
ATOM   921  N  N   . LEU A 1 123 ? -0.436  -10.265 5.565   1.00 20.86 ? 121 LEU A N   1 
ATOM   922  C  CA  A LEU A 1 123 ? 0.228   -9.651  6.715   0.70 20.92 ? 121 LEU A CA  1 
ATOM   923  C  CA  B LEU A 1 123 ? 0.236   -9.682  6.718   0.30 20.44 ? 121 LEU A CA  1 
ATOM   924  C  C   . LEU A 1 123 ? -0.748  -9.350  7.833   1.00 20.16 ? 121 LEU A C   1 
ATOM   925  O  O   . LEU A 1 123 ? -1.826  -8.825  7.563   1.00 19.92 ? 121 LEU A O   1 
ATOM   926  C  CB  A LEU A 1 123 ? 0.869   -8.318  6.316   0.70 21.57 ? 121 LEU A CB  1 
ATOM   927  C  CB  B LEU A 1 123 ? 0.981   -8.417  6.301   0.30 20.34 ? 121 LEU A CB  1 
ATOM   928  C  CG  A LEU A 1 123 ? 2.385   -8.164  6.330   0.70 22.44 ? 121 LEU A CG  1 
ATOM   929  C  CG  B LEU A 1 123 ? 1.984   -8.613  5.165   0.30 20.23 ? 121 LEU A CG  1 
ATOM   930  C  CD1 A LEU A 1 123 ? 2.717   -6.692  6.117   0.70 22.12 ? 121 LEU A CD1 1 
ATOM   931  C  CD1 B LEU A 1 123 ? 2.532   -7.269  4.714   0.30 20.22 ? 121 LEU A CD1 1 
ATOM   932  C  CD2 A LEU A 1 123 ? 3.021   -8.673  7.615   0.70 22.06 ? 121 LEU A CD2 1 
ATOM   933  C  CD2 B LEU A 1 123 ? 3.104   -9.550  5.597   0.30 20.25 ? 121 LEU A CD2 1 
ATOM   934  N  N   . ASP A 1 124 ? -0.344  -9.674  9.058   1.00 19.59 ? 122 ASP A N   1 
ATOM   935  C  CA  A ASP A 1 124 ? -1.063  -9.296  10.275  0.70 21.69 ? 122 ASP A CA  1 
ATOM   936  C  CA  B ASP A 1 124 ? -1.058  -9.297  10.271  0.30 20.46 ? 122 ASP A CA  1 
ATOM   937  C  C   . ASP A 1 124 ? -0.068  -8.695  11.255  1.00 20.21 ? 122 ASP A C   1 
ATOM   938  O  O   . ASP A 1 124 ? 1.070   -9.161  11.368  1.00 21.44 ? 122 ASP A O   1 
ATOM   939  C  CB  A ASP A 1 124 ? -1.734  -10.518 10.922  0.70 23.51 ? 122 ASP A CB  1 
ATOM   940  C  CB  B ASP A 1 124 ? -1.710  -10.527 10.902  0.30 21.03 ? 122 ASP A CB  1 
ATOM   941  C  CG  A ASP A 1 124 ? -2.578  -10.141 12.131  0.70 24.49 ? 122 ASP A CG  1 
ATOM   942  C  CG  B ASP A 1 124 ? -2.842  -11.065 10.073  0.30 21.24 ? 122 ASP A CG  1 
ATOM   943  O  OD1 A ASP A 1 124 ? -2.141  -10.397 13.283  0.70 25.92 ? 122 ASP A OD1 1 
ATOM   944  O  OD1 B ASP A 1 124 ? -3.913  -10.426 10.044  0.30 22.01 ? 122 ASP A OD1 1 
ATOM   945  O  OD2 A ASP A 1 124 ? -3.668  -9.552  11.913  0.70 25.81 ? 122 ASP A OD2 1 
ATOM   946  O  OD2 B ASP A 1 124 ? -2.663  -12.132 9.453   0.30 20.77 ? 122 ASP A OD2 1 
ATOM   947  N  N   . SER A 1 125 ? -0.480  -7.649  11.959  1.00 16.91 ? 123 SER A N   1 
ATOM   948  C  CA  . SER A 1 125 ? 0.325   -7.146  13.052  1.00 15.61 ? 123 SER A CA  1 
ATOM   949  C  C   . SER A 1 125 ? -0.571  -6.928  14.257  1.00 15.34 ? 123 SER A C   1 
ATOM   950  O  O   . SER A 1 125 ? -1.663  -6.389  14.104  1.00 16.04 ? 123 SER A O   1 
ATOM   951  C  CB  . SER A 1 125 ? 0.993   -5.825  12.692  1.00 15.04 ? 123 SER A CB  1 
ATOM   952  O  OG  . SER A 1 125 ? 1.953   -6.004  11.672  1.00 14.72 ? 123 SER A OG  1 
ATOM   953  N  N   . PRO A 1 126 ? -0.104  -7.346  15.440  1.00 15.04 ? 124 PRO A N   1 
ATOM   954  C  CA  . PRO A 1 126 ? -0.858  -7.123  16.665  1.00 15.41 ? 124 PRO A CA  1 
ATOM   955  C  C   . PRO A 1 126 ? -0.778  -5.657  17.106  1.00 14.28 ? 124 PRO A C   1 
ATOM   956  O  O   . PRO A 1 126 ? 0.210   -4.978  16.821  1.00 14.51 ? 124 PRO A O   1 
ATOM   957  C  CB  . PRO A 1 126 ? -0.137  -8.014  17.669  1.00 15.86 ? 124 PRO A CB  1 
ATOM   958  C  CG  . PRO A 1 126 ? 1.265   -8.044  17.202  1.00 16.10 ? 124 PRO A CG  1 
ATOM   959  C  CD  . PRO A 1 126 ? 1.179   -8.020  15.703  1.00 15.90 ? 124 PRO A CD  1 
ATOM   960  N  N   . ILE A 1 127 ? -1.765  -5.182  17.856  1.00 13.30 ? 125 ILE A N   1 
ATOM   961  C  CA  . ILE A 1 127 ? -1.649  -3.858  18.509  1.00 12.69 ? 125 ILE A CA  1 
ATOM   962  C  C   . ILE A 1 127 ? -0.400  -3.752  19.392  1.00 12.65 ? 125 ILE A C   1 
ATOM   963  O  O   . ILE A 1 127 ? 0.182   -2.675  19.524  1.00 12.56 ? 125 ILE A O   1 
ATOM   964  C  CB  . ILE A 1 127 ? -2.912  -3.514  19.339  1.00 12.55 ? 125 ILE A CB  1 
ATOM   965  C  CG1 . ILE A 1 127 ? -2.928  -2.025  19.726  1.00 12.65 ? 125 ILE A CG1 1 
ATOM   966  C  CG2 . ILE A 1 127 ? -3.029  -4.418  20.575  1.00 12.90 ? 125 ILE A CG2 1 
ATOM   967  C  CD1 . ILE A 1 127 ? -4.236  -1.593  20.373  1.00 12.64 ? 125 ILE A CD1 1 
ATOM   968  N  N   . ALA A 1 128 ? 0.044   -4.880  19.951  1.00 12.37 ? 126 ALA A N   1 
ATOM   969  C  CA  . ALA A 1 128 ? 1.087   -4.923  20.965  1.00 12.31 ? 126 ALA A CA  1 
ATOM   970  C  C   . ALA A 1 128 ? 2.451   -4.395  20.520  1.00 12.28 ? 126 ALA A C   1 
ATOM   971  O  O   . ALA A 1 128 ? 3.239   -3.915  21.345  1.00 12.69 ? 126 ALA A O   1 
ATOM   972  C  CB  . ALA A 1 128 ? 1.255   -6.347  21.482  1.00 12.39 ? 126 ALA A CB  1 
ATOM   973  N  N   . GLN A 1 129 ? 2.725   -4.472  19.220  1.00 12.84 ? 127 GLN A N   1 
ATOM   974  C  CA  . GLN A 1 129 ? 3.986   -3.963  18.708  1.00 12.51 ? 127 GLN A CA  1 
ATOM   975  C  C   . GLN A 1 129 ? 3.967   -2.454  18.489  1.00 11.88 ? 127 GLN A C   1 
ATOM   976  O  O   . GLN A 1 129 ? 5.006   -1.871  18.214  1.00 12.22 ? 127 GLN A O   1 
ATOM   977  C  CB  . GLN A 1 129 ? 4.351   -4.656  17.400  1.00 13.38 ? 127 GLN A CB  1 
ATOM   978  C  CG  . GLN A 1 129 ? 4.845   -6.075  17.608  1.00 14.41 ? 127 GLN A CG  1 
ATOM   979  C  CD  . GLN A 1 129 ? 5.316   -6.663  16.313  1.00 16.00 ? 127 GLN A CD  1 
ATOM   980  O  OE1 . GLN A 1 129 ? 6.522   -6.605  15.972  1.00 19.06 ? 127 GLN A OE1 1 
ATOM   981  N  NE2 . GLN A 1 129 ? 4.385   -7.163  15.545  1.00 15.71 ? 127 GLN A NE2 1 
ATOM   982  N  N   . GLY A 1 130 ? 2.799   -1.819  18.594  1.00 11.36 ? 128 GLY A N   1 
ATOM   983  C  CA  . GLY A 1 130 ? 2.733   -0.385  18.347  1.00 10.99 ? 128 GLY A CA  1 
ATOM   984  C  C   . GLY A 1 130 ? 3.249   -0.049  16.966  1.00 10.96 ? 128 GLY A C   1 
ATOM   985  O  O   . GLY A 1 130 ? 3.053   -0.814  16.017  1.00 10.30 ? 128 GLY A O   1 
ATOM   986  N  N   . ARG A 1 131 ? 3.952   1.076   16.864  1.00 10.82 ? 129 ARG A N   1 
ATOM   987  C  CA  . ARG A 1 131 ? 4.492   1.527   15.588  1.00 11.46 ? 129 ARG A CA  1 
ATOM   988  C  C   . ARG A 1 131 ? 5.711   0.706   15.140  1.00 11.74 ? 129 ARG A C   1 
ATOM   989  O  O   . ARG A 1 131 ? 6.285   0.971   14.096  1.00 12.63 ? 129 ARG A O   1 
ATOM   990  C  CB  . ARG A 1 131 ? 4.821   3.006   15.650  1.00 11.34 ? 129 ARG A CB  1 
ATOM   991  C  CG  . ARG A 1 131 ? 3.588   3.862   15.908  1.00 11.57 ? 129 ARG A CG  1 
ATOM   992  C  CD  . ARG A 1 131 ? 3.941   5.340   15.853  1.00 12.32 ? 129 ARG A CD  1 
ATOM   993  N  NE  . ARG A 1 131 ? 3.428   6.038   17.022  1.00 13.36 ? 129 ARG A NE  1 
ATOM   994  C  CZ  . ARG A 1 131 ? 3.563   7.341   17.258  1.00 13.10 ? 129 ARG A CZ  1 
ATOM   995  N  NH1 . ARG A 1 131 ? 4.198   8.111   16.392  1.00 13.24 ? 129 ARG A NH1 1 
ATOM   996  N  NH2 . ARG A 1 131 ? 3.065   7.866   18.365  1.00 14.95 ? 129 ARG A NH2 1 
ATOM   997  N  N   . ASP A 1 132 ? 6.072   -0.325  15.895  1.00 11.20 ? 130 ASP A N   1 
ATOM   998  C  CA  . ASP A 1 132 ? 7.111   -1.239  15.425  1.00 11.68 ? 130 ASP A CA  1 
ATOM   999  C  C   . ASP A 1 132 ? 6.566   -2.383  14.587  1.00 11.83 ? 130 ASP A C   1 
ATOM   1000 O  O   . ASP A 1 132 ? 7.338   -3.177  14.055  1.00 12.68 ? 130 ASP A O   1 
ATOM   1001 C  CB  . ASP A 1 132 ? 7.900   -1.808  16.603  1.00 12.29 ? 130 ASP A CB  1 
ATOM   1002 C  CG  . ASP A 1 132 ? 9.321   -2.206  16.215  1.00 12.99 ? 130 ASP A CG  1 
ATOM   1003 O  OD1 . ASP A 1 132 ? 9.782   -3.286  16.652  1.00 14.97 ? 130 ASP A OD1 1 
ATOM   1004 O  OD2 . ASP A 1 132 ? 9.962   -1.421  15.504  1.00 13.44 ? 130 ASP A OD2 1 
ATOM   1005 N  N   . GLY A 1 133 ? 5.247   -2.484  14.468  1.00 11.04 ? 131 GLY A N   1 
ATOM   1006 C  CA  . GLY A 1 133 ? 4.627   -3.572  13.740  1.00 11.20 ? 131 GLY A CA  1 
ATOM   1007 C  C   . GLY A 1 133 ? 4.846   -3.431  12.249  1.00 11.43 ? 131 GLY A C   1 
ATOM   1008 O  O   . GLY A 1 133 ? 4.977   -2.312  11.717  1.00 11.23 ? 131 GLY A O   1 
ATOM   1009 N  N   . THR A 1 134 ? 4.824   -4.564  11.551  1.00 11.34 ? 132 THR A N   1 
ATOM   1010 C  CA  . THR A 1 134 ? 5.085   -4.574  10.118  1.00 11.81 ? 132 THR A CA  1 
ATOM   1011 C  C   . THR A 1 134 ? 4.009   -3.835  9.322   1.00 11.30 ? 132 THR A C   1 
ATOM   1012 O  O   . THR A 1 134 ? 4.314   -3.075  8.415   1.00 11.77 ? 132 THR A O   1 
ATOM   1013 C  CB  . THR A 1 134 ? 5.260   -6.015  9.606   1.00 12.63 ? 132 THR A CB  1 
ATOM   1014 O  OG1 . THR A 1 134 ? 6.304   -6.649  10.359  1.00 14.18 ? 132 THR A OG1 1 
ATOM   1015 C  CG2 . THR A 1 134 ? 5.613   -6.016  8.119   1.00 13.44 ? 132 THR A CG2 1 
ATOM   1016 N  N   . VAL A 1 135 ? 2.736   -4.030  9.663   1.00 11.39 ? 133 VAL A N   1 
ATOM   1017 C  CA  . VAL A 1 135 ? 1.658   -3.355  8.960   1.00 10.95 ? 133 VAL A CA  1 
ATOM   1018 C  C   . VAL A 1 135 ? 1.850   -1.828  9.050   1.00 10.56 ? 133 VAL A C   1 
ATOM   1019 O  O   . VAL A 1 135 ? 1.752   -1.135  8.045   1.00 10.71 ? 133 VAL A O   1 
ATOM   1020 C  CB  . VAL A 1 135 ? 0.279   -3.778  9.518   1.00 11.36 ? 133 VAL A CB  1 
ATOM   1021 C  CG1 . VAL A 1 135 ? -0.831  -2.854  9.042   1.00 11.43 ? 133 VAL A CG1 1 
ATOM   1022 C  CG2 . VAL A 1 135 ? -0.032  -5.207  9.111   1.00 11.65 ? 133 VAL A CG2 1 
ATOM   1023 N  N   . HIS A 1 136 ? 2.152   -1.353  10.257  1.00 11.10 ? 134 HIS A N   1 
ATOM   1024 C  CA  . HIS A 1 136 ? 2.380   0.064   10.471  1.00 10.65 ? 134 HIS A CA  1 
ATOM   1025 C  C   . HIS A 1 136 ? 3.525   0.561   9.619   1.00 10.81 ? 134 HIS A C   1 
ATOM   1026 O  O   . HIS A 1 136 ? 3.400   1.586   8.938   1.00 11.26 ? 134 HIS A O   1 
ATOM   1027 C  CB  . HIS A 1 136 ? 2.690   0.371   11.926  1.00 10.52 ? 134 HIS A CB  1 
ATOM   1028 C  CG  . HIS A 1 136 ? 2.676   1.831   12.209  1.00 10.60 ? 134 HIS A CG  1 
ATOM   1029 N  ND1 . HIS A 1 136 ? 3.770   2.644   12.037  1.00 11.80 ? 134 HIS A ND1 1 
ATOM   1030 C  CD2 . HIS A 1 136 ? 1.662   2.634   12.594  1.00 10.32 ? 134 HIS A CD2 1 
ATOM   1031 C  CE1 . HIS A 1 136 ? 3.425   3.890   12.314  1.00 10.30 ? 134 HIS A CE1 1 
ATOM   1032 N  NE2 . HIS A 1 136 ? 2.154   3.906   12.660  1.00 11.99 ? 134 HIS A NE2 1 
ATOM   1033 N  N   . LYS A 1 137 ? 4.638   -0.162  9.640   1.00 10.94 ? 135 LYS A N   1 
ATOM   1034 C  CA  . LYS A 1 137 ? 5.800   0.259   8.864   1.00 11.61 ? 135 LYS A CA  1 
ATOM   1035 C  C   . LYS A 1 137 ? 5.540   0.239   7.373   1.00 11.36 ? 135 LYS A C   1 
ATOM   1036 O  O   . LYS A 1 137 ? 5.981   1.129   6.656   1.00 11.82 ? 135 LYS A O   1 
ATOM   1037 C  CB  . LYS A 1 137 ? 7.016   -0.607  9.184   1.00 12.47 ? 135 LYS A CB  1 
ATOM   1038 C  CG  . LYS A 1 137 ? 7.555   -0.421  10.577  1.00 13.14 ? 135 LYS A CG  1 
ATOM   1039 C  CD  . LYS A 1 137 ? 8.701   -1.366  10.868  1.00 14.35 ? 135 LYS A CD  1 
ATOM   1040 C  CE  . LYS A 1 137 ? 9.262   -1.083  12.240  1.00 16.13 ? 135 LYS A CE  1 
ATOM   1041 N  NZ  . LYS A 1 137 ? 10.200  -2.129  12.696  1.00 17.29 ? 135 LYS A NZ  1 
ATOM   1042 N  N   . VAL A 1 138 ? 4.810   -0.754  6.882   1.00 10.98 ? 136 VAL A N   1 
ATOM   1043 C  CA  . VAL A 1 138 ? 4.470   -0.797  5.466   1.00 11.24 ? 136 VAL A CA  1 
ATOM   1044 C  C   . VAL A 1 138 ? 3.690   0.458   5.055   1.00 11.41 ? 136 VAL A C   1 
ATOM   1045 O  O   . VAL A 1 138 ? 4.081   1.163   4.120   1.00 11.50 ? 136 VAL A O   1 
ATOM   1046 C  CB  . VAL A 1 138 ? 3.684   -2.088  5.114   1.00 12.01 ? 136 VAL A CB  1 
ATOM   1047 C  CG1 . VAL A 1 138 ? 3.025   -1.973  3.747   1.00 11.84 ? 136 VAL A CG1 1 
ATOM   1048 C  CG2 . VAL A 1 138 ? 4.612   -3.297  5.166   1.00 12.00 ? 136 VAL A CG2 1 
ATOM   1049 N  N   . VAL A 1 139 ? 2.599   0.757   5.763   1.00 11.53 ? 137 VAL A N   1 
ATOM   1050 C  CA  . VAL A 1 139 ? 1.720   1.846   5.341   1.00 11.68 ? 137 VAL A CA  1 
ATOM   1051 C  C   . VAL A 1 139 ? 2.315   3.201   5.640   1.00 11.86 ? 137 VAL A C   1 
ATOM   1052 O  O   . VAL A 1 139 ? 2.297   4.081   4.768   1.00 11.77 ? 137 VAL A O   1 
ATOM   1053 C  CB  . VAL A 1 139 ? 0.321   1.701   5.972   1.00 11.89 ? 137 VAL A CB  1 
ATOM   1054 C  CG1 . VAL A 1 139 ? -0.562  2.898   5.640   1.00 12.37 ? 137 VAL A CG1 1 
ATOM   1055 C  CG2 . VAL A 1 139 ? -0.337  0.428   5.470   1.00 12.02 ? 137 VAL A CG2 1 
ATOM   1056 N  N   . TYR A 1 140 ? 2.903   3.351   6.816   1.00 12.20 ? 138 TYR A N   1 
ATOM   1057 C  CA  . TYR A 1 140 ? 3.545   4.628   7.153   1.00 13.30 ? 138 TYR A CA  1 
ATOM   1058 C  C   . TYR A 1 140 ? 4.711   4.916   6.206   1.00 14.26 ? 138 TYR A C   1 
ATOM   1059 O  O   . TYR A 1 140 ? 4.960   6.063   5.866   1.00 15.66 ? 138 TYR A O   1 
ATOM   1060 C  CB  . TYR A 1 140 ? 3.987   4.689   8.610   1.00 13.78 ? 138 TYR A CB  1 
ATOM   1061 C  CG  . TYR A 1 140 ? 4.410   6.082   9.021   1.00 15.08 ? 138 TYR A CG  1 
ATOM   1062 C  CD1 . TYR A 1 140 ? 3.481   7.115   9.096   1.00 14.83 ? 138 TYR A CD1 1 
ATOM   1063 C  CD2 . TYR A 1 140 ? 5.734   6.370   9.290   1.00 16.21 ? 138 TYR A CD2 1 
ATOM   1064 C  CE1 . TYR A 1 140 ? 3.863   8.399   9.445   1.00 15.37 ? 138 TYR A CE1 1 
ATOM   1065 C  CE2 . TYR A 1 140 ? 6.129   7.648   9.650   1.00 16.26 ? 138 TYR A CE2 1 
ATOM   1066 C  CZ  . TYR A 1 140 ? 5.182   8.654   9.733   1.00 16.34 ? 138 TYR A CZ  1 
ATOM   1067 O  OH  . TYR A 1 140 ? 5.599   9.928   10.076  1.00 17.95 ? 138 TYR A OH  1 
ATOM   1068 N  N   . GLY A 1 141 ? 5.384   3.867   5.732   1.00 13.81 ? 139 GLY A N   1 
ATOM   1069 C  CA  . GLY A 1 141 ? 6.440   4.031   4.739   1.00 14.64 ? 139 GLY A CA  1 
ATOM   1070 C  C   . GLY A 1 141 ? 5.923   4.714   3.497   1.00 14.91 ? 139 GLY A C   1 
ATOM   1071 O  O   . GLY A 1 141 ? 6.551   5.665   3.003   1.00 17.34 ? 139 GLY A O   1 
ATOM   1072 N  N   . LEU A 1 142 ? 4.774   4.267   2.996   1.00 15.17 ? 140 LEU A N   1 
ATOM   1073 C  CA  . LEU A 1 142 ? 4.133   4.852   1.820   1.00 16.18 ? 140 LEU A CA  1 
ATOM   1074 C  C   . LEU A 1 142 ? 3.637   6.276   2.029   1.00 17.18 ? 140 LEU A C   1 
ATOM   1075 O  O   . LEU A 1 142 ? 3.347   6.992   1.053   1.00 21.08 ? 140 LEU A O   1 
ATOM   1076 C  CB  . LEU A 1 142 ? 2.927   4.032   1.387   1.00 16.70 ? 140 LEU A CB  1 
ATOM   1077 C  CG  . LEU A 1 142 ? 3.171   2.606   0.913   1.00 16.89 ? 140 LEU A CG  1 
ATOM   1078 C  CD1 . LEU A 1 142 ? 1.844   1.989   0.554   1.00 16.97 ? 140 LEU A CD1 1 
ATOM   1079 C  CD2 . LEU A 1 142 ? 4.128   2.613   -0.261  1.00 17.49 ? 140 LEU A CD2 1 
ATOM   1080 N  N   . MET A 1 143 ? 3.457   6.646   3.293   1.00 15.62 ? 141 MET A N   1 
ATOM   1081 C  CA  . MET A 1 143 ? 3.022   7.986   3.649   1.00 15.75 ? 141 MET A CA  1 
ATOM   1082 C  C   . MET A 1 143 ? 4.205   8.922   3.744   1.00 16.87 ? 141 MET A C   1 
ATOM   1083 O  O   . MET A 1 143 ? 4.041   10.141  3.597   1.00 17.80 ? 141 MET A O   1 
ATOM   1084 C  CB  . MET A 1 143 ? 2.285   7.958   4.990   1.00 14.90 ? 141 MET A CB  1 
ATOM   1085 C  CG  . MET A 1 143 ? 0.995   7.178   4.923   1.00 14.03 ? 141 MET A CG  1 
ATOM   1086 S  SD  . MET A 1 143 ? 0.344   6.743   6.546   1.00 12.83 ? 141 MET A SD  1 
ATOM   1087 C  CE  . MET A 1 143 ? -0.099  8.355   7.182   1.00 12.52 ? 141 MET A CE  1 
ATOM   1088 N  N   . SER A 1 144 ? 5.382   8.367   3.977   1.00 16.56 ? 142 SER A N   1 
ATOM   1089 C  CA  . SER A 1 144 ? 6.563   9.161   4.225   1.00 17.04 ? 142 SER A CA  1 
ATOM   1090 C  C   . SER A 1 144 ? 7.607   9.061   3.107   1.00 16.83 ? 142 SER A C   1 
ATOM   1091 O  O   . SER A 1 144 ? 8.760   9.368   3.326   1.00 18.47 ? 142 SER A O   1 
ATOM   1092 C  CB  . SER A 1 144 ? 7.154   8.741   5.560   1.00 18.81 ? 142 SER A CB  1 
ATOM   1093 O  OG  . SER A 1 144 ? 7.317   7.335   5.620   1.00 20.84 ? 142 SER A OG  1 
ATOM   1094 N  N   . GLY A 1 145 ? 7.191   8.623   1.927   1.00 16.30 ? 143 GLY A N   1 
ATOM   1095 C  CA  . GLY A 1 145 ? 8.061   8.583   0.746   1.00 17.12 ? 143 GLY A CA  1 
ATOM   1096 C  C   . GLY A 1 145 ? 9.098   7.477   0.705   1.00 18.12 ? 143 GLY A C   1 
ATOM   1097 O  O   . GLY A 1 145 ? 10.068  7.581   -0.060  1.00 19.44 ? 143 GLY A O   1 
ATOM   1098 N  N   . ASP A 1 146 ? 8.898   6.429   1.506   1.00 19.13 ? 144 ASP A N   1 
ATOM   1099 C  CA  . ASP A 1 146 ? 9.847   5.321   1.638   1.00 19.33 ? 144 ASP A CA  1 
ATOM   1100 C  C   . ASP A 1 146 ? 9.110   3.978   1.595   1.00 18.85 ? 144 ASP A C   1 
ATOM   1101 O  O   . ASP A 1 146 ? 8.504   3.573   2.584   1.00 19.04 ? 144 ASP A O   1 
ATOM   1102 C  CB  . ASP A 1 146 ? 10.610  5.455   2.956   1.00 21.16 ? 144 ASP A CB  1 
ATOM   1103 C  CG  . ASP A 1 146 ? 11.604  4.345   3.177   1.00 22.98 ? 144 ASP A CG  1 
ATOM   1104 O  OD1 . ASP A 1 146 ? 11.667  3.430   2.337   1.00 21.83 ? 144 ASP A OD1 1 
ATOM   1105 O  OD2 . ASP A 1 146 ? 12.336  4.393   4.195   1.00 25.01 ? 144 ASP A OD2 1 
ATOM   1106 N  N   . SER A 1 147 ? 9.208   3.285   0.463   1.00 16.63 ? 145 SER A N   1 
ATOM   1107 C  CA  . SER A 1 147 ? 8.537   2.006   0.231   1.00 16.45 ? 145 SER A CA  1 
ATOM   1108 C  C   . SER A 1 147 ? 9.346   0.767   0.633   1.00 15.34 ? 145 SER A C   1 
ATOM   1109 O  O   . SER A 1 147 ? 8.953   -0.344  0.271   1.00 15.18 ? 145 SER A O   1 
ATOM   1110 C  CB  . SER A 1 147 ? 8.134   1.887   -1.256  1.00 17.55 ? 145 SER A CB  1 
ATOM   1111 O  OG  . SER A 1 147 ? 9.253   1.670   -2.083  1.00 18.37 ? 145 SER A OG  1 
ATOM   1112 N  N   . SER A 1 148 ? 10.430  0.932   1.395   1.00 14.90 ? 146 SER A N   1 
ATOM   1113 C  CA  A SER A 1 148 ? 11.292  -0.198  1.764   0.60 15.02 ? 146 SER A CA  1 
ATOM   1114 C  CA  B SER A 1 148 ? 11.293  -0.205  1.739   0.40 14.53 ? 146 SER A CA  1 
ATOM   1115 C  C   . SER A 1 148 ? 10.551  -1.315  2.483   1.00 14.62 ? 146 SER A C   1 
ATOM   1116 O  O   . SER A 1 148 ? 10.772  -2.493  2.226   1.00 14.33 ? 146 SER A O   1 
ATOM   1117 C  CB  A SER A 1 148 ? 12.456  0.264   2.642   0.60 15.79 ? 146 SER A CB  1 
ATOM   1118 C  CB  B SER A 1 148 ? 12.547  0.231   2.525   0.40 14.58 ? 146 SER A CB  1 
ATOM   1119 O  OG  A SER A 1 148 ? 13.281  1.171   1.936   0.60 17.28 ? 146 SER A OG  1 
ATOM   1120 O  OG  B SER A 1 148 ? 12.243  0.795   3.791   0.40 14.38 ? 146 SER A OG  1 
ATOM   1121 N  N   . ALA A 1 149 ? 9.675   -0.957  3.412   1.00 14.03 ? 147 ALA A N   1 
ATOM   1122 C  CA  . ALA A 1 149 ? 8.982   -1.978  4.185   1.00 12.95 ? 147 ALA A CA  1 
ATOM   1123 C  C   . ALA A 1 149 ? 8.053   -2.794  3.285   1.00 12.98 ? 147 ALA A C   1 
ATOM   1124 O  O   . ALA A 1 149 ? 8.014   -4.025  3.375   1.00 12.87 ? 147 ALA A O   1 
ATOM   1125 C  CB  . ALA A 1 149 ? 8.215   -1.345  5.340   1.00 13.25 ? 147 ALA A CB  1 
ATOM   1126 N  N   . LEU A 1 150 ? 7.297   -2.127  2.426   1.00 12.25 ? 148 LEU A N   1 
ATOM   1127 C  CA  . LEU A 1 150 ? 6.437   -2.839  1.480   1.00 12.06 ? 148 LEU A CA  1 
ATOM   1128 C  C   . LEU A 1 150 ? 7.278   -3.729  0.565   1.00 12.65 ? 148 LEU A C   1 
ATOM   1129 O  O   . LEU A 1 150 ? 6.921   -4.869  0.340   1.00 13.31 ? 148 LEU A O   1 
ATOM   1130 C  CB  . LEU A 1 150 ? 5.627   -1.861  0.660   1.00 11.96 ? 148 LEU A CB  1 
ATOM   1131 C  CG  . LEU A 1 150 ? 4.772   -2.474  -0.449  1.00 12.05 ? 148 LEU A CG  1 
ATOM   1132 C  CD1 . LEU A 1 150 ? 3.790   -3.498  0.103   1.00 12.36 ? 148 LEU A CD1 1 
ATOM   1133 C  CD2 . LEU A 1 150 ? 4.086   -1.386  -1.254  1.00 12.34 ? 148 LEU A CD2 1 
ATOM   1134 N  N   . GLN A 1 151 ? 8.380   -3.203  0.049   1.00 13.77 ? 149 GLN A N   1 
ATOM   1135 C  CA  . GLN A 1 151 ? 9.280   -4.006  -0.784  1.00 14.54 ? 149 GLN A CA  1 
ATOM   1136 C  C   . GLN A 1 151 ? 9.779   -5.260  -0.071  1.00 14.85 ? 149 GLN A C   1 
ATOM   1137 O  O   . GLN A 1 151 ? 9.831   -6.338  -0.657  1.00 14.65 ? 149 GLN A O   1 
ATOM   1138 C  CB  . GLN A 1 151 ? 10.484  -3.186  -1.227  1.00 15.50 ? 149 GLN A CB  1 
ATOM   1139 C  CG  . GLN A 1 151 ? 10.175  -2.157  -2.284  1.00 16.67 ? 149 GLN A CG  1 
ATOM   1140 C  CD  . GLN A 1 151 ? 11.413  -1.430  -2.728  1.00 18.68 ? 149 GLN A CD  1 
ATOM   1141 O  OE1 . GLN A 1 151 ? 12.431  -2.054  -3.010  1.00 22.45 ? 149 GLN A OE1 1 
ATOM   1142 N  NE2 . GLN A 1 151 ? 11.337  -0.110  -2.781  1.00 20.74 ? 149 GLN A NE2 1 
ATOM   1143 N  N   . GLY A 1 152 ? 10.154  -5.129  1.191   1.00 14.17 ? 150 GLY A N   1 
ATOM   1144 C  CA  . GLY A 1 152 ? 10.623  -6.279  1.957   1.00 14.71 ? 150 GLY A CA  1 
ATOM   1145 C  C   . GLY A 1 152 ? 9.575   -7.367  2.102   1.00 14.71 ? 150 GLY A C   1 
ATOM   1146 O  O   . GLY A 1 152 ? 9.888   -8.560  1.999   1.00 15.34 ? 150 GLY A O   1 
ATOM   1147 N  N   . GLN A 1 153 ? 8.317   -6.988  2.335   1.00 14.06 ? 151 GLN A N   1 
ATOM   1148 C  CA  A GLN A 1 153 ? 7.222   -7.964  2.459   0.70 14.42 ? 151 GLN A CA  1 
ATOM   1149 C  CA  B GLN A 1 153 ? 7.284   -7.987  2.483   0.30 13.75 ? 151 GLN A CA  1 
ATOM   1150 C  C   . GLN A 1 153 ? 6.980   -8.673  1.138   1.00 13.84 ? 151 GLN A C   1 
ATOM   1151 O  O   . GLN A 1 153 ? 6.879   -9.893  1.083   1.00 14.45 ? 151 GLN A O   1 
ATOM   1152 C  CB  A GLN A 1 153 ? 5.895   -7.317  2.934   0.70 15.08 ? 151 GLN A CB  1 
ATOM   1153 C  CB  B GLN A 1 153 ? 6.059   -7.368  3.154   0.30 13.49 ? 151 GLN A CB  1 
ATOM   1154 C  CG  A GLN A 1 153 ? 4.665   -8.263  3.001   0.70 15.59 ? 151 GLN A CG  1 
ATOM   1155 C  CG  B GLN A 1 153 ? 6.387   -6.816  4.543   0.30 13.02 ? 151 GLN A CG  1 
ATOM   1156 C  CD  A GLN A 1 153 ? 4.779   -9.413  4.007   0.70 15.83 ? 151 GLN A CD  1 
ATOM   1157 C  CD  B GLN A 1 153 ? 7.035   -7.845  5.462   0.30 12.72 ? 151 GLN A CD  1 
ATOM   1158 O  OE1 A GLN A 1 153 ? 3.938   -10.329 4.032   0.70 16.91 ? 151 GLN A OE1 1 
ATOM   1159 O  OE1 B GLN A 1 153 ? 8.153   -7.666  5.957   0.30 11.91 ? 151 GLN A OE1 1 
ATOM   1160 N  NE2 A GLN A 1 153 ? 5.794   -9.367  4.840   0.70 16.75 ? 151 GLN A NE2 1 
ATOM   1161 N  NE2 B GLN A 1 153 ? 6.324   -8.922  5.708   0.30 12.76 ? 151 GLN A NE2 1 
ATOM   1162 N  N   . ILE A 1 154 ? 6.879   -7.899  0.070   1.00 13.34 ? 152 ILE A N   1 
ATOM   1163 C  CA  . ILE A 1 154 ? 6.652   -8.468  -1.257  1.00 13.68 ? 152 ILE A CA  1 
ATOM   1164 C  C   . ILE A 1 154 ? 7.817   -9.386  -1.648  1.00 13.56 ? 152 ILE A C   1 
ATOM   1165 O  O   . ILE A 1 154 ? 7.581   -10.472 -2.194  1.00 12.65 ? 152 ILE A O   1 
ATOM   1166 C  CB  . ILE A 1 154 ? 6.425   -7.381  -2.330  1.00 13.46 ? 152 ILE A CB  1 
ATOM   1167 C  CG1 . ILE A 1 154 ? 5.147   -6.576  -2.052  1.00 14.25 ? 152 ILE A CG1 1 
ATOM   1168 C  CG2 . ILE A 1 154 ? 6.337   -8.002  -3.720  1.00 13.29 ? 152 ILE A CG2 1 
ATOM   1169 C  CD1 . ILE A 1 154 ? 5.103   -5.280  -2.829  1.00 15.19 ? 152 ILE A CD1 1 
ATOM   1170 N  N   . ASP A 1 155 ? 9.050   -8.973  -1.361  1.00 13.14 ? 153 ASP A N   1 
ATOM   1171 C  CA  . ASP A 1 155 ? 10.220  -9.806  -1.672  1.00 13.51 ? 153 ASP A CA  1 
ATOM   1172 C  C   . ASP A 1 155 ? 10.088  -11.183 -1.026  1.00 13.91 ? 153 ASP A C   1 
ATOM   1173 O  O   . ASP A 1 155 ? 10.308  -12.213 -1.663  1.00 13.43 ? 153 ASP A O   1 
ATOM   1174 C  CB  . ASP A 1 155 ? 11.492  -9.110  -1.209  1.00 14.07 ? 153 ASP A CB  1 
ATOM   1175 C  CG  . ASP A 1 155 ? 12.756  -9.768  -1.741  1.00 14.84 ? 153 ASP A CG  1 
ATOM   1176 O  OD1 . ASP A 1 155 ? 13.583  -10.197 -0.911  1.00 17.59 ? 153 ASP A OD1 1 
ATOM   1177 O  OD2 . ASP A 1 155 ? 12.912  -9.862  -2.970  1.00 15.08 ? 153 ASP A OD2 1 
ATOM   1178 N  N   . ALA A 1 156 ? 9.713   -11.208 0.245   1.00 14.18 ? 154 ALA A N   1 
ATOM   1179 C  CA  . ALA A 1 156 ? 9.593   -12.458 0.977   1.00 14.63 ? 154 ALA A CA  1 
ATOM   1180 C  C   . ALA A 1 156 ? 8.494   -13.328 0.400   1.00 14.95 ? 154 ALA A C   1 
ATOM   1181 O  O   . ALA A 1 156 ? 8.652   -14.542 0.274   1.00 15.27 ? 154 ALA A O   1 
ATOM   1182 C  CB  . ALA A 1 156 ? 9.313   -12.161 2.445   1.00 14.78 ? 154 ALA A CB  1 
ATOM   1183 N  N   . LEU A 1 157 ? 7.370   -12.721 0.047   1.00 14.55 ? 155 LEU A N   1 
ATOM   1184 C  CA  . LEU A 1 157 ? 6.242   -13.468 -0.510  1.00 14.73 ? 155 LEU A CA  1 
ATOM   1185 C  C   . LEU A 1 157 ? 6.656   -14.075 -1.843  1.00 14.13 ? 155 LEU A C   1 
ATOM   1186 O  O   . LEU A 1 157 ? 6.344   -15.236 -2.133  1.00 14.93 ? 155 LEU A O   1 
ATOM   1187 C  CB  . LEU A 1 157 ? 5.014   -12.576 -0.742  1.00 15.78 ? 155 LEU A CB  1 
ATOM   1188 C  CG  . LEU A 1 157 ? 4.305   -12.055 0.515   1.00 16.46 ? 155 LEU A CG  1 
ATOM   1189 C  CD1 . LEU A 1 157 ? 3.362   -10.916 0.168   1.00 16.79 ? 155 LEU A CD1 1 
ATOM   1190 C  CD2 . LEU A 1 157 ? 3.562   -13.172 1.225   1.00 17.10 ? 155 LEU A CD2 1 
ATOM   1191 N  N   . LEU A 1 158 ? 7.356   -13.288 -2.654  1.00 13.27 ? 156 LEU A N   1 
ATOM   1192 C  CA  . LEU A 1 158 ? 7.731   -13.753 -3.989  1.00 13.44 ? 156 LEU A CA  1 
ATOM   1193 C  C   . LEU A 1 158 ? 8.754   -14.881 -3.949  1.00 13.43 ? 156 LEU A C   1 
ATOM   1194 O  O   . LEU A 1 158 ? 8.630   -15.840 -4.693  1.00 13.68 ? 156 LEU A O   1 
ATOM   1195 C  CB  . LEU A 1 158 ? 8.239   -12.607 -4.847  1.00 12.86 ? 156 LEU A CB  1 
ATOM   1196 C  CG  . LEU A 1 158 ? 7.178   -11.582 -5.247  1.00 13.02 ? 156 LEU A CG  1 
ATOM   1197 C  CD1 . LEU A 1 158 ? 7.871   -10.462 -5.997  1.00 12.66 ? 156 LEU A CD1 1 
ATOM   1198 C  CD2 . LEU A 1 158 ? 6.072   -12.208 -6.077  1.00 13.33 ? 156 LEU A CD2 1 
ATOM   1199 N  N   . LYS A 1 159 ? 9.748   -14.764 -3.081  1.00 13.40 ? 157 LYS A N   1 
ATOM   1200 C  CA  . LYS A 1 159 ? 10.751  -15.807 -2.943  1.00 14.52 ? 157 LYS A CA  1 
ATOM   1201 C  C   . LYS A 1 159 ? 10.133  -17.126 -2.480  1.00 14.94 ? 157 LYS A C   1 
ATOM   1202 O  O   . LYS A 1 159 ? 10.590  -18.198 -2.880  1.00 15.77 ? 157 LYS A O   1 
ATOM   1203 C  CB  . LYS A 1 159 ? 11.883  -15.338 -2.037  1.00 15.39 ? 157 LYS A CB  1 
ATOM   1204 C  CG  . LYS A 1 159 ? 12.741  -14.304 -2.729  1.00 16.37 ? 157 LYS A CG  1 
ATOM   1205 C  CD  . LYS A 1 159 ? 13.792  -13.657 -1.860  1.00 17.18 ? 157 LYS A CD  1 
ATOM   1206 C  CE  . LYS A 1 159 ? 14.661  -12.753 -2.728  1.00 17.80 ? 157 LYS A CE  1 
ATOM   1207 N  NZ  . LYS A 1 159 ? 15.632  -11.918 -2.011  1.00 19.26 ? 157 LYS A NZ  1 
ATOM   1208 N  N   . ALA A 1 160 ? 9.085   -17.062 -1.661  1.00 15.27 ? 158 ALA A N   1 
ATOM   1209 C  CA  . ALA A 1 160 ? 8.377   -18.272 -1.257  1.00 15.91 ? 158 ALA A CA  1 
ATOM   1210 C  C   . ALA A 1 160 ? 7.600   -18.905 -2.402  1.00 16.22 ? 158 ALA A C   1 
ATOM   1211 O  O   . ALA A 1 160 ? 7.368   -20.113 -2.399  1.00 17.97 ? 158 ALA A O   1 
ATOM   1212 C  CB  . ALA A 1 160 ? 7.445   -17.980 -0.086  1.00 16.16 ? 158 ALA A CB  1 
ATOM   1213 N  N   . VAL A 1 161 ? 7.164   -18.099 -3.368  1.00 15.55 ? 159 VAL A N   1 
ATOM   1214 C  CA  . VAL A 1 161 ? 6.492   -18.628 -4.558  1.00 15.29 ? 159 VAL A CA  1 
ATOM   1215 C  C   . VAL A 1 161 ? 7.511   -19.397 -5.400  1.00 15.02 ? 159 VAL A C   1 
ATOM   1216 O  O   . VAL A 1 161 ? 7.267   -20.532 -5.801  1.00 15.12 ? 159 VAL A O   1 
ATOM   1217 C  CB  . VAL A 1 161 ? 5.831   -17.523 -5.402  1.00 15.80 ? 159 VAL A CB  1 
ATOM   1218 C  CG1 . VAL A 1 161 ? 5.362   -18.071 -6.752  1.00 15.70 ? 159 VAL A CG1 1 
ATOM   1219 C  CG2 . VAL A 1 161 ? 4.657   -16.932 -4.646  1.00 16.35 ? 159 VAL A CG2 1 
ATOM   1220 N  N   . ASP A 1 162 ? 8.655   -18.776 -5.650  1.00 14.91 ? 160 ASP A N   1 
ATOM   1221 C  CA  . ASP A 1 162 ? 9.751   -19.421 -6.374  1.00 15.09 ? 160 ASP A CA  1 
ATOM   1222 C  C   . ASP A 1 162 ? 11.047  -18.680 -6.090  1.00 14.74 ? 160 ASP A C   1 
ATOM   1223 O  O   . ASP A 1 162 ? 11.078  -17.445 -6.130  1.00 13.79 ? 160 ASP A O   1 
ATOM   1224 C  CB  . ASP A 1 162 ? 9.492   -19.398 -7.880  1.00 16.08 ? 160 ASP A CB  1 
ATOM   1225 C  CG  . ASP A 1 162 ? 10.479  -20.252 -8.634  1.00 16.81 ? 160 ASP A CG  1 
ATOM   1226 O  OD1 . ASP A 1 162 ? 11.594  -19.780 -8.958  1.00 18.86 ? 160 ASP A OD1 1 
ATOM   1227 O  OD2 . ASP A 1 162 ? 10.150  -21.437 -8.845  1.00 18.42 ? 160 ASP A OD2 1 
ATOM   1228 N  N   . PRO A 1 163 ? 12.137  -19.413 -5.822  1.00 15.51 ? 161 PRO A N   1 
ATOM   1229 C  CA  . PRO A 1 163 ? 13.364  -18.737 -5.402  1.00 16.02 ? 161 PRO A CA  1 
ATOM   1230 C  C   . PRO A 1 163 ? 13.984  -17.834 -6.473  1.00 15.58 ? 161 PRO A C   1 
ATOM   1231 O  O   . PRO A 1 163 ? 14.836  -17.007 -6.137  1.00 16.85 ? 161 PRO A O   1 
ATOM   1232 C  CB  . PRO A 1 163 ? 14.315  -19.894 -5.045  1.00 16.27 ? 161 PRO A CB  1 
ATOM   1233 C  CG  . PRO A 1 163 ? 13.773  -21.084 -5.742  1.00 16.21 ? 161 PRO A CG  1 
ATOM   1234 C  CD  . PRO A 1 163 ? 12.290  -20.882 -5.853  1.00 15.80 ? 161 PRO A CD  1 
ATOM   1235 N  N   . SER A 1 164 ? 13.596  -17.994 -7.741  1.00 15.00 ? 162 SER A N   1 
ATOM   1236 C  CA  . SER A 1 164 ? 14.107  -17.102 -8.792  1.00 15.31 ? 162 SER A CA  1 
ATOM   1237 C  C   . SER A 1 164 ? 13.342  -15.785 -8.856  1.00 15.14 ? 162 SER A C   1 
ATOM   1238 O  O   . SER A 1 164 ? 13.756  -14.866 -9.571  1.00 15.81 ? 162 SER A O   1 
ATOM   1239 C  CB  . SER A 1 164 ? 14.057  -17.771 -10.164 1.00 15.76 ? 162 SER A CB  1 
ATOM   1240 O  OG  . SER A 1 164 ? 12.734  -17.911 -10.623 1.00 16.82 ? 162 SER A OG  1 
ATOM   1241 N  N   . LEU A 1 165 ? 12.232  -15.677 -8.124  1.00 14.43 ? 163 LEU A N   1 
ATOM   1242 C  CA  . LEU A 1 165 ? 11.402  -14.471 -8.119  1.00 14.27 ? 163 LEU A CA  1 
ATOM   1243 C  C   . LEU A 1 165 ? 11.738  -13.602 -6.925  1.00 14.67 ? 163 LEU A C   1 
ATOM   1244 O  O   . LEU A 1 165 ? 11.951  -14.095 -5.820  1.00 16.43 ? 163 LEU A O   1 
ATOM   1245 C  CB  . LEU A 1 165 ? 9.921   -14.829 -8.100  1.00 14.59 ? 163 LEU A CB  1 
ATOM   1246 C  CG  . LEU A 1 165 ? 9.429   -15.707 -9.258  1.00 14.67 ? 163 LEU A CG  1 
ATOM   1247 C  CD1 . LEU A 1 165 ? 7.973   -16.111 -9.084  1.00 14.59 ? 163 LEU A CD1 1 
ATOM   1248 C  CD2 . LEU A 1 165 ? 9.648   -15.017 -10.594 1.00 14.87 ? 163 LEU A CD2 1 
ATOM   1249 N  N   . SER A 1 166 ? 11.790  -12.298 -7.151  1.00 13.42 ? 164 SER A N   1 
ATOM   1250 C  CA  . SER A 1 166 ? 12.099  -11.368 -6.086  1.00 13.28 ? 164 SER A CA  1 
ATOM   1251 C  C   . SER A 1 166 ? 11.476  -10.027 -6.397  1.00 12.65 ? 164 SER A C   1 
ATOM   1252 O  O   . SER A 1 166 ? 10.894  -9.832  -7.448  1.00 12.74 ? 164 SER A O   1 
ATOM   1253 C  CB  . SER A 1 166 ? 13.613  -11.197 -5.938  1.00 13.42 ? 164 SER A CB  1 
ATOM   1254 O  OG  . SER A 1 166 ? 14.156  -10.478 -7.036  1.00 13.17 ? 164 SER A OG  1 
ATOM   1255 N  N   . ILE A 1 167 ? 11.638  -9.096  -5.464  1.00 12.67 ? 165 ILE A N   1 
ATOM   1256 C  CA  . ILE A 1 167 ? 11.252  -7.706  -5.705  1.00 12.96 ? 165 ILE A CA  1 
ATOM   1257 C  C   . ILE A 1 167 ? 11.984  -7.105  -6.916  1.00 12.60 ? 165 ILE A C   1 
ATOM   1258 O  O   . ILE A 1 167 ? 11.524  -6.130  -7.518  1.00 12.36 ? 165 ILE A O   1 
ATOM   1259 C  CB  . ILE A 1 167 ? 11.458  -6.874  -4.411  1.00 13.23 ? 165 ILE A CB  1 
ATOM   1260 C  CG1 . ILE A 1 167 ? 10.632  -5.579  -4.430  1.00 13.86 ? 165 ILE A CG1 1 
ATOM   1261 C  CG2 . ILE A 1 167 ? 12.922  -6.578  -4.173  1.00 13.07 ? 165 ILE A CG2 1 
ATOM   1262 C  CD1 . ILE A 1 167 ? 9.173   -5.802  -4.145  1.00 14.44 ? 165 ILE A CD1 1 
ATOM   1263 N  N   . ASN A 1 168 ? 13.126  -7.702  -7.290  1.00 12.12 ? 166 ASN A N   1 
ATOM   1264 C  CA  . ASN A 1 168 ? 13.897  -7.260  -8.442  1.00 12.42 ? 166 ASN A CA  1 
ATOM   1265 C  C   . ASN A 1 168 ? 13.561  -7.995  -9.751  1.00 11.89 ? 166 ASN A C   1 
ATOM   1266 O  O   . ASN A 1 168 ? 14.317  -7.876  -10.721 1.00 11.48 ? 166 ASN A O   1 
ATOM   1267 C  CB  . ASN A 1 168 ? 15.378  -7.365  -8.096  1.00 12.71 ? 166 ASN A CB  1 
ATOM   1268 C  CG  . ASN A 1 168 ? 15.762  -6.446  -6.938  1.00 12.99 ? 166 ASN A CG  1 
ATOM   1269 O  OD1 . ASN A 1 168 ? 16.315  -6.886  -5.898  1.00 15.11 ? 166 ASN A OD1 1 
ATOM   1270 N  ND2 . ASN A 1 168 ? 15.460  -5.175  -7.100  1.00 12.19 ? 166 ASN A ND2 1 
ATOM   1271 N  N   . SER A 1 169 ? 12.424  -8.700  -9.763  1.00 11.77 ? 167 SER A N   1 
ATOM   1272 C  CA  . SER A 1 169 ? 11.831  -9.285  -10.974 1.00 12.79 ? 167 SER A CA  1 
ATOM   1273 C  C   . SER A 1 169 ? 10.853  -8.311  -11.592 1.00 12.71 ? 167 SER A C   1 
ATOM   1274 O  O   . SER A 1 169 ? 10.266  -7.463  -10.895 1.00 12.64 ? 167 SER A O   1 
ATOM   1275 C  CB  . SER A 1 169 ? 11.059  -10.538 -10.629 1.00 13.06 ? 167 SER A CB  1 
ATOM   1276 O  OG  . SER A 1 169 ? 11.915  -11.528 -10.090 1.00 14.00 ? 167 SER A OG  1 
ATOM   1277 N  N   . THR A 1 170 ? 10.660  -8.425  -12.905 1.00 12.55 ? 168 THR A N   1 
ATOM   1278 C  CA  . THR A 1 170 ? 9.723   -7.540  -13.603 1.00 13.34 ? 168 THR A CA  1 
ATOM   1279 C  C   . THR A 1 170 ? 8.290   -8.037  -13.554 1.00 12.95 ? 168 THR A C   1 
ATOM   1280 O  O   . THR A 1 170 ? 8.006   -9.216  -13.317 1.00 12.91 ? 168 THR A O   1 
ATOM   1281 C  CB  . THR A 1 170 ? 10.103  -7.321  -15.068 1.00 13.54 ? 168 THR A CB  1 
ATOM   1282 O  OG1 . THR A 1 170 ? 9.895   -8.540  -15.784 1.00 13.90 ? 168 THR A OG1 1 
ATOM   1283 C  CG2 . THR A 1 170 ? 11.531  -6.848  -15.205 1.00 13.56 ? 168 THR A CG2 1 
ATOM   1284 N  N   . PHE A 1 171 ? 7.359   -7.113  -13.775 1.00 13.02 ? 169 PHE A N   1 
ATOM   1285 C  CA  . PHE A 1 171 ? 5.959   -7.467  -13.801 1.00 13.22 ? 169 PHE A CA  1 
ATOM   1286 C  C   . PHE A 1 171 ? 5.680   -8.544  -14.877 1.00 12.97 ? 169 PHE A C   1 
ATOM   1287 O  O   . PHE A 1 171 ? 4.948   -9.496  -14.612 1.00 13.10 ? 169 PHE A O   1 
ATOM   1288 C  CB  . PHE A 1 171 ? 5.088   -6.224  -14.006 1.00 13.50 ? 169 PHE A CB  1 
ATOM   1289 C  CG  . PHE A 1 171 ? 5.068   -5.304  -12.813 1.00 14.06 ? 169 PHE A CG  1 
ATOM   1290 C  CD1 . PHE A 1 171 ? 4.294   -5.616  -11.715 1.00 14.34 ? 169 PHE A CD1 1 
ATOM   1291 C  CD2 . PHE A 1 171 ? 5.836   -4.151  -12.784 1.00 14.54 ? 169 PHE A CD2 1 
ATOM   1292 C  CE1 . PHE A 1 171 ? 4.274   -4.787  -10.605 1.00 14.75 ? 169 PHE A CE1 1 
ATOM   1293 C  CE2 . PHE A 1 171 ? 5.815   -3.320  -11.678 1.00 14.72 ? 169 PHE A CE2 1 
ATOM   1294 C  CZ  . PHE A 1 171 ? 5.038   -3.639  -10.598 1.00 14.24 ? 169 PHE A CZ  1 
ATOM   1295 N  N   . ASP A 1 172 ? 6.276   -8.400  -16.057 1.00 14.10 ? 170 ASP A N   1 
ATOM   1296 C  CA  . ASP A 1 172 ? 6.113   -9.420  -17.117 1.00 14.93 ? 170 ASP A CA  1 
ATOM   1297 C  C   . ASP A 1 172 ? 6.623   -10.796 -16.700 1.00 14.38 ? 170 ASP A C   1 
ATOM   1298 O  O   . ASP A 1 172 ? 5.979   -11.811 -16.988 1.00 14.92 ? 170 ASP A O   1 
ATOM   1299 C  CB  . ASP A 1 172 ? 6.765   -8.985  -18.438 1.00 15.95 ? 170 ASP A CB  1 
ATOM   1300 C  CG  . ASP A 1 172 ? 5.843   -8.126  -19.312 1.00 17.56 ? 170 ASP A CG  1 
ATOM   1301 O  OD1 . ASP A 1 172 ? 4.646   -7.941  -19.000 1.00 20.35 ? 170 ASP A OD1 1 
ATOM   1302 O  OD2 . ASP A 1 172 ? 6.347   -7.625  -20.337 1.00 21.51 ? 170 ASP A OD2 1 
ATOM   1303 N  N   . GLN A 1 173 ? 7.758   -10.845 -16.007 1.00 13.95 ? 171 GLN A N   1 
ATOM   1304 C  CA  . GLN A 1 173 ? 8.246   -12.115 -15.475 1.00 13.63 ? 171 GLN A CA  1 
ATOM   1305 C  C   . GLN A 1 173 ? 7.242   -12.722 -14.516 1.00 13.22 ? 171 GLN A C   1 
ATOM   1306 O  O   . GLN A 1 173 ? 6.997   -13.937 -14.531 1.00 13.83 ? 171 GLN A O   1 
ATOM   1307 C  CB  . GLN A 1 173 ? 9.567   -11.953 -14.722 1.00 14.14 ? 171 GLN A CB  1 
ATOM   1308 C  CG  . GLN A 1 173 ? 10.795  -11.727 -15.564 1.00 15.26 ? 171 GLN A CG  1 
ATOM   1309 C  CD  . GLN A 1 173 ? 11.995  -11.562 -14.671 1.00 17.28 ? 171 GLN A CD  1 
ATOM   1310 O  OE1 . GLN A 1 173 ? 12.336  -10.469 -14.293 1.00 17.38 ? 171 GLN A OE1 1 
ATOM   1311 N  NE2 . GLN A 1 173 ? 12.605  -12.679 -14.278 1.00 18.65 ? 171 GLN A NE2 1 
ATOM   1312 N  N   . LEU A 1 174 ? 6.667   -11.889 -13.641 1.00 13.05 ? 172 LEU A N   1 
ATOM   1313 C  CA  . LEU A 1 174 ? 5.688   -12.361 -12.676 1.00 13.57 ? 172 LEU A CA  1 
ATOM   1314 C  C   . LEU A 1 174 ? 4.372   -12.813 -13.319 1.00 13.34 ? 172 LEU A C   1 
ATOM   1315 O  O   . LEU A 1 174 ? 3.735   -13.720 -12.806 1.00 14.50 ? 172 LEU A O   1 
ATOM   1316 C  CB  . LEU A 1 174 ? 5.441   -11.283 -11.605 1.00 13.73 ? 172 LEU A CB  1 
ATOM   1317 C  CG  . LEU A 1 174 ? 6.654   -10.959 -10.726 1.00 14.17 ? 172 LEU A CG  1 
ATOM   1318 C  CD1 . LEU A 1 174 ? 6.397   -9.715  -9.879  1.00 14.36 ? 172 LEU A CD1 1 
ATOM   1319 C  CD2 . LEU A 1 174 ? 6.994   -12.141 -9.841  1.00 14.69 ? 172 LEU A CD2 1 
ATOM   1320 N  N   . ALA A 1 175 ? 4.004   -12.202 -14.453 1.00 14.09 ? 173 ALA A N   1 
ATOM   1321 C  CA  . ALA A 1 175 ? 2.831   -12.626 -15.241 1.00 14.71 ? 173 ALA A CA  1 
ATOM   1322 C  C   . ALA A 1 175 ? 2.997   -14.024 -15.861 1.00 14.60 ? 173 ALA A C   1 
ATOM   1323 O  O   . ALA A 1 175 ? 2.081   -14.850 -15.800 1.00 14.91 ? 173 ALA A O   1 
ATOM   1324 C  CB  . ALA A 1 175 ? 2.523   -11.596 -16.315 1.00 15.17 ? 173 ALA A CB  1 
ATOM   1325 N  N   . ALA A 1 176 ? 4.174   -14.308 -16.411 1.00 14.54 ? 174 ALA A N   1 
ATOM   1326 C  CA  . ALA A 1 176 ? 4.451   -15.646 -16.958 1.00 14.71 ? 174 ALA A CA  1 
ATOM   1327 C  C   . ALA A 1 176 ? 4.370   -16.729 -15.875 1.00 15.01 ? 174 ALA A C   1 
ATOM   1328 O  O   . ALA A 1 176 ? 3.994   -17.890 -16.147 1.00 15.94 ? 174 ALA A O   1 
ATOM   1329 C  CB  . ALA A 1 176 ? 5.802   -15.670 -17.631 1.00 14.68 ? 174 ALA A CB  1 
ATOM   1330 N  N   . ALA A 1 177 ? 4.712   -16.351 -14.641 1.00 15.12 ? 175 ALA A N   1 
ATOM   1331 C  CA  . ALA A 1 177 ? 4.649   -17.238 -13.489 1.00 14.96 ? 175 ALA A CA  1 
ATOM   1332 C  C   . ALA A 1 177 ? 3.272   -17.243 -12.797 1.00 15.13 ? 175 ALA A C   1 
ATOM   1333 O  O   . ALA A 1 177 ? 3.126   -17.840 -11.743 1.00 15.80 ? 175 ALA A O   1 
ATOM   1334 C  CB  . ALA A 1 177 ? 5.739   -16.859 -12.491 1.00 15.20 ? 175 ALA A CB  1 
ATOM   1335 N  N   . GLY A 1 178 ? 2.279   -16.591 -13.391 1.00 15.63 ? 176 GLY A N   1 
ATOM   1336 C  CA  . GLY A 1 178 ? 0.915   -16.618 -12.879 1.00 16.21 ? 176 GLY A CA  1 
ATOM   1337 C  C   . GLY A 1 178 ? 0.663   -15.774 -11.645 1.00 16.85 ? 176 GLY A C   1 
ATOM   1338 O  O   . GLY A 1 178 ? -0.411  -15.867 -11.054 1.00 18.82 ? 176 GLY A O   1 
ATOM   1339 N  N   . VAL A 1 179 ? 1.648   -14.968 -11.250 1.00 16.28 ? 177 VAL A N   1 
ATOM   1340 C  CA  . VAL A 1 179 ? 1.540   -14.125 -10.057 1.00 17.66 ? 177 VAL A CA  1 
ATOM   1341 C  C   . VAL A 1 179 ? 0.889   -12.805 -10.425 1.00 17.35 ? 177 VAL A C   1 
ATOM   1342 O  O   . VAL A 1 179 ? 0.042   -12.295 -9.678  1.00 19.68 ? 177 VAL A O   1 
ATOM   1343 C  CB  . VAL A 1 179 ? 2.929   -13.887 -9.431  1.00 17.23 ? 177 VAL A CB  1 
ATOM   1344 C  CG1 . VAL A 1 179 ? 2.892   -12.780 -8.375  1.00 17.76 ? 177 VAL A CG1 1 
ATOM   1345 C  CG2 . VAL A 1 179 ? 3.445   -15.188 -8.837  1.00 17.05 ? 177 VAL A CG2 1 
ATOM   1346 N  N   . ALA A 1 180 ? 1.272   -12.258 -11.569 1.00 17.11 ? 178 ALA A N   1 
ATOM   1347 C  CA  . ALA A 1 180 ? 0.814   -10.950 -11.994 1.00 18.37 ? 178 ALA A CA  1 
ATOM   1348 C  C   . ALA A 1 180 ? -0.045  -11.030 -13.244 1.00 20.34 ? 178 ALA A C   1 
ATOM   1349 O  O   . ALA A 1 180 ? -0.032  -12.033 -13.964 1.00 19.37 ? 178 ALA A O   1 
ATOM   1350 C  CB  . ALA A 1 180 ? 1.998   -10.038 -12.230 1.00 18.10 ? 178 ALA A CB  1 
ATOM   1351 N  N   . HIS A 1 181 ? -0.799  -9.963  -13.483 1.00 21.52 ? 179 HIS A N   1 
ATOM   1352 C  CA  A HIS A 1 181 ? -1.609  -9.880  -14.686 0.30 22.10 ? 179 HIS A CA  1 
ATOM   1353 C  CA  B HIS A 1 181 ? -1.752  -9.876  -14.591 0.70 23.11 ? 179 HIS A CA  1 
ATOM   1354 C  C   . HIS A 1 181 ? -1.761  -8.445  -15.151 1.00 23.08 ? 179 HIS A C   1 
ATOM   1355 O  O   . HIS A 1 181 ? -1.926  -7.492  -14.365 1.00 21.00 ? 179 HIS A O   1 
ATOM   1356 C  CB  A HIS A 1 181 ? -2.961  -10.597 -14.551 0.30 22.33 ? 179 HIS A CB  1 
ATOM   1357 C  CB  B HIS A 1 181 ? -3.131  -10.289 -14.049 0.70 25.38 ? 179 HIS A CB  1 
ATOM   1358 C  CG  A HIS A 1 181 ? -3.871  -10.018 -13.514 0.30 22.22 ? 179 HIS A CG  1 
ATOM   1359 C  CG  B HIS A 1 181 ? -3.045  -11.330 -12.972 0.70 26.55 ? 179 HIS A CG  1 
ATOM   1360 N  ND1 A HIS A 1 181 ? -3.993  -10.557 -12.253 0.30 22.35 ? 179 HIS A ND1 1 
ATOM   1361 N  ND1 B HIS A 1 181 ? -2.955  -12.678 -13.250 0.70 27.71 ? 179 HIS A ND1 1 
ATOM   1362 C  CD2 A HIS A 1 181 ? -4.733  -8.975  -13.564 0.30 22.55 ? 179 HIS A CD2 1 
ATOM   1363 C  CD2 B HIS A 1 181 ? -2.945  -11.218 -11.624 0.70 27.22 ? 179 HIS A CD2 1 
ATOM   1364 C  CE1 A HIS A 1 181 ? -4.880  -9.860  -11.564 0.30 22.41 ? 179 HIS A CE1 1 
ATOM   1365 C  CE1 B HIS A 1 181 ? -2.832  -13.352 -12.121 0.70 27.71 ? 179 HIS A CE1 1 
ATOM   1366 N  NE2 A HIS A 1 181 ? -5.341  -8.893  -12.336 0.30 22.34 ? 179 HIS A NE2 1 
ATOM   1367 N  NE2 B HIS A 1 181 ? -2.824  -12.490 -11.119 0.70 27.50 ? 179 HIS A NE2 1 
ATOM   1368 N  N   . ALA A 1 182 ? -1.615  -8.295  -16.460 1.00 25.49 ? 180 ALA A N   1 
ATOM   1369 C  CA  . ALA A 1 182 ? -1.517  -6.992  -17.089 1.00 28.69 ? 180 ALA A CA  1 
ATOM   1370 C  C   . ALA A 1 182 ? -2.889  -6.419  -17.393 1.00 33.49 ? 180 ALA A C   1 
ATOM   1371 O  O   . ALA A 1 182 ? -3.867  -7.160  -17.520 1.00 34.09 ? 180 ALA A O   1 
ATOM   1372 C  CB  . ALA A 1 182 ? -0.707  -7.097  -18.370 1.00 29.25 ? 180 ALA A CB  1 
ATOM   1373 N  N   . THR A 1 183 ? -2.947  -5.093  -17.497 1.00 37.51 ? 181 THR A N   1 
ATOM   1374 C  CA  . THR A 1 183 ? -4.128  -4.395  -18.003 1.00 42.70 ? 181 THR A CA  1 
ATOM   1375 C  C   . THR A 1 183 ? -3.678  -3.215  -18.873 1.00 48.77 ? 181 THR A C   1 
ATOM   1376 O  O   . THR A 1 183 ? -2.674  -2.570  -18.573 1.00 45.10 ? 181 THR A O   1 
ATOM   1377 C  CB  . THR A 1 183 ? -5.025  -3.897  -16.852 1.00 43.30 ? 181 THR A CB  1 
ATOM   1378 O  OG1 . THR A 1 183 ? -4.250  -3.136  -15.919 1.00 44.02 ? 181 THR A OG1 1 
ATOM   1379 C  CG2 . THR A 1 183 ? -5.657  -5.064  -16.119 1.00 42.75 ? 181 THR A CG2 1 
ATOM   1380 N  N   . PRO A 1 184 ? -4.394  -2.942  -19.979 1.00 58.03 ? 182 PRO A N   1 
ATOM   1381 C  CA  . PRO A 1 184 ? -4.073  -1.722  -20.736 1.00 61.69 ? 182 PRO A CA  1 
ATOM   1382 C  C   . PRO A 1 184 ? -4.137  -0.447  -19.878 1.00 65.61 ? 182 PRO A C   1 
ATOM   1383 O  O   . PRO A 1 184 ? -4.916  -0.376  -18.921 1.00 66.38 ? 182 PRO A O   1 
ATOM   1384 C  CB  . PRO A 1 184 ? -5.141  -1.704  -21.830 1.00 61.36 ? 182 PRO A CB  1 
ATOM   1385 C  CG  . PRO A 1 184 ? -5.447  -3.148  -22.061 1.00 61.44 ? 182 PRO A CG  1 
ATOM   1386 C  CD  . PRO A 1 184 ? -5.316  -3.824  -20.720 1.00 60.38 ? 182 PRO A CD  1 
ATOM   1387 N  N   . ALA A 1 185 ? -3.313  0.540   -20.225 1.00 68.74 ? 183 ALA A N   1 
ATOM   1388 C  CA  . ALA A 1 185 ? -3.204  1.781   -19.452 1.00 70.72 ? 183 ALA A CA  1 
ATOM   1389 C  C   . ALA A 1 185 ? -4.439  2.667   -19.620 1.00 72.46 ? 183 ALA A C   1 
ATOM   1390 O  O   . ALA A 1 185 ? -4.750  3.107   -20.728 1.00 72.62 ? 183 ALA A O   1 
ATOM   1391 C  CB  . ALA A 1 185 ? -1.953  2.545   -19.858 1.00 71.35 ? 183 ALA A CB  1 
ATOM   1392 N  N   . ALA A 1 186 ? -5.130  2.921   -18.509 1.00 74.60 ? 184 ALA A N   1 
ATOM   1393 C  CA  . ALA A 1 186 ? -6.318  3.777   -18.494 1.00 75.40 ? 184 ALA A CA  1 
ATOM   1394 C  C   . ALA A 1 186 ? -6.448  4.486   -17.143 1.00 75.12 ? 184 ALA A C   1 
ATOM   1395 O  O   . ALA A 1 186 ? -7.130  4.016   -16.230 1.00 74.38 ? 184 ALA A O   1 
ATOM   1396 C  CB  . ALA A 1 186 ? -7.568  2.957   -18.794 1.00 75.07 ? 184 ALA A CB  1 
ATOM   1397 O  OXT . ALA A 1 186 ? -5.863  5.549   -16.931 1.00 74.99 ? 184 ALA A OXT 1 
HETATM 1398 C  CA4 . YOM B 2 .   ? 2.922   11.048  14.477  1.00 18.12 ? 201 YOM A CA4 1 
HETATM 1399 C  CA5 . YOM B 2 .   ? 3.651   10.044  13.860  1.00 17.81 ? 201 YOM A CA5 1 
HETATM 1400 C  CA6 . YOM B 2 .   ? 3.005   9.076   13.079  1.00 18.16 ? 201 YOM A CA6 1 
HETATM 1401 C  CA1 . YOM B 2 .   ? 1.609   9.126   12.929  1.00 16.48 ? 201 YOM A CA1 1 
HETATM 1402 C  CA  . YOM B 2 .   ? 1.013   8.089   12.068  1.00 14.96 ? 201 YOM A CA  1 
HETATM 1403 N  NA  . YOM B 2 .   ? -0.228  7.966   11.796  1.00 13.17 ? 201 YOM A NA  1 
HETATM 1404 C  CC1 . YOM B 2 .   ? -0.686  6.968   10.905  1.00 13.07 ? 201 YOM A CC1 1 
HETATM 1405 C  CC6 . YOM B 2 .   ? 0.135   5.902   10.479  1.00 13.42 ? 201 YOM A CC6 1 
HETATM 1406 C  CA3 . YOM B 2 .   ? 1.536   11.100  14.321  1.00 18.10 ? 201 YOM A CA3 1 
HETATM 1407 C  CA2 . YOM B 2 .   ? 0.877   10.148  13.535  1.00 16.66 ? 201 YOM A CA2 1 
HETATM 1408 O  OA  . YOM B 2 .   ? -0.466  10.239  13.390  1.00 16.97 ? 201 YOM A OA  1 
HETATM 1409 FE FE  . YOM B 2 .   ? -1.697  9.394   12.256  1.00 12.47 ? 201 YOM A FE  1 
HETATM 1410 N  NB  . YOM B 2 .   ? -2.768  8.146   10.834  1.00 12.85 ? 201 YOM A NB  1 
HETATM 1411 C  CC2 . YOM B 2 .   ? -1.961  7.072   10.365  1.00 12.91 ? 201 YOM A CC2 1 
HETATM 1412 C  CC3 . YOM B 2 .   ? -2.426  6.102   9.446   1.00 13.50 ? 201 YOM A CC3 1 
HETATM 1413 C  CC4 . YOM B 2 .   ? -1.594  5.050   9.048   1.00 13.70 ? 201 YOM A CC4 1 
HETATM 1414 C  CC5 . YOM B 2 .   ? -0.322  4.973   9.567   1.00 13.73 ? 201 YOM A CC5 1 
HETATM 1415 O  OB  . YOM B 2 .   ? -3.298  10.564  12.342  1.00 12.32 ? 201 YOM A OB  1 
HETATM 1416 C  CB2 . YOM B 2 .   ? -4.513  10.433  11.792  1.00 12.91 ? 201 YOM A CB2 1 
HETATM 1417 C  CB1 . YOM B 2 .   ? -4.832  9.426   10.879  1.00 13.46 ? 201 YOM A CB1 1 
HETATM 1418 C  CB  . YOM B 2 .   ? -3.925  8.354   10.407  1.00 13.15 ? 201 YOM A CB  1 
HETATM 1419 C  CB6 . YOM B 2 .   ? -6.126  9.353   10.342  1.00 14.07 ? 201 YOM A CB6 1 
HETATM 1420 C  CB5 . YOM B 2 .   ? -7.102  10.281  10.721  1.00 14.36 ? 201 YOM A CB5 1 
HETATM 1421 C  CB4 . YOM B 2 .   ? -6.774  11.260  11.632  1.00 14.50 ? 201 YOM A CB4 1 
HETATM 1422 C  CB3 . YOM B 2 .   ? -5.504  11.360  12.171  1.00 14.14 ? 201 YOM A CB3 1 
HETATM 1423 O  O   . HOH C 3 .   ? 1.229   -2.696  12.690  1.00 10.69 ? 301 HOH A O   1 
HETATM 1424 O  O   . HOH C 3 .   ? 15.469  -9.747  -12.243 1.00 10.81 ? 302 HOH A O   1 
HETATM 1425 O  O   . HOH C 3 .   ? 6.667   0.740   2.838   1.00 11.46 ? 303 HOH A O   1 
HETATM 1426 O  O   . HOH C 3 .   ? 1.736   -3.113  15.370  1.00 12.27 ? 304 HOH A O   1 
HETATM 1427 O  O   . HOH C 3 .   ? 12.916  -1.658  -13.549 1.00 13.31 ? 305 HOH A O   1 
HETATM 1428 O  O   . HOH C 3 .   ? 2.998   4.636   20.043  1.00 13.36 ? 306 HOH A O   1 
HETATM 1429 O  O   . HOH C 3 .   ? 14.264  -12.112 -11.791 1.00 14.41 ? 307 HOH A O   1 
HETATM 1430 O  O   . HOH C 3 .   ? 9.041   1.658   4.350   1.00 14.45 ? 308 HOH A O   1 
HETATM 1431 O  O   . HOH C 3 .   ? 6.142   7.375   14.324  1.00 14.69 ? 309 HOH A O   1 
HETATM 1432 O  O   . HOH C 3 .   ? 15.184  -3.711  -9.355  1.00 14.60 ? 310 HOH A O   1 
HETATM 1433 O  O   . HOH C 3 .   ? 4.153   -7.095  12.806  1.00 14.92 ? 311 HOH A O   1 
HETATM 1434 O  O   . HOH C 3 .   ? 7.091   -1.194  20.128  1.00 15.84 ? 312 HOH A O   1 
HETATM 1435 O  O   . HOH C 3 .   ? 9.085   -15.318 -16.024 1.00 15.58 ? 313 HOH A O   1 
HETATM 1436 O  O   . HOH C 3 .   ? -1.743  7.132   24.323  1.00 15.92 ? 314 HOH A O   1 
HETATM 1437 O  O   . HOH C 3 .   ? -7.831  8.461   20.428  1.00 16.60 ? 315 HOH A O   1 
HETATM 1438 O  O   . HOH C 3 .   ? 13.615  -2.529  -16.278 1.00 16.70 ? 316 HOH A O   1 
HETATM 1439 O  O   . HOH C 3 .   ? 1.220   19.367  7.277   1.00 16.17 ? 317 HOH A O   1 
HETATM 1440 O  O   . HOH C 3 .   ? -7.211  2.372   24.826  1.00 17.43 ? 318 HOH A O   1 
HETATM 1441 O  O   . HOH C 3 .   ? 6.876   10.961  12.266  1.00 17.24 ? 319 HOH A O   1 
HETATM 1442 O  O   . HOH C 3 .   ? 8.895   -3.805  7.829   1.00 17.31 ? 320 HOH A O   1 
HETATM 1443 O  O   . HOH C 3 .   ? 2.577   1.095   26.235  1.00 18.07 ? 321 HOH A O   1 
HETATM 1444 O  O   . HOH C 3 .   ? -0.086  18.684  5.024   1.00 18.67 ? 322 HOH A O   1 
HETATM 1445 O  O   . HOH C 3 .   ? 3.747   -1.343  22.169  1.00 18.89 ? 323 HOH A O   1 
HETATM 1446 O  O   . HOH C 3 .   ? -5.878  1.952   22.274  1.00 18.90 ? 324 HOH A O   1 
HETATM 1447 O  O   . HOH C 3 .   ? 1.803   17.513  3.366   1.00 19.23 ? 325 HOH A O   1 
HETATM 1448 O  O   . HOH C 3 .   ? 7.351   17.306  12.821  1.00 19.32 ? 326 HOH A O   1 
HETATM 1449 O  O   . HOH C 3 .   ? 8.483   2.235   7.094   1.00 19.03 ? 327 HOH A O   1 
HETATM 1450 O  O   . HOH C 3 .   ? -6.201  -1.832  -1.546  1.00 19.92 ? 328 HOH A O   1 
HETATM 1451 O  O   . HOH C 3 .   ? -8.705  14.996  7.900   1.00 19.95 ? 329 HOH A O   1 
HETATM 1452 O  O   . HOH C 3 .   ? 8.277   -5.155  17.809  1.00 19.80 ? 330 HOH A O   1 
HETATM 1453 O  O   . HOH C 3 .   ? 9.233   -5.203  5.437   1.00 20.65 ? 331 HOH A O   1 
HETATM 1454 O  O   . HOH C 3 .   ? -5.726  23.185  6.161   1.00 20.82 ? 332 HOH A O   1 
HETATM 1455 O  O   . HOH C 3 .   ? 19.034  -4.842  -8.152  1.00 19.88 ? 333 HOH A O   1 
HETATM 1456 O  O   . HOH C 3 .   ? 10.789  -7.989  -18.452 1.00 20.98 ? 334 HOH A O   1 
HETATM 1457 O  O   . HOH C 3 .   ? 0.647   6.033   23.601  1.00 21.50 ? 335 HOH A O   1 
HETATM 1458 O  O   . HOH C 3 .   ? 12.634  -15.802 -12.665 1.00 20.83 ? 336 HOH A O   1 
HETATM 1459 O  O   . HOH C 3 .   ? 4.891   11.305  6.658   1.00 21.30 ? 337 HOH A O   1 
HETATM 1460 O  O   . HOH C 3 .   ? 13.119  3.310   -9.176  1.00 20.94 ? 338 HOH A O   1 
HETATM 1461 O  O   . HOH C 3 .   ? 4.224   -16.500 -0.982  1.00 21.20 ? 339 HOH A O   1 
HETATM 1462 O  O   . HOH C 3 .   ? 15.712  -8.880  -2.620  1.00 21.05 ? 340 HOH A O   1 
HETATM 1463 O  O   . HOH C 3 .   ? -5.877  13.685  4.041   1.00 21.71 ? 341 HOH A O   1 
HETATM 1464 O  O   . HOH C 3 .   ? 6.507   4.345   -10.491 1.00 22.67 ? 342 HOH A O   1 
HETATM 1465 O  O   . HOH C 3 .   ? -6.473  11.833  0.943   1.00 22.16 ? 343 HOH A O   1 
HETATM 1466 O  O   . HOH C 3 .   ? 8.767   -5.469  9.855   1.00 21.51 ? 344 HOH A O   1 
HETATM 1467 O  O   . HOH C 3 .   ? 13.246  -3.557  1.646   1.00 21.75 ? 345 HOH A O   1 
HETATM 1468 O  O   . HOH C 3 .   ? 13.245  -11.531 1.474   1.00 22.68 ? 346 HOH A O   1 
HETATM 1469 O  O   . HOH C 3 .   ? 11.247  3.781   -1.581  1.00 23.00 ? 347 HOH A O   1 
HETATM 1470 O  O   . HOH C 3 .   ? 16.191  -14.719 -6.979  1.00 23.06 ? 348 HOH A O   1 
HETATM 1471 O  O   . HOH C 3 .   ? -7.111  0.217   17.726  1.00 22.08 ? 349 HOH A O   1 
HETATM 1472 O  O   . HOH C 3 .   ? 12.217  -9.481  2.960   1.00 22.32 ? 350 HOH A O   1 
HETATM 1473 O  O   . HOH C 3 .   ? 12.410  -5.509  -18.588 1.00 22.96 ? 351 HOH A O   1 
HETATM 1474 O  O   . HOH C 3 .   ? 10.889  -1.881  7.860   1.00 23.44 ? 352 HOH A O   1 
HETATM 1475 O  O   . HOH C 3 .   ? -11.362 -2.686  10.565  1.00 24.92 ? 353 HOH A O   1 
HETATM 1476 O  O   . HOH C 3 .   ? 9.282   15.389  12.392  1.00 22.89 ? 354 HOH A O   1 
HETATM 1477 O  O   . HOH C 3 .   ? 8.956   12.750  12.202  1.00 23.35 ? 355 HOH A O   1 
HETATM 1478 O  O   . HOH C 3 .   ? 10.002  5.674   -18.237 1.00 24.99 ? 356 HOH A O   1 
HETATM 1479 O  O   . HOH C 3 .   ? -1.724  10.531  22.474  1.00 24.96 ? 357 HOH A O   1 
HETATM 1480 O  O   . HOH C 3 .   ? -9.165  1.510   16.162  1.00 24.45 ? 358 HOH A O   1 
HETATM 1481 O  O   . HOH C 3 .   ? 16.159  -3.054  -5.635  1.00 23.87 ? 359 HOH A O   1 
HETATM 1482 O  O   . HOH C 3 .   ? 13.265  -5.564  -0.348  1.00 25.20 ? 360 HOH A O   1 
HETATM 1483 O  O   . HOH C 3 .   ? -4.973  0.536   25.432  1.00 25.95 ? 361 HOH A O   1 
HETATM 1484 O  O   . HOH C 3 .   ? 5.359   6.029   12.226  1.00 24.93 ? 362 HOH A O   1 
HETATM 1485 O  O   . HOH C 3 .   ? 5.976   -9.358  9.708   1.00 25.49 ? 363 HOH A O   1 
HETATM 1486 O  O   . HOH C 3 .   ? -9.078  -1.487  -1.532  1.00 25.33 ? 364 HOH A O   1 
HETATM 1487 O  O   . HOH C 3 .   ? 16.694  -5.981  -3.131  1.00 27.16 ? 365 HOH A O   1 
HETATM 1488 O  O   . HOH C 3 .   ? 10.537  0.642   8.094   1.00 25.93 ? 366 HOH A O   1 
HETATM 1489 O  O   . HOH C 3 .   ? -6.830  21.047  4.796   1.00 24.52 ? 367 HOH A O   1 
HETATM 1490 O  O   . HOH C 3 .   ? -6.863  22.027  8.322   1.00 26.33 ? 368 HOH A O   1 
HETATM 1491 O  O   . HOH C 3 .   ? 4.352   5.688   -10.825 1.00 26.56 ? 369 HOH A O   1 
HETATM 1492 O  O   . HOH C 3 .   ? 1.769   -18.708 -9.432  1.00 26.56 ? 370 HOH A O   1 
HETATM 1493 O  O   . HOH C 3 .   ? -8.263  10.169  2.170   1.00 25.84 ? 371 HOH A O   1 
HETATM 1494 O  O   . HOH C 3 .   ? -10.799 15.117  6.256   1.00 25.78 ? 372 HOH A O   1 
HETATM 1495 O  O   . HOH C 3 .   ? -3.719  -7.332  -7.020  1.00 25.54 ? 373 HOH A O   1 
HETATM 1496 O  O   . HOH C 3 .   ? 13.017  -14.273 1.792   1.00 26.48 ? 374 HOH A O   1 
HETATM 1497 O  O   . HOH C 3 .   ? 7.510   -1.220  -19.060 1.00 26.86 ? 375 HOH A O   1 
HETATM 1498 O  O   . HOH C 3 .   ? 8.536   4.483   8.703   1.00 27.18 ? 376 HOH A O   1 
HETATM 1499 O  O   . HOH C 3 .   ? 18.980  -3.790  -5.614  1.00 27.32 ? 377 HOH A O   1 
HETATM 1500 O  O   . HOH C 3 .   ? 4.522   16.831  -7.943  1.00 28.00 ? 378 HOH A O   1 
HETATM 1501 O  O   . HOH C 3 .   ? -15.171 -0.125  10.946  1.00 27.00 ? 379 HOH A O   1 
HETATM 1502 O  O   . HOH C 3 .   ? 1.036   22.044  11.421  1.00 27.23 ? 380 HOH A O   1 
HETATM 1503 O  O   . HOH C 3 .   ? 5.151   -6.704  -22.758 1.00 27.59 ? 381 HOH A O   1 
HETATM 1504 O  O   . HOH C 3 .   ? -9.054  4.801   17.483  1.00 29.23 ? 382 HOH A O   1 
HETATM 1505 O  O   . HOH C 3 .   ? 10.623  -15.877 1.584   1.00 27.99 ? 383 HOH A O   1 
HETATM 1506 O  O   . HOH C 3 .   ? -3.117  12.281  14.408  1.00 26.63 ? 384 HOH A O   1 
HETATM 1507 O  O   . HOH C 3 .   ? 15.779  -16.516 -3.564  1.00 27.60 ? 385 HOH A O   1 
HETATM 1508 O  O   . HOH C 3 .   ? 12.540  -21.361 -10.899 1.00 26.17 ? 386 HOH A O   1 
HETATM 1509 O  O   . HOH C 3 .   ? 9.782   9.349   -8.649  1.00 29.52 ? 387 HOH A O   1 
HETATM 1510 O  O   . HOH C 3 .   ? 13.781  -1.106  -18.661 1.00 26.45 ? 388 HOH A O   1 
HETATM 1511 O  O   . HOH C 3 .   ? 3.700   -9.506  11.301  1.00 28.69 ? 389 HOH A O   1 
HETATM 1512 O  O   . HOH C 3 .   ? -5.415  21.568  2.397   1.00 28.76 ? 390 HOH A O   1 
HETATM 1513 O  O   . HOH C 3 .   ? 13.818  0.137   -4.572  1.00 30.13 ? 391 HOH A O   1 
HETATM 1514 O  O   . HOH C 3 .   ? -16.915 10.336  1.225   1.00 29.17 ? 392 HOH A O   1 
HETATM 1515 O  O   . HOH C 3 .   ? 4.965   17.397  2.622   1.00 31.61 ? 393 HOH A O   1 
HETATM 1516 O  O   . HOH C 3 .   ? -7.980  -7.224  12.486  1.00 29.97 ? 394 HOH A O   1 
HETATM 1517 O  O   . HOH C 3 .   ? -13.639 -2.167  1.260   1.00 30.52 ? 395 HOH A O   1 
HETATM 1518 O  O   . HOH C 3 .   ? 12.306  -2.216  5.419   1.00 31.01 ? 396 HOH A O   1 
HETATM 1519 O  O   . HOH C 3 .   ? 14.813  -17.897 -1.411  1.00 30.09 ? 397 HOH A O   1 
HETATM 1520 O  O   . HOH C 3 .   ? -19.228 4.800   7.277   1.00 32.13 ? 398 HOH A O   1 
HETATM 1521 O  O   . HOH C 3 .   ? 8.384   -22.816 -6.908  1.00 29.40 ? 399 HOH A O   1 
HETATM 1522 O  O   . HOH C 3 .   ? -3.899  -11.341 2.634   1.00 31.75 ? 400 HOH A O   1 
HETATM 1523 O  O   . HOH C 3 .   ? 8.227   19.838  7.137   1.00 31.64 ? 401 HOH A O   1 
HETATM 1524 O  O   . HOH C 3 .   ? 7.272   -7.656  13.263  1.00 30.95 ? 402 HOH A O   1 
HETATM 1525 O  O   . HOH C 3 .   ? -13.464 8.405   4.845   1.00 30.01 ? 403 HOH A O   1 
HETATM 1526 O  O   . HOH C 3 .   ? -8.395  14.553  3.988   1.00 30.46 ? 404 HOH A O   1 
HETATM 1527 O  O   . HOH C 3 .   ? 11.623  6.178   -3.139  1.00 30.69 ? 405 HOH A O   1 
HETATM 1528 O  O   . HOH C 3 .   ? 11.620  6.069   6.289   1.00 31.09 ? 406 HOH A O   1 
HETATM 1529 O  O   . HOH C 3 .   ? 9.159   6.784   7.360   1.00 33.56 ? 407 HOH A O   1 
HETATM 1530 O  O   . HOH C 3 .   ? 1.492   -15.702 -1.526  1.00 31.01 ? 408 HOH A O   1 
HETATM 1531 O  O   . HOH C 3 .   ? -0.706  -14.525 -15.145 1.00 32.36 ? 409 HOH A O   1 
HETATM 1532 O  O   . HOH C 3 .   ? -1.031  12.808  19.447  1.00 32.49 ? 410 HOH A O   1 
HETATM 1533 O  O   . HOH C 3 .   ? -10.059 12.341  5.055   1.00 32.77 ? 411 HOH A O   1 
HETATM 1534 O  O   . HOH C 3 .   ? -11.200 -5.875  3.217   1.00 33.76 ? 412 HOH A O   1 
HETATM 1535 O  O   . HOH C 3 .   ? -8.800  5.919   20.555  1.00 33.34 ? 413 HOH A O   1 
HETATM 1536 O  O   . HOH C 3 .   ? -6.389  -8.982  -0.898  1.00 32.48 ? 414 HOH A O   1 
HETATM 1537 O  O   . HOH C 3 .   ? 14.236  -3.901  -2.259  1.00 35.30 ? 415 HOH A O   1 
HETATM 1538 O  O   . HOH C 3 .   ? 11.744  1.086   10.444  1.00 34.67 ? 416 HOH A O   1 
HETATM 1539 O  O   . HOH C 3 .   ? -4.035  15.199  0.349   1.00 32.88 ? 417 HOH A O   1 
HETATM 1540 O  O   . HOH C 3 .   ? -8.223  -5.850  0.265   1.00 33.80 ? 418 HOH A O   1 
HETATM 1541 O  O   . HOH C 3 .   ? 12.102  -5.148  5.124   1.00 32.57 ? 419 HOH A O   1 
HETATM 1542 O  O   . HOH C 3 .   ? 3.158   13.759  -4.973  1.00 32.62 ? 420 HOH A O   1 
HETATM 1543 O  O   . HOH C 3 .   ? -6.310  -3.296  -4.058  1.00 32.22 ? 421 HOH A O   1 
HETATM 1544 O  O   . HOH C 3 .   ? 13.286  5.966   -7.783  1.00 34.55 ? 422 HOH A O   1 
HETATM 1545 O  O   . HOH C 3 .   ? -10.473 -3.654  1.364   1.00 32.88 ? 423 HOH A O   1 
HETATM 1546 O  O   . HOH C 3 .   ? -9.262  1.384   -7.536  1.00 33.83 ? 424 HOH A O   1 
HETATM 1547 O  O   . HOH C 3 .   ? 10.018  12.083  -7.671  1.00 34.97 ? 425 HOH A O   1 
HETATM 1548 O  O   . HOH C 3 .   ? -1.443  -10.748 -17.882 1.00 33.62 ? 426 HOH A O   1 
HETATM 1549 O  O   . HOH C 3 .   ? -2.298  15.605  -11.795 1.00 33.39 ? 427 HOH A O   1 
HETATM 1550 O  O   . HOH C 3 .   ? 0.603   5.429   -15.686 1.00 37.06 ? 428 HOH A O   1 
HETATM 1551 O  O   . HOH C 3 .   ? -10.915 10.825  2.667   1.00 34.76 ? 429 HOH A O   1 
HETATM 1552 O  O   . HOH C 3 .   ? 17.094  -13.900 -0.462  1.00 36.31 ? 430 HOH A O   1 
HETATM 1553 O  O   . HOH C 3 .   ? 14.992  -0.013  -6.805  1.00 34.53 ? 431 HOH A O   1 
HETATM 1554 O  O   . HOH C 3 .   ? -5.953  11.680  -5.685  1.00 33.89 ? 432 HOH A O   1 
HETATM 1555 O  O   . HOH C 3 .   ? -7.320  -5.993  -3.853  1.00 34.39 ? 433 HOH A O   1 
HETATM 1556 O  O   . HOH C 3 .   ? 13.560  2.346   -2.283  1.00 36.22 ? 434 HOH A O   1 
HETATM 1557 O  O   . HOH C 3 .   ? 15.414  2.570   -7.419  1.00 36.91 ? 435 HOH A O   1 
HETATM 1558 O  O   . HOH C 3 .   ? 12.714  -1.842  10.831  1.00 37.48 ? 436 HOH A O   1 
HETATM 1559 O  O   . HOH C 3 .   ? 1.700   -18.072 -6.919  1.00 36.91 ? 437 HOH A O   1 
HETATM 1560 O  O   . HOH C 3 .   ? -11.431 0.263   -5.076  1.00 38.74 ? 438 HOH A O   1 
HETATM 1561 O  O   . HOH C 3 .   ? 14.495  -7.814  0.589   1.00 37.20 ? 439 HOH A O   1 
HETATM 1562 O  O   . HOH C 3 .   ? 3.927   -19.379 -1.435  1.00 37.65 ? 440 HOH A O   1 
HETATM 1563 O  O   . HOH C 3 .   ? 11.255  -4.659  14.666  1.00 35.75 ? 441 HOH A O   1 
HETATM 1564 O  O   . HOH C 3 .   ? 7.845   16.504  1.588   1.00 38.11 ? 442 HOH A O   1 
HETATM 1565 O  O   . HOH C 3 .   ? 6.037   14.943  -6.453  1.00 34.57 ? 443 HOH A O   1 
HETATM 1566 O  O   . HOH C 3 .   ? 4.721   -9.921  15.754  1.00 35.81 ? 444 HOH A O   1 
HETATM 1567 O  O   . HOH C 3 .   ? -7.618  1.553   20.064  1.00 36.45 ? 445 HOH A O   1 
HETATM 1568 O  O   . HOH C 3 .   ? 9.036   14.669  -0.452  1.00 37.86 ? 446 HOH A O   1 
HETATM 1569 O  O   . HOH C 3 .   ? -6.366  3.380   -24.174 1.00 35.24 ? 447 HOH A O   1 
HETATM 1570 O  O   . HOH C 3 .   ? 10.714  -7.452  9.270   1.00 36.50 ? 448 HOH A O   1 
HETATM 1571 O  O   . HOH C 3 .   ? -3.464  -2.292  -11.608 1.00 36.45 ? 449 HOH A O   1 
HETATM 1572 O  O   . HOH C 3 .   ? 6.754   8.860   -11.520 1.00 37.07 ? 450 HOH A O   1 
HETATM 1573 O  O   . HOH C 3 .   ? 8.669   -5.151  12.625  1.00 38.22 ? 451 HOH A O   1 
HETATM 1574 O  O   . HOH C 3 .   ? 9.603   8.733   9.238   1.00 36.45 ? 452 HOH A O   1 
HETATM 1575 O  O   . HOH C 3 .   ? -9.289  -7.414  2.023   1.00 38.34 ? 453 HOH A O   1 
HETATM 1576 O  O   . HOH C 3 .   ? 9.478   17.857  9.025   1.00 39.96 ? 454 HOH A O   1 
HETATM 1577 O  O   . HOH C 3 .   ? -8.943  -0.139  21.730  1.00 41.94 ? 455 HOH A O   1 
HETATM 1578 O  O   . HOH C 3 .   ? 9.362   2.994   -18.988 1.00 38.15 ? 456 HOH A O   1 
HETATM 1579 O  O   . HOH C 3 .   ? -5.666  -13.089 -8.954  1.00 41.06 ? 457 HOH A O   1 
HETATM 1580 O  O   . HOH C 3 .   ? -1.593  7.075   -13.052 1.00 38.23 ? 458 HOH A O   1 
HETATM 1581 O  O   . HOH C 3 .   ? 15.260  -1.775  -3.524  1.00 39.20 ? 459 HOH A O   1 
HETATM 1582 O  O   . HOH C 3 .   ? -10.229 11.537  -0.004  1.00 38.36 ? 460 HOH A O   1 
HETATM 1583 O  O   . HOH C 3 .   ? 8.534   15.018  -7.907  1.00 40.74 ? 461 HOH A O   1 
HETATM 1584 O  O   . HOH C 3 .   ? -16.145 4.954   -5.099  1.00 43.74 ? 462 HOH A O   1 
HETATM 1585 O  O   . HOH C 3 .   ? -4.431  -9.303  -8.583  1.00 40.18 ? 463 HOH A O   1 
HETATM 1586 O  O   . HOH C 3 .   ? -3.555  1.981   -23.433 1.00 39.53 ? 464 HOH A O   1 
HETATM 1587 O  O   . HOH C 3 .   ? -2.358  -14.421 -9.366  1.00 39.53 ? 465 HOH A O   1 
HETATM 1588 O  O   . HOH C 3 .   ? -6.765  -4.599  -8.427  1.00 41.70 ? 466 HOH A O   1 
# 
loop_
_pdbx_poly_seq_scheme.asym_id 
_pdbx_poly_seq_scheme.entity_id 
_pdbx_poly_seq_scheme.seq_id 
_pdbx_poly_seq_scheme.mon_id 
_pdbx_poly_seq_scheme.ndb_seq_num 
_pdbx_poly_seq_scheme.pdb_seq_num 
_pdbx_poly_seq_scheme.auth_seq_num 
_pdbx_poly_seq_scheme.pdb_mon_id 
_pdbx_poly_seq_scheme.auth_mon_id 
_pdbx_poly_seq_scheme.pdb_strand_id 
_pdbx_poly_seq_scheme.pdb_ins_code 
_pdbx_poly_seq_scheme.hetero 
A 1 1   GLY 1   -1  ?   ?   ?   A . n 
A 1 2   SER 2   0   ?   ?   ?   A . n 
A 1 3   MET 3   1   1   MET MET A . n 
A 1 4   SER 4   2   2   SER SER A . n 
A 1 5   ILE 5   3   3   ILE ILE A . n 
A 1 6   SER 6   4   4   SER SER A . n 
A 1 7   ILE 7   5   5   ILE ILE A . n 
A 1 8   SER 8   6   6   SER SER A . n 
A 1 9   TYR 9   7   7   TYR TYR A . n 
A 1 10  SER 10  8   8   SER SER A . n 
A 1 11  THR 11  9   9   THR THR A . n 
A 1 12  THR 12  10  10  THR THR A . n 
A 1 13  TYR 13  11  11  TYR TYR A . n 
A 1 14  SER 14  12  12  SER SER A . n 
A 1 15  GLY 15  13  13  GLY GLY A . n 
A 1 16  TRP 16  14  14  TRP TRP A . n 
A 1 17  THR 17  15  15  THR THR A . n 
A 1 18  VAL 18  16  16  VAL VAL A . n 
A 1 19  ALA 19  17  17  ALA ALA A . n 
A 1 20  ASP 20  18  18  ASP ASP A . n 
A 1 21  TYR 21  19  19  TYR TYR A . n 
A 1 22  LEU 22  20  20  LEU LEU A . n 
A 1 23  ALA 23  21  21  ALA ALA A . n 
A 1 24  ASP 24  22  22  ASP ASP A . n 
A 1 25  TRP 25  23  23  TRP TRP A . n 
A 1 26  SER 26  24  24  SER SER A . n 
A 1 27  ALA 27  25  25  ALA ALA A . n 
A 1 28  TYR 28  26  26  TYR TYR A . n 
A 1 29  PHE 29  27  27  PHE PHE A . n 
A 1 30  GLY 30  28  28  GLY GLY A . n 
A 1 31  ASP 31  29  29  ASP ASP A . n 
A 1 32  VAL 32  30  30  VAL VAL A . n 
A 1 33  ASN 33  31  31  ASN ASN A . n 
A 1 34  HIS 34  32  32  HIS HIS A . n 
A 1 35  ARG 35  33  33  ARG ARG A . n 
A 1 36  PRO 36  34  34  PRO PRO A . n 
A 1 37  GLY 37  35  35  GLY GLY A . n 
A 1 38  GLN 38  36  36  GLN GLN A . n 
A 1 39  VAL 39  37  37  VAL VAL A . n 
A 1 40  VAL 40  38  38  VAL VAL A . n 
A 1 41  ASP 41  39  39  ASP ASP A . n 
A 1 42  GLY 42  40  40  GLY GLY A . n 
A 1 43  SER 43  41  41  SER SER A . n 
A 1 44  ASN 44  42  42  ASN ASN A . n 
A 1 45  THR 45  43  43  THR THR A . n 
A 1 46  GLY 46  44  44  GLY GLY A . n 
A 1 47  GLY 47  45  45  GLY GLY A . n 
A 1 48  PHE 48  46  46  PHE PHE A . n 
A 1 49  ASN 49  47  47  ASN ASN A . n 
A 1 50  PRO 50  48  48  PRO PRO A . n 
A 1 51  GLY 51  49  49  GLY GLY A . n 
A 1 52  PRO 52  50  50  PRO PRO A . n 
A 1 53  PHE 53  51  51  PHE PHE A . n 
A 1 54  ASP 54  52  52  ASP ASP A . n 
A 1 55  GLY 55  53  53  GLY GLY A . n 
A 1 56  SER 56  54  54  SER SER A . n 
A 1 57  GLN 57  55  55  GLN GLN A . n 
A 1 58  TYR 58  56  56  TYR TYR A . n 
A 1 59  ALA 59  57  57  ALA ALA A . n 
A 1 60  LEU 60  58  58  LEU LEU A . n 
A 1 61  LYS 61  59  59  LYS LYS A . n 
A 1 62  SER 62  60  60  SER SER A . n 
A 1 63  THR 63  61  61  THR THR A . n 
A 1 64  ALA 64  62  62  ALA ALA A . n 
A 1 65  SER 65  63  63  SER SER A . n 
A 1 66  ASP 66  64  64  ASP ASP A . n 
A 1 67  ALA 67  65  65  ALA ALA A . n 
A 1 68  ALA 68  66  66  ALA ALA A . n 
A 1 69  PHE 69  67  67  PHE PHE A . n 
A 1 70  ILE 70  68  68  ILE ILE A . n 
A 1 71  ALA 71  69  69  ALA ALA A . n 
A 1 72  GLY 72  70  70  GLY GLY A . n 
A 1 73  GLY 73  71  71  GLY GLY A . n 
A 1 74  ASP 74  72  72  ASP ASP A . n 
A 1 75  LEU 75  73  73  LEU LEU A . n 
A 1 76  HIS 76  74  74  HIS HIS A . n 
A 1 77  TYR 77  75  75  TYR TYR A . n 
A 1 78  THR 78  76  76  THR THR A . n 
A 1 79  LEU 79  77  77  LEU LEU A . n 
A 1 80  PHE 80  78  78  PHE PHE A . n 
A 1 81  SER 81  79  79  SER SER A . n 
A 1 82  ASN 82  80  80  ASN ASN A . n 
A 1 83  PRO 83  81  81  PRO PRO A . n 
A 1 84  SER 84  82  82  SER SER A . n 
A 1 85  HIS 85  83  83  HIS HIS A . n 
A 1 86  THR 86  84  84  THR THR A . n 
A 1 87  LEU 87  85  85  LEU LEU A . n 
A 1 88  TRP 88  86  86  TRP TRP A . n 
A 1 89  GLY 89  87  87  GLY GLY A . n 
A 1 90  LYS 90  88  88  LYS LYS A . n 
A 1 91  LEU 91  89  89  LEU LEU A . n 
A 1 92  ASP 92  90  90  ASP ASP A . n 
A 1 93  SER 93  91  91  SER SER A . n 
A 1 94  ILE 94  92  92  ILE ILE A . n 
A 1 95  ALA 95  93  93  ALA ALA A . n 
A 1 96  LEU 96  94  94  LEU LEU A . n 
A 1 97  GLY 97  95  95  GLY GLY A . n 
A 1 98  ASP 98  96  96  ASP ASP A . n 
A 1 99  THR 99  97  97  THR THR A . n 
A 1 100 LEU 100 98  98  LEU LEU A . n 
A 1 101 THR 101 99  99  THR THR A . n 
A 1 102 GLY 102 100 100 GLY GLY A . n 
A 1 103 GLY 103 101 101 GLY GLY A . n 
A 1 104 ALA 104 102 102 ALA ALA A . n 
A 1 105 SER 105 103 103 SER SER A . n 
A 1 106 SER 106 104 104 SER SER A . n 
A 1 107 GLY 107 105 105 GLY GLY A . n 
A 1 108 GLY 108 106 106 GLY GLY A . n 
A 1 109 TYR 109 107 107 TYR TYR A . n 
A 1 110 ALA 110 108 108 ALA ALA A . n 
A 1 111 LEU 111 109 109 LEU LEU A . n 
A 1 112 ASP 112 110 110 ASP ASP A . n 
A 1 113 SER 113 111 111 SER SER A . n 
A 1 114 GLN 114 112 112 GLN GLN A . n 
A 1 115 GLU 115 113 113 GLU GLU A . n 
A 1 116 VAL 116 114 114 VAL VAL A . n 
A 1 117 SER 117 115 115 SER SER A . n 
A 1 118 PHE 118 116 116 PHE PHE A . n 
A 1 119 SER 119 117 117 SER SER A . n 
A 1 120 ASN 120 118 118 ASN ASN A . n 
A 1 121 LEU 121 119 119 LEU LEU A . n 
A 1 122 GLY 122 120 120 GLY GLY A . n 
A 1 123 LEU 123 121 121 LEU LEU A . n 
A 1 124 ASP 124 122 122 ASP ASP A . n 
A 1 125 SER 125 123 123 SER SER A . n 
A 1 126 PRO 126 124 124 PRO PRO A . n 
A 1 127 ILE 127 125 125 ILE ILE A . n 
A 1 128 ALA 128 126 126 ALA ALA A . n 
A 1 129 GLN 129 127 127 GLN GLN A . n 
A 1 130 GLY 130 128 128 GLY GLY A . n 
A 1 131 ARG 131 129 129 ARG ARG A . n 
A 1 132 ASP 132 130 130 ASP ASP A . n 
A 1 133 GLY 133 131 131 GLY GLY A . n 
A 1 134 THR 134 132 132 THR THR A . n 
A 1 135 VAL 135 133 133 VAL VAL A . n 
A 1 136 HIS 136 134 134 HIS HIS A . n 
A 1 137 LYS 137 135 135 LYS LYS A . n 
A 1 138 VAL 138 136 136 VAL VAL A . n 
A 1 139 VAL 139 137 137 VAL VAL A . n 
A 1 140 TYR 140 138 138 TYR TYR A . n 
A 1 141 GLY 141 139 139 GLY GLY A . n 
A 1 142 LEU 142 140 140 LEU LEU A . n 
A 1 143 MET 143 141 141 MET MET A . n 
A 1 144 SER 144 142 142 SER SER A . n 
A 1 145 GLY 145 143 143 GLY GLY A . n 
A 1 146 ASP 146 144 144 ASP ASP A . n 
A 1 147 SER 147 145 145 SER SER A . n 
A 1 148 SER 148 146 146 SER SER A . n 
A 1 149 ALA 149 147 147 ALA ALA A . n 
A 1 150 LEU 150 148 148 LEU LEU A . n 
A 1 151 GLN 151 149 149 GLN GLN A . n 
A 1 152 GLY 152 150 150 GLY GLY A . n 
A 1 153 GLN 153 151 151 GLN GLN A . n 
A 1 154 ILE 154 152 152 ILE ILE A . n 
A 1 155 ASP 155 153 153 ASP ASP A . n 
A 1 156 ALA 156 154 154 ALA ALA A . n 
A 1 157 LEU 157 155 155 LEU LEU A . n 
A 1 158 LEU 158 156 156 LEU LEU A . n 
A 1 159 LYS 159 157 157 LYS LYS A . n 
A 1 160 ALA 160 158 158 ALA ALA A . n 
A 1 161 VAL 161 159 159 VAL VAL A . n 
A 1 162 ASP 162 160 160 ASP ASP A . n 
A 1 163 PRO 163 161 161 PRO PRO A . n 
A 1 164 SER 164 162 162 SER SER A . n 
A 1 165 LEU 165 163 163 LEU LEU A . n 
A 1 166 SER 166 164 164 SER SER A . n 
A 1 167 ILE 167 165 165 ILE ILE A . n 
A 1 168 ASN 168 166 166 ASN ASN A . n 
A 1 169 SER 169 167 167 SER SER A . n 
A 1 170 THR 170 168 168 THR THR A . n 
A 1 171 PHE 171 169 169 PHE PHE A . n 
A 1 172 ASP 172 170 170 ASP ASP A . n 
A 1 173 GLN 173 171 171 GLN GLN A . n 
A 1 174 LEU 174 172 172 LEU LEU A . n 
A 1 175 ALA 175 173 173 ALA ALA A . n 
A 1 176 ALA 176 174 174 ALA ALA A . n 
A 1 177 ALA 177 175 175 ALA ALA A . n 
A 1 178 GLY 178 176 176 GLY GLY A . n 
A 1 179 VAL 179 177 177 VAL VAL A . n 
A 1 180 ALA 180 178 178 ALA ALA A . n 
A 1 181 HIS 181 179 179 HIS HIS A . n 
A 1 182 ALA 182 180 180 ALA ALA A . n 
A 1 183 THR 183 181 181 THR THR A . n 
A 1 184 PRO 184 182 182 PRO PRO A . n 
A 1 185 ALA 185 183 183 ALA ALA A . n 
A 1 186 ALA 186 184 184 ALA ALA A . n 
# 
loop_
_pdbx_nonpoly_scheme.asym_id 
_pdbx_nonpoly_scheme.entity_id 
_pdbx_nonpoly_scheme.mon_id 
_pdbx_nonpoly_scheme.ndb_seq_num 
_pdbx_nonpoly_scheme.pdb_seq_num 
_pdbx_nonpoly_scheme.auth_seq_num 
_pdbx_nonpoly_scheme.pdb_mon_id 
_pdbx_nonpoly_scheme.auth_mon_id 
_pdbx_nonpoly_scheme.pdb_strand_id 
_pdbx_nonpoly_scheme.pdb_ins_code 
B 2 YOM 1   201 201 YOM YOM A . 
C 3 HOH 1   301 1   HOH HOH A . 
C 3 HOH 2   302 2   HOH HOH A . 
C 3 HOH 3   303 3   HOH HOH A . 
C 3 HOH 4   304 4   HOH HOH A . 
C 3 HOH 5   305 5   HOH HOH A . 
C 3 HOH 6   306 6   HOH HOH A . 
C 3 HOH 7   307 7   HOH HOH A . 
C 3 HOH 8   308 8   HOH HOH A . 
C 3 HOH 9   309 9   HOH HOH A . 
C 3 HOH 10  310 10  HOH HOH A . 
C 3 HOH 11  311 11  HOH HOH A . 
C 3 HOH 12  312 12  HOH HOH A . 
C 3 HOH 13  313 13  HOH HOH A . 
C 3 HOH 14  314 14  HOH HOH A . 
C 3 HOH 15  315 15  HOH HOH A . 
C 3 HOH 16  316 16  HOH HOH A . 
C 3 HOH 17  317 17  HOH HOH A . 
C 3 HOH 18  318 18  HOH HOH A . 
C 3 HOH 19  319 19  HOH HOH A . 
C 3 HOH 20  320 20  HOH HOH A . 
C 3 HOH 21  321 21  HOH HOH A . 
C 3 HOH 22  322 22  HOH HOH A . 
C 3 HOH 23  323 23  HOH HOH A . 
C 3 HOH 24  324 24  HOH HOH A . 
C 3 HOH 25  325 25  HOH HOH A . 
C 3 HOH 26  326 26  HOH HOH A . 
C 3 HOH 27  327 27  HOH HOH A . 
C 3 HOH 28  328 28  HOH HOH A . 
C 3 HOH 29  329 29  HOH HOH A . 
C 3 HOH 30  330 30  HOH HOH A . 
C 3 HOH 31  331 31  HOH HOH A . 
C 3 HOH 32  332 32  HOH HOH A . 
C 3 HOH 33  333 33  HOH HOH A . 
C 3 HOH 34  334 34  HOH HOH A . 
C 3 HOH 35  335 35  HOH HOH A . 
C 3 HOH 36  336 36  HOH HOH A . 
C 3 HOH 37  337 37  HOH HOH A . 
C 3 HOH 38  338 38  HOH HOH A . 
C 3 HOH 39  339 39  HOH HOH A . 
C 3 HOH 40  340 40  HOH HOH A . 
C 3 HOH 41  341 41  HOH HOH A . 
C 3 HOH 42  342 42  HOH HOH A . 
C 3 HOH 43  343 43  HOH HOH A . 
C 3 HOH 44  344 44  HOH HOH A . 
C 3 HOH 45  345 45  HOH HOH A . 
C 3 HOH 46  346 46  HOH HOH A . 
C 3 HOH 47  347 47  HOH HOH A . 
C 3 HOH 48  348 48  HOH HOH A . 
C 3 HOH 49  349 49  HOH HOH A . 
C 3 HOH 50  350 50  HOH HOH A . 
C 3 HOH 51  351 51  HOH HOH A . 
C 3 HOH 52  352 52  HOH HOH A . 
C 3 HOH 53  353 53  HOH HOH A . 
C 3 HOH 54  354 54  HOH HOH A . 
C 3 HOH 55  355 55  HOH HOH A . 
C 3 HOH 56  356 56  HOH HOH A . 
C 3 HOH 57  357 57  HOH HOH A . 
C 3 HOH 58  358 58  HOH HOH A . 
C 3 HOH 59  359 59  HOH HOH A . 
C 3 HOH 60  360 60  HOH HOH A . 
C 3 HOH 61  361 61  HOH HOH A . 
C 3 HOH 62  362 62  HOH HOH A . 
C 3 HOH 63  363 63  HOH HOH A . 
C 3 HOH 64  364 64  HOH HOH A . 
C 3 HOH 65  365 65  HOH HOH A . 
C 3 HOH 66  366 66  HOH HOH A . 
C 3 HOH 67  367 67  HOH HOH A . 
C 3 HOH 68  368 68  HOH HOH A . 
C 3 HOH 69  369 69  HOH HOH A . 
C 3 HOH 70  370 70  HOH HOH A . 
C 3 HOH 71  371 71  HOH HOH A . 
C 3 HOH 72  372 72  HOH HOH A . 
C 3 HOH 73  373 73  HOH HOH A . 
C 3 HOH 74  374 74  HOH HOH A . 
C 3 HOH 75  375 75  HOH HOH A . 
C 3 HOH 76  376 76  HOH HOH A . 
C 3 HOH 77  377 77  HOH HOH A . 
C 3 HOH 78  378 78  HOH HOH A . 
C 3 HOH 79  379 79  HOH HOH A . 
C 3 HOH 80  380 80  HOH HOH A . 
C 3 HOH 81  381 81  HOH HOH A . 
C 3 HOH 82  382 82  HOH HOH A . 
C 3 HOH 83  383 83  HOH HOH A . 
C 3 HOH 84  384 84  HOH HOH A . 
C 3 HOH 85  385 85  HOH HOH A . 
C 3 HOH 86  386 86  HOH HOH A . 
C 3 HOH 87  387 87  HOH HOH A . 
C 3 HOH 88  388 88  HOH HOH A . 
C 3 HOH 89  389 89  HOH HOH A . 
C 3 HOH 90  390 90  HOH HOH A . 
C 3 HOH 91  391 91  HOH HOH A . 
C 3 HOH 92  392 92  HOH HOH A . 
C 3 HOH 93  393 93  HOH HOH A . 
C 3 HOH 94  394 94  HOH HOH A . 
C 3 HOH 95  395 95  HOH HOH A . 
C 3 HOH 96  396 96  HOH HOH A . 
C 3 HOH 97  397 97  HOH HOH A . 
C 3 HOH 98  398 98  HOH HOH A . 
C 3 HOH 99  399 99  HOH HOH A . 
C 3 HOH 100 400 100 HOH HOH A . 
C 3 HOH 101 401 101 HOH HOH A . 
C 3 HOH 102 402 102 HOH HOH A . 
C 3 HOH 103 403 103 HOH HOH A . 
C 3 HOH 104 404 104 HOH HOH A . 
C 3 HOH 105 405 105 HOH HOH A . 
C 3 HOH 106 406 106 HOH HOH A . 
C 3 HOH 107 407 107 HOH HOH A . 
C 3 HOH 108 408 108 HOH HOH A . 
C 3 HOH 109 409 109 HOH HOH A . 
C 3 HOH 110 410 110 HOH HOH A . 
C 3 HOH 111 411 111 HOH HOH A . 
C 3 HOH 112 412 112 HOH HOH A . 
C 3 HOH 113 413 113 HOH HOH A . 
C 3 HOH 114 414 114 HOH HOH A . 
C 3 HOH 115 415 115 HOH HOH A . 
C 3 HOH 116 416 116 HOH HOH A . 
C 3 HOH 117 417 117 HOH HOH A . 
C 3 HOH 118 418 118 HOH HOH A . 
C 3 HOH 119 419 119 HOH HOH A . 
C 3 HOH 120 420 120 HOH HOH A . 
C 3 HOH 121 421 121 HOH HOH A . 
C 3 HOH 122 422 122 HOH HOH A . 
C 3 HOH 123 423 123 HOH HOH A . 
C 3 HOH 124 424 124 HOH HOH A . 
C 3 HOH 125 425 125 HOH HOH A . 
C 3 HOH 126 426 126 HOH HOH A . 
C 3 HOH 127 427 127 HOH HOH A . 
C 3 HOH 128 428 128 HOH HOH A . 
C 3 HOH 129 429 129 HOH HOH A . 
C 3 HOH 130 430 130 HOH HOH A . 
C 3 HOH 131 431 131 HOH HOH A . 
C 3 HOH 132 432 132 HOH HOH A . 
C 3 HOH 133 433 133 HOH HOH A . 
C 3 HOH 134 434 134 HOH HOH A . 
C 3 HOH 135 435 135 HOH HOH A . 
C 3 HOH 136 436 136 HOH HOH A . 
C 3 HOH 137 437 137 HOH HOH A . 
C 3 HOH 138 438 138 HOH HOH A . 
C 3 HOH 139 439 139 HOH HOH A . 
C 3 HOH 140 440 140 HOH HOH A . 
C 3 HOH 141 441 141 HOH HOH A . 
C 3 HOH 142 442 142 HOH HOH A . 
C 3 HOH 143 443 143 HOH HOH A . 
C 3 HOH 144 444 144 HOH HOH A . 
C 3 HOH 145 445 145 HOH HOH A . 
C 3 HOH 146 446 146 HOH HOH A . 
C 3 HOH 147 447 147 HOH HOH A . 
C 3 HOH 148 448 148 HOH HOH A . 
C 3 HOH 149 449 149 HOH HOH A . 
C 3 HOH 150 450 150 HOH HOH A . 
C 3 HOH 151 451 151 HOH HOH A . 
C 3 HOH 152 452 152 HOH HOH A . 
C 3 HOH 153 453 153 HOH HOH A . 
C 3 HOH 154 454 154 HOH HOH A . 
C 3 HOH 155 455 155 HOH HOH A . 
C 3 HOH 156 456 156 HOH HOH A . 
C 3 HOH 157 457 157 HOH HOH A . 
C 3 HOH 158 458 158 HOH HOH A . 
C 3 HOH 159 459 159 HOH HOH A . 
C 3 HOH 160 460 160 HOH HOH A . 
C 3 HOH 161 461 161 HOH HOH A . 
C 3 HOH 162 462 162 HOH HOH A . 
C 3 HOH 163 463 163 HOH HOH A . 
C 3 HOH 164 464 164 HOH HOH A . 
C 3 HOH 165 465 165 HOH HOH A . 
C 3 HOH 166 466 166 HOH HOH A . 
# 
_pdbx_struct_assembly.id                   1 
_pdbx_struct_assembly.details              author_and_software_defined_assembly 
_pdbx_struct_assembly.method_details       PISA 
_pdbx_struct_assembly.oligomeric_details   monomeric 
_pdbx_struct_assembly.oligomeric_count     1 
# 
_pdbx_struct_assembly_gen.assembly_id       1 
_pdbx_struct_assembly_gen.oper_expression   1 
_pdbx_struct_assembly_gen.asym_id_list      A,B,C 
# 
_pdbx_struct_oper_list.id                   1 
_pdbx_struct_oper_list.type                 'identity operation' 
_pdbx_struct_oper_list.name                 1_555 
_pdbx_struct_oper_list.symmetry_operation   x,y,z 
_pdbx_struct_oper_list.matrix[1][1]         1.0000000000 
_pdbx_struct_oper_list.matrix[1][2]         0.0000000000 
_pdbx_struct_oper_list.matrix[1][3]         0.0000000000 
_pdbx_struct_oper_list.vector[1]            0.0000000000 
_pdbx_struct_oper_list.matrix[2][1]         0.0000000000 
_pdbx_struct_oper_list.matrix[2][2]         1.0000000000 
_pdbx_struct_oper_list.matrix[2][3]         0.0000000000 
_pdbx_struct_oper_list.vector[2]            0.0000000000 
_pdbx_struct_oper_list.matrix[3][1]         0.0000000000 
_pdbx_struct_oper_list.matrix[3][2]         0.0000000000 
_pdbx_struct_oper_list.matrix[3][3]         1.0000000000 
_pdbx_struct_oper_list.vector[3]            0.0000000000 
# 
loop_
_pdbx_struct_conn_angle.id 
_pdbx_struct_conn_angle.ptnr1_label_atom_id 
_pdbx_struct_conn_angle.ptnr1_label_alt_id 
_pdbx_struct_conn_angle.ptnr1_label_asym_id 
_pdbx_struct_conn_angle.ptnr1_label_comp_id 
_pdbx_struct_conn_angle.ptnr1_label_seq_id 
_pdbx_struct_conn_angle.ptnr1_auth_atom_id 
_pdbx_struct_conn_angle.ptnr1_auth_asym_id 
_pdbx_struct_conn_angle.ptnr1_auth_comp_id 
_pdbx_struct_conn_angle.ptnr1_auth_seq_id 
_pdbx_struct_conn_angle.ptnr1_PDB_ins_code 
_pdbx_struct_conn_angle.ptnr1_symmetry 
_pdbx_struct_conn_angle.ptnr2_label_atom_id 
_pdbx_struct_conn_angle.ptnr2_label_alt_id 
_pdbx_struct_conn_angle.ptnr2_label_asym_id 
_pdbx_struct_conn_angle.ptnr2_label_comp_id 
_pdbx_struct_conn_angle.ptnr2_label_seq_id 
_pdbx_struct_conn_angle.ptnr2_auth_atom_id 
_pdbx_struct_conn_angle.ptnr2_auth_asym_id 
_pdbx_struct_conn_angle.ptnr2_auth_comp_id 
_pdbx_struct_conn_angle.ptnr2_auth_seq_id 
_pdbx_struct_conn_angle.ptnr2_PDB_ins_code 
_pdbx_struct_conn_angle.ptnr2_symmetry 
_pdbx_struct_conn_angle.ptnr3_label_atom_id 
_pdbx_struct_conn_angle.ptnr3_label_alt_id 
_pdbx_struct_conn_angle.ptnr3_label_asym_id 
_pdbx_struct_conn_angle.ptnr3_label_comp_id 
_pdbx_struct_conn_angle.ptnr3_label_seq_id 
_pdbx_struct_conn_angle.ptnr3_auth_atom_id 
_pdbx_struct_conn_angle.ptnr3_auth_asym_id 
_pdbx_struct_conn_angle.ptnr3_auth_comp_id 
_pdbx_struct_conn_angle.ptnr3_auth_seq_id 
_pdbx_struct_conn_angle.ptnr3_PDB_ins_code 
_pdbx_struct_conn_angle.ptnr3_symmetry 
_pdbx_struct_conn_angle.value 
_pdbx_struct_conn_angle.value_esd 
1  NE2 ? A HIS 34 ? A HIS 32  ? 1_555 FE ? B YOM . ? A YOM 201 ? 1_555 NA ? B YOM .  ? A YOM 201 ? 1_555 86.8  ? 
2  NE2 ? A HIS 34 ? A HIS 32  ? 1_555 FE ? B YOM . ? A YOM 201 ? 1_555 OA ? B YOM .  ? A YOM 201 ? 1_555 90.7  ? 
3  NA  ? B YOM .  ? A YOM 201 ? 1_555 FE ? B YOM . ? A YOM 201 ? 1_555 OA ? B YOM .  ? A YOM 201 ? 1_555 88.9  ? 
4  NE2 ? A HIS 34 ? A HIS 32  ? 1_555 FE ? B YOM . ? A YOM 201 ? 1_555 NB ? B YOM .  ? A YOM 201 ? 1_555 87.5  ? 
5  NA  ? B YOM .  ? A YOM 201 ? 1_555 FE ? B YOM . ? A YOM 201 ? 1_555 NB ? B YOM .  ? A YOM 201 ? 1_555 79.1  ? 
6  OA  ? B YOM .  ? A YOM 201 ? 1_555 FE ? B YOM . ? A YOM 201 ? 1_555 NB ? B YOM .  ? A YOM 201 ? 1_555 167.9 ? 
7  NE2 ? A HIS 34 ? A HIS 32  ? 1_555 FE ? B YOM . ? A YOM 201 ? 1_555 OB ? B YOM .  ? A YOM 201 ? 1_555 90.1  ? 
8  NA  ? B YOM .  ? A YOM 201 ? 1_555 FE ? B YOM . ? A YOM 201 ? 1_555 OB ? B YOM .  ? A YOM 201 ? 1_555 167.1 ? 
9  OA  ? B YOM .  ? A YOM 201 ? 1_555 FE ? B YOM . ? A YOM 201 ? 1_555 OB ? B YOM .  ? A YOM 201 ? 1_555 103.8 ? 
10 NB  ? B YOM .  ? A YOM 201 ? 1_555 FE ? B YOM . ? A YOM 201 ? 1_555 OB ? B YOM .  ? A YOM 201 ? 1_555 88.2  ? 
11 NE2 ? A HIS 34 ? A HIS 32  ? 1_555 FE ? B YOM . ? A YOM 201 ? 1_555 OH ? A TYR 77 ? A TYR 75  ? 1_555 177.5 ? 
12 NA  ? B YOM .  ? A YOM 201 ? 1_555 FE ? B YOM . ? A YOM 201 ? 1_555 OH ? A TYR 77 ? A TYR 75  ? 1_555 91.2  ? 
13 OA  ? B YOM .  ? A YOM 201 ? 1_555 FE ? B YOM . ? A YOM 201 ? 1_555 OH ? A TYR 77 ? A TYR 75  ? 1_555 90.8  ? 
14 NB  ? B YOM .  ? A YOM 201 ? 1_555 FE ? B YOM . ? A YOM 201 ? 1_555 OH ? A TYR 77 ? A TYR 75  ? 1_555 90.6  ? 
15 OB  ? B YOM .  ? A YOM 201 ? 1_555 FE ? B YOM . ? A YOM 201 ? 1_555 OH ? A TYR 77 ? A TYR 75  ? 1_555 91.5  ? 
# 
loop_
_pdbx_audit_revision_history.ordinal 
_pdbx_audit_revision_history.data_content_type 
_pdbx_audit_revision_history.major_revision 
_pdbx_audit_revision_history.minor_revision 
_pdbx_audit_revision_history.revision_date 
1 'Structure model' 1 0 2014-01-29 
2 'Structure model' 1 1 2014-04-09 
3 'Structure model' 1 2 2023-11-08 
# 
_pdbx_audit_revision_details.ordinal             1 
_pdbx_audit_revision_details.revision_ordinal    1 
_pdbx_audit_revision_details.data_content_type   'Structure model' 
_pdbx_audit_revision_details.provider            repository 
_pdbx_audit_revision_details.type                'Initial release' 
_pdbx_audit_revision_details.description         ? 
_pdbx_audit_revision_details.details             ? 
# 
loop_
_pdbx_audit_revision_group.ordinal 
_pdbx_audit_revision_group.revision_ordinal 
_pdbx_audit_revision_group.data_content_type 
_pdbx_audit_revision_group.group 
1 2 'Structure model' 'Database references'    
2 3 'Structure model' 'Data collection'        
3 3 'Structure model' 'Database references'    
4 3 'Structure model' 'Derived calculations'   
5 3 'Structure model' 'Refinement description' 
# 
loop_
_pdbx_audit_revision_category.ordinal 
_pdbx_audit_revision_category.revision_ordinal 
_pdbx_audit_revision_category.data_content_type 
_pdbx_audit_revision_category.category 
1 3 'Structure model' chem_comp_atom                
2 3 'Structure model' chem_comp_bond                
3 3 'Structure model' database_2                    
4 3 'Structure model' pdbx_initial_refinement_model 
5 3 'Structure model' pdbx_struct_conn_angle        
6 3 'Structure model' struct_conn                   
7 3 'Structure model' struct_ref_seq_dif            
8 3 'Structure model' struct_site                   
# 
loop_
_pdbx_audit_revision_item.ordinal 
_pdbx_audit_revision_item.revision_ordinal 
_pdbx_audit_revision_item.data_content_type 
_pdbx_audit_revision_item.item 
1  3 'Structure model' '_database_2.pdbx_DOI'                        
2  3 'Structure model' '_database_2.pdbx_database_accession'         
3  3 'Structure model' '_pdbx_struct_conn_angle.ptnr1_auth_comp_id'  
4  3 'Structure model' '_pdbx_struct_conn_angle.ptnr1_auth_seq_id'   
5  3 'Structure model' '_pdbx_struct_conn_angle.ptnr1_label_atom_id' 
6  3 'Structure model' '_pdbx_struct_conn_angle.ptnr1_label_comp_id' 
7  3 'Structure model' '_pdbx_struct_conn_angle.ptnr1_label_seq_id'  
8  3 'Structure model' '_pdbx_struct_conn_angle.ptnr3_auth_comp_id'  
9  3 'Structure model' '_pdbx_struct_conn_angle.ptnr3_auth_seq_id'   
10 3 'Structure model' '_pdbx_struct_conn_angle.ptnr3_label_atom_id' 
11 3 'Structure model' '_pdbx_struct_conn_angle.ptnr3_label_comp_id' 
12 3 'Structure model' '_pdbx_struct_conn_angle.ptnr3_label_seq_id'  
13 3 'Structure model' '_pdbx_struct_conn_angle.value'               
14 3 'Structure model' '_struct_conn.pdbx_dist_value'                
15 3 'Structure model' '_struct_conn.ptnr1_auth_comp_id'             
16 3 'Structure model' '_struct_conn.ptnr1_auth_seq_id'              
17 3 'Structure model' '_struct_conn.ptnr1_label_atom_id'            
18 3 'Structure model' '_struct_conn.ptnr1_label_comp_id'            
19 3 'Structure model' '_struct_conn.ptnr1_label_seq_id'             
20 3 'Structure model' '_struct_ref_seq_dif.details'                 
21 3 'Structure model' '_struct_site.pdbx_auth_asym_id'              
22 3 'Structure model' '_struct_site.pdbx_auth_comp_id'              
23 3 'Structure model' '_struct_site.pdbx_auth_seq_id'               
# 
loop_
_software.pdbx_ordinal 
_software.name 
_software.version 
_software.date 
_software.type 
_software.contact_author 
_software.contact_author_email 
_software.classification 
_software.location 
_software.language 
_software.citation_id 
1 DENZO       .    ?                program 'Zbyszek Otwinowski' hkl@hkl-xray.com         'data reduction'  
http://www.hkl-xray.com/                     ?          ? 
2 SCALEPACK   .    ?                program 'Zbyszek Otwinowski' hkl@hkl-xray.com         'data scaling'    
http://www.hkl-xray.com/                     ?          ? 
3 REFMAC      .    ?                program 'Garib N. Murshudov' garib@ysbl.york.ac.uk    refinement        
http://www.ccp4.ac.uk/dist/html/refmac5.html Fortran_77 ? 
4 PDB_EXTRACT 3.11 'April 22, 2011' package PDB                  deposit@deposit.rcsb.org 'data extraction' 
http://sw-tools.pdb.org/apps/PDB_EXTRACT/    C++        ? 
# 
loop_
_pdbx_validate_torsion.id 
_pdbx_validate_torsion.PDB_model_num 
_pdbx_validate_torsion.auth_comp_id 
_pdbx_validate_torsion.auth_asym_id 
_pdbx_validate_torsion.auth_seq_id 
_pdbx_validate_torsion.PDB_ins_code 
_pdbx_validate_torsion.label_alt_id 
_pdbx_validate_torsion.phi 
_pdbx_validate_torsion.psi 
1 1 LEU A 77 ? ? 53.88 -115.78 
2 1 THR A 97 ? ? 69.50 77.43   
# 
loop_
_pdbx_unobs_or_zero_occ_residues.id 
_pdbx_unobs_or_zero_occ_residues.PDB_model_num 
_pdbx_unobs_or_zero_occ_residues.polymer_flag 
_pdbx_unobs_or_zero_occ_residues.occupancy_flag 
_pdbx_unobs_or_zero_occ_residues.auth_asym_id 
_pdbx_unobs_or_zero_occ_residues.auth_comp_id 
_pdbx_unobs_or_zero_occ_residues.auth_seq_id 
_pdbx_unobs_or_zero_occ_residues.PDB_ins_code 
_pdbx_unobs_or_zero_occ_residues.label_asym_id 
_pdbx_unobs_or_zero_occ_residues.label_comp_id 
_pdbx_unobs_or_zero_occ_residues.label_seq_id 
1 1 Y 1 A GLY -1 ? A GLY 1 
2 1 Y 1 A SER 0  ? A SER 2 
# 
loop_
_chem_comp_atom.comp_id 
_chem_comp_atom.atom_id 
_chem_comp_atom.type_symbol 
_chem_comp_atom.pdbx_aromatic_flag 
_chem_comp_atom.pdbx_stereo_config 
_chem_comp_atom.pdbx_ordinal 
ALA N    N  N N 1   
ALA CA   C  N S 2   
ALA C    C  N N 3   
ALA O    O  N N 4   
ALA CB   C  N N 5   
ALA OXT  O  N N 6   
ALA H    H  N N 7   
ALA H2   H  N N 8   
ALA HA   H  N N 9   
ALA HB1  H  N N 10  
ALA HB2  H  N N 11  
ALA HB3  H  N N 12  
ALA HXT  H  N N 13  
ARG N    N  N N 14  
ARG CA   C  N S 15  
ARG C    C  N N 16  
ARG O    O  N N 17  
ARG CB   C  N N 18  
ARG CG   C  N N 19  
ARG CD   C  N N 20  
ARG NE   N  N N 21  
ARG CZ   C  N N 22  
ARG NH1  N  N N 23  
ARG NH2  N  N N 24  
ARG OXT  O  N N 25  
ARG H    H  N N 26  
ARG H2   H  N N 27  
ARG HA   H  N N 28  
ARG HB2  H  N N 29  
ARG HB3  H  N N 30  
ARG HG2  H  N N 31  
ARG HG3  H  N N 32  
ARG HD2  H  N N 33  
ARG HD3  H  N N 34  
ARG HE   H  N N 35  
ARG HH11 H  N N 36  
ARG HH12 H  N N 37  
ARG HH21 H  N N 38  
ARG HH22 H  N N 39  
ARG HXT  H  N N 40  
ASN N    N  N N 41  
ASN CA   C  N S 42  
ASN C    C  N N 43  
ASN O    O  N N 44  
ASN CB   C  N N 45  
ASN CG   C  N N 46  
ASN OD1  O  N N 47  
ASN ND2  N  N N 48  
ASN OXT  O  N N 49  
ASN H    H  N N 50  
ASN H2   H  N N 51  
ASN HA   H  N N 52  
ASN HB2  H  N N 53  
ASN HB3  H  N N 54  
ASN HD21 H  N N 55  
ASN HD22 H  N N 56  
ASN HXT  H  N N 57  
ASP N    N  N N 58  
ASP CA   C  N S 59  
ASP C    C  N N 60  
ASP O    O  N N 61  
ASP CB   C  N N 62  
ASP CG   C  N N 63  
ASP OD1  O  N N 64  
ASP OD2  O  N N 65  
ASP OXT  O  N N 66  
ASP H    H  N N 67  
ASP H2   H  N N 68  
ASP HA   H  N N 69  
ASP HB2  H  N N 70  
ASP HB3  H  N N 71  
ASP HD2  H  N N 72  
ASP HXT  H  N N 73  
GLN N    N  N N 74  
GLN CA   C  N S 75  
GLN C    C  N N 76  
GLN O    O  N N 77  
GLN CB   C  N N 78  
GLN CG   C  N N 79  
GLN CD   C  N N 80  
GLN OE1  O  N N 81  
GLN NE2  N  N N 82  
GLN OXT  O  N N 83  
GLN H    H  N N 84  
GLN H2   H  N N 85  
GLN HA   H  N N 86  
GLN HB2  H  N N 87  
GLN HB3  H  N N 88  
GLN HG2  H  N N 89  
GLN HG3  H  N N 90  
GLN HE21 H  N N 91  
GLN HE22 H  N N 92  
GLN HXT  H  N N 93  
GLU N    N  N N 94  
GLU CA   C  N S 95  
GLU C    C  N N 96  
GLU O    O  N N 97  
GLU CB   C  N N 98  
GLU CG   C  N N 99  
GLU CD   C  N N 100 
GLU OE1  O  N N 101 
GLU OE2  O  N N 102 
GLU OXT  O  N N 103 
GLU H    H  N N 104 
GLU H2   H  N N 105 
GLU HA   H  N N 106 
GLU HB2  H  N N 107 
GLU HB3  H  N N 108 
GLU HG2  H  N N 109 
GLU HG3  H  N N 110 
GLU HE2  H  N N 111 
GLU HXT  H  N N 112 
GLY N    N  N N 113 
GLY CA   C  N N 114 
GLY C    C  N N 115 
GLY O    O  N N 116 
GLY OXT  O  N N 117 
GLY H    H  N N 118 
GLY H2   H  N N 119 
GLY HA2  H  N N 120 
GLY HA3  H  N N 121 
GLY HXT  H  N N 122 
HIS N    N  N N 123 
HIS CA   C  N S 124 
HIS C    C  N N 125 
HIS O    O  N N 126 
HIS CB   C  N N 127 
HIS CG   C  Y N 128 
HIS ND1  N  Y N 129 
HIS CD2  C  Y N 130 
HIS CE1  C  Y N 131 
HIS NE2  N  Y N 132 
HIS OXT  O  N N 133 
HIS H    H  N N 134 
HIS H2   H  N N 135 
HIS HA   H  N N 136 
HIS HB2  H  N N 137 
HIS HB3  H  N N 138 
HIS HD1  H  N N 139 
HIS HD2  H  N N 140 
HIS HE1  H  N N 141 
HIS HE2  H  N N 142 
HIS HXT  H  N N 143 
HOH O    O  N N 144 
HOH H1   H  N N 145 
HOH H2   H  N N 146 
ILE N    N  N N 147 
ILE CA   C  N S 148 
ILE C    C  N N 149 
ILE O    O  N N 150 
ILE CB   C  N S 151 
ILE CG1  C  N N 152 
ILE CG2  C  N N 153 
ILE CD1  C  N N 154 
ILE OXT  O  N N 155 
ILE H    H  N N 156 
ILE H2   H  N N 157 
ILE HA   H  N N 158 
ILE HB   H  N N 159 
ILE HG12 H  N N 160 
ILE HG13 H  N N 161 
ILE HG21 H  N N 162 
ILE HG22 H  N N 163 
ILE HG23 H  N N 164 
ILE HD11 H  N N 165 
ILE HD12 H  N N 166 
ILE HD13 H  N N 167 
ILE HXT  H  N N 168 
LEU N    N  N N 169 
LEU CA   C  N S 170 
LEU C    C  N N 171 
LEU O    O  N N 172 
LEU CB   C  N N 173 
LEU CG   C  N N 174 
LEU CD1  C  N N 175 
LEU CD2  C  N N 176 
LEU OXT  O  N N 177 
LEU H    H  N N 178 
LEU H2   H  N N 179 
LEU HA   H  N N 180 
LEU HB2  H  N N 181 
LEU HB3  H  N N 182 
LEU HG   H  N N 183 
LEU HD11 H  N N 184 
LEU HD12 H  N N 185 
LEU HD13 H  N N 186 
LEU HD21 H  N N 187 
LEU HD22 H  N N 188 
LEU HD23 H  N N 189 
LEU HXT  H  N N 190 
LYS N    N  N N 191 
LYS CA   C  N S 192 
LYS C    C  N N 193 
LYS O    O  N N 194 
LYS CB   C  N N 195 
LYS CG   C  N N 196 
LYS CD   C  N N 197 
LYS CE   C  N N 198 
LYS NZ   N  N N 199 
LYS OXT  O  N N 200 
LYS H    H  N N 201 
LYS H2   H  N N 202 
LYS HA   H  N N 203 
LYS HB2  H  N N 204 
LYS HB3  H  N N 205 
LYS HG2  H  N N 206 
LYS HG3  H  N N 207 
LYS HD2  H  N N 208 
LYS HD3  H  N N 209 
LYS HE2  H  N N 210 
LYS HE3  H  N N 211 
LYS HZ1  H  N N 212 
LYS HZ2  H  N N 213 
LYS HZ3  H  N N 214 
LYS HXT  H  N N 215 
MET N    N  N N 216 
MET CA   C  N S 217 
MET C    C  N N 218 
MET O    O  N N 219 
MET CB   C  N N 220 
MET CG   C  N N 221 
MET SD   S  N N 222 
MET CE   C  N N 223 
MET OXT  O  N N 224 
MET H    H  N N 225 
MET H2   H  N N 226 
MET HA   H  N N 227 
MET HB2  H  N N 228 
MET HB3  H  N N 229 
MET HG2  H  N N 230 
MET HG3  H  N N 231 
MET HE1  H  N N 232 
MET HE2  H  N N 233 
MET HE3  H  N N 234 
MET HXT  H  N N 235 
PHE N    N  N N 236 
PHE CA   C  N S 237 
PHE C    C  N N 238 
PHE O    O  N N 239 
PHE CB   C  N N 240 
PHE CG   C  Y N 241 
PHE CD1  C  Y N 242 
PHE CD2  C  Y N 243 
PHE CE1  C  Y N 244 
PHE CE2  C  Y N 245 
PHE CZ   C  Y N 246 
PHE OXT  O  N N 247 
PHE H    H  N N 248 
PHE H2   H  N N 249 
PHE HA   H  N N 250 
PHE HB2  H  N N 251 
PHE HB3  H  N N 252 
PHE HD1  H  N N 253 
PHE HD2  H  N N 254 
PHE HE1  H  N N 255 
PHE HE2  H  N N 256 
PHE HZ   H  N N 257 
PHE HXT  H  N N 258 
PRO N    N  N N 259 
PRO CA   C  N S 260 
PRO C    C  N N 261 
PRO O    O  N N 262 
PRO CB   C  N N 263 
PRO CG   C  N N 264 
PRO CD   C  N N 265 
PRO OXT  O  N N 266 
PRO H    H  N N 267 
PRO HA   H  N N 268 
PRO HB2  H  N N 269 
PRO HB3  H  N N 270 
PRO HG2  H  N N 271 
PRO HG3  H  N N 272 
PRO HD2  H  N N 273 
PRO HD3  H  N N 274 
PRO HXT  H  N N 275 
SER N    N  N N 276 
SER CA   C  N S 277 
SER C    C  N N 278 
SER O    O  N N 279 
SER CB   C  N N 280 
SER OG   O  N N 281 
SER OXT  O  N N 282 
SER H    H  N N 283 
SER H2   H  N N 284 
SER HA   H  N N 285 
SER HB2  H  N N 286 
SER HB3  H  N N 287 
SER HG   H  N N 288 
SER HXT  H  N N 289 
THR N    N  N N 290 
THR CA   C  N S 291 
THR C    C  N N 292 
THR O    O  N N 293 
THR CB   C  N R 294 
THR OG1  O  N N 295 
THR CG2  C  N N 296 
THR OXT  O  N N 297 
THR H    H  N N 298 
THR H2   H  N N 299 
THR HA   H  N N 300 
THR HB   H  N N 301 
THR HG1  H  N N 302 
THR HG21 H  N N 303 
THR HG22 H  N N 304 
THR HG23 H  N N 305 
THR HXT  H  N N 306 
TRP N    N  N N 307 
TRP CA   C  N S 308 
TRP C    C  N N 309 
TRP O    O  N N 310 
TRP CB   C  N N 311 
TRP CG   C  Y N 312 
TRP CD1  C  Y N 313 
TRP CD2  C  Y N 314 
TRP NE1  N  Y N 315 
TRP CE2  C  Y N 316 
TRP CE3  C  Y N 317 
TRP CZ2  C  Y N 318 
TRP CZ3  C  Y N 319 
TRP CH2  C  Y N 320 
TRP OXT  O  N N 321 
TRP H    H  N N 322 
TRP H2   H  N N 323 
TRP HA   H  N N 324 
TRP HB2  H  N N 325 
TRP HB3  H  N N 326 
TRP HD1  H  N N 327 
TRP HE1  H  N N 328 
TRP HE3  H  N N 329 
TRP HZ2  H  N N 330 
TRP HZ3  H  N N 331 
TRP HH2  H  N N 332 
TRP HXT  H  N N 333 
TYR N    N  N N 334 
TYR CA   C  N S 335 
TYR C    C  N N 336 
TYR O    O  N N 337 
TYR CB   C  N N 338 
TYR CG   C  Y N 339 
TYR CD1  C  Y N 340 
TYR CD2  C  Y N 341 
TYR CE1  C  Y N 342 
TYR CE2  C  Y N 343 
TYR CZ   C  Y N 344 
TYR OH   O  N N 345 
TYR OXT  O  N N 346 
TYR H    H  N N 347 
TYR H2   H  N N 348 
TYR HA   H  N N 349 
TYR HB2  H  N N 350 
TYR HB3  H  N N 351 
TYR HD1  H  N N 352 
TYR HD2  H  N N 353 
TYR HE1  H  N N 354 
TYR HE2  H  N N 355 
TYR HH   H  N N 356 
TYR HXT  H  N N 357 
VAL N    N  N N 358 
VAL CA   C  N S 359 
VAL C    C  N N 360 
VAL O    O  N N 361 
VAL CB   C  N N 362 
VAL CG1  C  N N 363 
VAL CG2  C  N N 364 
VAL OXT  O  N N 365 
VAL H    H  N N 366 
VAL H2   H  N N 367 
VAL HA   H  N N 368 
VAL HB   H  N N 369 
VAL HG11 H  N N 370 
VAL HG12 H  N N 371 
VAL HG13 H  N N 372 
VAL HG21 H  N N 373 
VAL HG22 H  N N 374 
VAL HG23 H  N N 375 
VAL HXT  H  N N 376 
YOM CA4  C  Y N 377 
YOM CA5  C  Y N 378 
YOM CA6  C  Y N 379 
YOM CA1  C  Y N 380 
YOM CA   C  N N 381 
YOM NA   N  N N 382 
YOM CC1  C  Y N 383 
YOM CC6  C  Y N 384 
YOM CA3  C  Y N 385 
YOM CA2  C  Y N 386 
YOM OA   O  N N 387 
YOM FE   FE N N 388 
YOM NB   N  N N 389 
YOM CC2  C  Y N 390 
YOM CC3  C  Y N 391 
YOM CC4  C  Y N 392 
YOM CC5  C  Y N 393 
YOM OB   O  N N 394 
YOM CB2  C  Y N 395 
YOM CB1  C  Y N 396 
YOM CB   C  N N 397 
YOM CB6  C  Y N 398 
YOM CB5  C  Y N 399 
YOM CB4  C  Y N 400 
YOM CB3  C  Y N 401 
YOM HA4  H  N N 402 
YOM HA5  H  N N 403 
YOM HA6  H  N N 404 
YOM HA   H  N N 405 
YOM HC6  H  N N 406 
YOM HA3  H  N N 407 
YOM HC3  H  N N 408 
YOM HC4  H  N N 409 
YOM HC5  H  N N 410 
YOM HB   H  N N 411 
YOM HB6  H  N N 412 
YOM HB5  H  N N 413 
YOM HB4  H  N N 414 
YOM HB3  H  N N 415 
# 
loop_
_chem_comp_bond.comp_id 
_chem_comp_bond.atom_id_1 
_chem_comp_bond.atom_id_2 
_chem_comp_bond.value_order 
_chem_comp_bond.pdbx_aromatic_flag 
_chem_comp_bond.pdbx_stereo_config 
_chem_comp_bond.pdbx_ordinal 
ALA N   CA   sing N N 1   
ALA N   H    sing N N 2   
ALA N   H2   sing N N 3   
ALA CA  C    sing N N 4   
ALA CA  CB   sing N N 5   
ALA CA  HA   sing N N 6   
ALA C   O    doub N N 7   
ALA C   OXT  sing N N 8   
ALA CB  HB1  sing N N 9   
ALA CB  HB2  sing N N 10  
ALA CB  HB3  sing N N 11  
ALA OXT HXT  sing N N 12  
ARG N   CA   sing N N 13  
ARG N   H    sing N N 14  
ARG N   H2   sing N N 15  
ARG CA  C    sing N N 16  
ARG CA  CB   sing N N 17  
ARG CA  HA   sing N N 18  
ARG C   O    doub N N 19  
ARG C   OXT  sing N N 20  
ARG CB  CG   sing N N 21  
ARG CB  HB2  sing N N 22  
ARG CB  HB3  sing N N 23  
ARG CG  CD   sing N N 24  
ARG CG  HG2  sing N N 25  
ARG CG  HG3  sing N N 26  
ARG CD  NE   sing N N 27  
ARG CD  HD2  sing N N 28  
ARG CD  HD3  sing N N 29  
ARG NE  CZ   sing N N 30  
ARG NE  HE   sing N N 31  
ARG CZ  NH1  sing N N 32  
ARG CZ  NH2  doub N N 33  
ARG NH1 HH11 sing N N 34  
ARG NH1 HH12 sing N N 35  
ARG NH2 HH21 sing N N 36  
ARG NH2 HH22 sing N N 37  
ARG OXT HXT  sing N N 38  
ASN N   CA   sing N N 39  
ASN N   H    sing N N 40  
ASN N   H2   sing N N 41  
ASN CA  C    sing N N 42  
ASN CA  CB   sing N N 43  
ASN CA  HA   sing N N 44  
ASN C   O    doub N N 45  
ASN C   OXT  sing N N 46  
ASN CB  CG   sing N N 47  
ASN CB  HB2  sing N N 48  
ASN CB  HB3  sing N N 49  
ASN CG  OD1  doub N N 50  
ASN CG  ND2  sing N N 51  
ASN ND2 HD21 sing N N 52  
ASN ND2 HD22 sing N N 53  
ASN OXT HXT  sing N N 54  
ASP N   CA   sing N N 55  
ASP N   H    sing N N 56  
ASP N   H2   sing N N 57  
ASP CA  C    sing N N 58  
ASP CA  CB   sing N N 59  
ASP CA  HA   sing N N 60  
ASP C   O    doub N N 61  
ASP C   OXT  sing N N 62  
ASP CB  CG   sing N N 63  
ASP CB  HB2  sing N N 64  
ASP CB  HB3  sing N N 65  
ASP CG  OD1  doub N N 66  
ASP CG  OD2  sing N N 67  
ASP OD2 HD2  sing N N 68  
ASP OXT HXT  sing N N 69  
GLN N   CA   sing N N 70  
GLN N   H    sing N N 71  
GLN N   H2   sing N N 72  
GLN CA  C    sing N N 73  
GLN CA  CB   sing N N 74  
GLN CA  HA   sing N N 75  
GLN C   O    doub N N 76  
GLN C   OXT  sing N N 77  
GLN CB  CG   sing N N 78  
GLN CB  HB2  sing N N 79  
GLN CB  HB3  sing N N 80  
GLN CG  CD   sing N N 81  
GLN CG  HG2  sing N N 82  
GLN CG  HG3  sing N N 83  
GLN CD  OE1  doub N N 84  
GLN CD  NE2  sing N N 85  
GLN NE2 HE21 sing N N 86  
GLN NE2 HE22 sing N N 87  
GLN OXT HXT  sing N N 88  
GLU N   CA   sing N N 89  
GLU N   H    sing N N 90  
GLU N   H2   sing N N 91  
GLU CA  C    sing N N 92  
GLU CA  CB   sing N N 93  
GLU CA  HA   sing N N 94  
GLU C   O    doub N N 95  
GLU C   OXT  sing N N 96  
GLU CB  CG   sing N N 97  
GLU CB  HB2  sing N N 98  
GLU CB  HB3  sing N N 99  
GLU CG  CD   sing N N 100 
GLU CG  HG2  sing N N 101 
GLU CG  HG3  sing N N 102 
GLU CD  OE1  doub N N 103 
GLU CD  OE2  sing N N 104 
GLU OE2 HE2  sing N N 105 
GLU OXT HXT  sing N N 106 
GLY N   CA   sing N N 107 
GLY N   H    sing N N 108 
GLY N   H2   sing N N 109 
GLY CA  C    sing N N 110 
GLY CA  HA2  sing N N 111 
GLY CA  HA3  sing N N 112 
GLY C   O    doub N N 113 
GLY C   OXT  sing N N 114 
GLY OXT HXT  sing N N 115 
HIS N   CA   sing N N 116 
HIS N   H    sing N N 117 
HIS N   H2   sing N N 118 
HIS CA  C    sing N N 119 
HIS CA  CB   sing N N 120 
HIS CA  HA   sing N N 121 
HIS C   O    doub N N 122 
HIS C   OXT  sing N N 123 
HIS CB  CG   sing N N 124 
HIS CB  HB2  sing N N 125 
HIS CB  HB3  sing N N 126 
HIS CG  ND1  sing Y N 127 
HIS CG  CD2  doub Y N 128 
HIS ND1 CE1  doub Y N 129 
HIS ND1 HD1  sing N N 130 
HIS CD2 NE2  sing Y N 131 
HIS CD2 HD2  sing N N 132 
HIS CE1 NE2  sing Y N 133 
HIS CE1 HE1  sing N N 134 
HIS NE2 HE2  sing N N 135 
HIS OXT HXT  sing N N 136 
HOH O   H1   sing N N 137 
HOH O   H2   sing N N 138 
ILE N   CA   sing N N 139 
ILE N   H    sing N N 140 
ILE N   H2   sing N N 141 
ILE CA  C    sing N N 142 
ILE CA  CB   sing N N 143 
ILE CA  HA   sing N N 144 
ILE C   O    doub N N 145 
ILE C   OXT  sing N N 146 
ILE CB  CG1  sing N N 147 
ILE CB  CG2  sing N N 148 
ILE CB  HB   sing N N 149 
ILE CG1 CD1  sing N N 150 
ILE CG1 HG12 sing N N 151 
ILE CG1 HG13 sing N N 152 
ILE CG2 HG21 sing N N 153 
ILE CG2 HG22 sing N N 154 
ILE CG2 HG23 sing N N 155 
ILE CD1 HD11 sing N N 156 
ILE CD1 HD12 sing N N 157 
ILE CD1 HD13 sing N N 158 
ILE OXT HXT  sing N N 159 
LEU N   CA   sing N N 160 
LEU N   H    sing N N 161 
LEU N   H2   sing N N 162 
LEU CA  C    sing N N 163 
LEU CA  CB   sing N N 164 
LEU CA  HA   sing N N 165 
LEU C   O    doub N N 166 
LEU C   OXT  sing N N 167 
LEU CB  CG   sing N N 168 
LEU CB  HB2  sing N N 169 
LEU CB  HB3  sing N N 170 
LEU CG  CD1  sing N N 171 
LEU CG  CD2  sing N N 172 
LEU CG  HG   sing N N 173 
LEU CD1 HD11 sing N N 174 
LEU CD1 HD12 sing N N 175 
LEU CD1 HD13 sing N N 176 
LEU CD2 HD21 sing N N 177 
LEU CD2 HD22 sing N N 178 
LEU CD2 HD23 sing N N 179 
LEU OXT HXT  sing N N 180 
LYS N   CA   sing N N 181 
LYS N   H    sing N N 182 
LYS N   H2   sing N N 183 
LYS CA  C    sing N N 184 
LYS CA  CB   sing N N 185 
LYS CA  HA   sing N N 186 
LYS C   O    doub N N 187 
LYS C   OXT  sing N N 188 
LYS CB  CG   sing N N 189 
LYS CB  HB2  sing N N 190 
LYS CB  HB3  sing N N 191 
LYS CG  CD   sing N N 192 
LYS CG  HG2  sing N N 193 
LYS CG  HG3  sing N N 194 
LYS CD  CE   sing N N 195 
LYS CD  HD2  sing N N 196 
LYS CD  HD3  sing N N 197 
LYS CE  NZ   sing N N 198 
LYS CE  HE2  sing N N 199 
LYS CE  HE3  sing N N 200 
LYS NZ  HZ1  sing N N 201 
LYS NZ  HZ2  sing N N 202 
LYS NZ  HZ3  sing N N 203 
LYS OXT HXT  sing N N 204 
MET N   CA   sing N N 205 
MET N   H    sing N N 206 
MET N   H2   sing N N 207 
MET CA  C    sing N N 208 
MET CA  CB   sing N N 209 
MET CA  HA   sing N N 210 
MET C   O    doub N N 211 
MET C   OXT  sing N N 212 
MET CB  CG   sing N N 213 
MET CB  HB2  sing N N 214 
MET CB  HB3  sing N N 215 
MET CG  SD   sing N N 216 
MET CG  HG2  sing N N 217 
MET CG  HG3  sing N N 218 
MET SD  CE   sing N N 219 
MET CE  HE1  sing N N 220 
MET CE  HE2  sing N N 221 
MET CE  HE3  sing N N 222 
MET OXT HXT  sing N N 223 
PHE N   CA   sing N N 224 
PHE N   H    sing N N 225 
PHE N   H2   sing N N 226 
PHE CA  C    sing N N 227 
PHE CA  CB   sing N N 228 
PHE CA  HA   sing N N 229 
PHE C   O    doub N N 230 
PHE C   OXT  sing N N 231 
PHE CB  CG   sing N N 232 
PHE CB  HB2  sing N N 233 
PHE CB  HB3  sing N N 234 
PHE CG  CD1  doub Y N 235 
PHE CG  CD2  sing Y N 236 
PHE CD1 CE1  sing Y N 237 
PHE CD1 HD1  sing N N 238 
PHE CD2 CE2  doub Y N 239 
PHE CD2 HD2  sing N N 240 
PHE CE1 CZ   doub Y N 241 
PHE CE1 HE1  sing N N 242 
PHE CE2 CZ   sing Y N 243 
PHE CE2 HE2  sing N N 244 
PHE CZ  HZ   sing N N 245 
PHE OXT HXT  sing N N 246 
PRO N   CA   sing N N 247 
PRO N   CD   sing N N 248 
PRO N   H    sing N N 249 
PRO CA  C    sing N N 250 
PRO CA  CB   sing N N 251 
PRO CA  HA   sing N N 252 
PRO C   O    doub N N 253 
PRO C   OXT  sing N N 254 
PRO CB  CG   sing N N 255 
PRO CB  HB2  sing N N 256 
PRO CB  HB3  sing N N 257 
PRO CG  CD   sing N N 258 
PRO CG  HG2  sing N N 259 
PRO CG  HG3  sing N N 260 
PRO CD  HD2  sing N N 261 
PRO CD  HD3  sing N N 262 
PRO OXT HXT  sing N N 263 
SER N   CA   sing N N 264 
SER N   H    sing N N 265 
SER N   H2   sing N N 266 
SER CA  C    sing N N 267 
SER CA  CB   sing N N 268 
SER CA  HA   sing N N 269 
SER C   O    doub N N 270 
SER C   OXT  sing N N 271 
SER CB  OG   sing N N 272 
SER CB  HB2  sing N N 273 
SER CB  HB3  sing N N 274 
SER OG  HG   sing N N 275 
SER OXT HXT  sing N N 276 
THR N   CA   sing N N 277 
THR N   H    sing N N 278 
THR N   H2   sing N N 279 
THR CA  C    sing N N 280 
THR CA  CB   sing N N 281 
THR CA  HA   sing N N 282 
THR C   O    doub N N 283 
THR C   OXT  sing N N 284 
THR CB  OG1  sing N N 285 
THR CB  CG2  sing N N 286 
THR CB  HB   sing N N 287 
THR OG1 HG1  sing N N 288 
THR CG2 HG21 sing N N 289 
THR CG2 HG22 sing N N 290 
THR CG2 HG23 sing N N 291 
THR OXT HXT  sing N N 292 
TRP N   CA   sing N N 293 
TRP N   H    sing N N 294 
TRP N   H2   sing N N 295 
TRP CA  C    sing N N 296 
TRP CA  CB   sing N N 297 
TRP CA  HA   sing N N 298 
TRP C   O    doub N N 299 
TRP C   OXT  sing N N 300 
TRP CB  CG   sing N N 301 
TRP CB  HB2  sing N N 302 
TRP CB  HB3  sing N N 303 
TRP CG  CD1  doub Y N 304 
TRP CG  CD2  sing Y N 305 
TRP CD1 NE1  sing Y N 306 
TRP CD1 HD1  sing N N 307 
TRP CD2 CE2  doub Y N 308 
TRP CD2 CE3  sing Y N 309 
TRP NE1 CE2  sing Y N 310 
TRP NE1 HE1  sing N N 311 
TRP CE2 CZ2  sing Y N 312 
TRP CE3 CZ3  doub Y N 313 
TRP CE3 HE3  sing N N 314 
TRP CZ2 CH2  doub Y N 315 
TRP CZ2 HZ2  sing N N 316 
TRP CZ3 CH2  sing Y N 317 
TRP CZ3 HZ3  sing N N 318 
TRP CH2 HH2  sing N N 319 
TRP OXT HXT  sing N N 320 
TYR N   CA   sing N N 321 
TYR N   H    sing N N 322 
TYR N   H2   sing N N 323 
TYR CA  C    sing N N 324 
TYR CA  CB   sing N N 325 
TYR CA  HA   sing N N 326 
TYR C   O    doub N N 327 
TYR C   OXT  sing N N 328 
TYR CB  CG   sing N N 329 
TYR CB  HB2  sing N N 330 
TYR CB  HB3  sing N N 331 
TYR CG  CD1  doub Y N 332 
TYR CG  CD2  sing Y N 333 
TYR CD1 CE1  sing Y N 334 
TYR CD1 HD1  sing N N 335 
TYR CD2 CE2  doub Y N 336 
TYR CD2 HD2  sing N N 337 
TYR CE1 CZ   doub Y N 338 
TYR CE1 HE1  sing N N 339 
TYR CE2 CZ   sing Y N 340 
TYR CE2 HE2  sing N N 341 
TYR CZ  OH   sing N N 342 
TYR OH  HH   sing N N 343 
TYR OXT HXT  sing N N 344 
VAL N   CA   sing N N 345 
VAL N   H    sing N N 346 
VAL N   H2   sing N N 347 
VAL CA  C    sing N N 348 
VAL CA  CB   sing N N 349 
VAL CA  HA   sing N N 350 
VAL C   O    doub N N 351 
VAL C   OXT  sing N N 352 
VAL CB  CG1  sing N N 353 
VAL CB  CG2  sing N N 354 
VAL CB  HB   sing N N 355 
VAL CG1 HG11 sing N N 356 
VAL CG1 HG12 sing N N 357 
VAL CG1 HG13 sing N N 358 
VAL CG2 HG21 sing N N 359 
VAL CG2 HG22 sing N N 360 
VAL CG2 HG23 sing N N 361 
VAL OXT HXT  sing N N 362 
YOM CA4 CA5  sing Y N 363 
YOM CA4 CA3  doub Y N 364 
YOM CA4 HA4  sing N N 365 
YOM CA5 CA6  doub Y N 366 
YOM CA5 HA5  sing N N 367 
YOM CA6 CA1  sing Y N 368 
YOM CA6 HA6  sing N N 369 
YOM CA1 CA   sing N N 370 
YOM CA1 CA2  doub Y N 371 
YOM CA  NA   doub N N 372 
YOM CA  HA   sing N N 373 
YOM NA  CC1  sing N N 374 
YOM NA  FE   sing N N 375 
YOM CC1 CC6  doub Y N 376 
YOM CC1 CC2  sing Y N 377 
YOM CC6 CC5  sing Y N 378 
YOM CC6 HC6  sing N N 379 
YOM CA3 CA2  sing Y N 380 
YOM CA3 HA3  sing N N 381 
YOM CA2 OA   sing N N 382 
YOM OA  FE   sing N N 383 
YOM FE  NB   sing N N 384 
YOM FE  OB   sing N N 385 
YOM NB  CC2  sing N N 386 
YOM NB  CB   doub N N 387 
YOM CC2 CC3  doub Y N 388 
YOM CC3 CC4  sing Y N 389 
YOM CC3 HC3  sing N N 390 
YOM CC4 CC5  doub Y N 391 
YOM CC4 HC4  sing N N 392 
YOM CC5 HC5  sing N N 393 
YOM OB  CB2  sing N N 394 
YOM CB2 CB1  sing Y N 395 
YOM CB2 CB3  doub Y N 396 
YOM CB1 CB   sing N N 397 
YOM CB1 CB6  doub Y N 398 
YOM CB  HB   sing N N 399 
YOM CB6 CB5  sing Y N 400 
YOM CB6 HB6  sing N N 401 
YOM CB5 CB4  doub Y N 402 
YOM CB5 HB5  sing N N 403 
YOM CB4 CB3  sing Y N 404 
YOM CB4 HB4  sing N N 405 
YOM CB3 HB3  sing N N 406 
# 
loop_
_pdbx_entity_nonpoly.entity_id 
_pdbx_entity_nonpoly.name 
_pdbx_entity_nonpoly.comp_id 
2 "2,2'-[1,2-PHENYLENEBIS(NITRILOMETHYLIDYNE)]BIS[PHENOLATO]](2-)-N,N',O,O']-IRON" YOM 
3 water                                                                            HOH 
# 
_pdbx_initial_refinement_model.id               1 
_pdbx_initial_refinement_model.entity_id_list   ? 
_pdbx_initial_refinement_model.type             'experimental model' 
_pdbx_initial_refinement_model.source_name      PDB 
_pdbx_initial_refinement_model.accession_code   3ELL 
_pdbx_initial_refinement_model.details          ? 
# 
